data_1Y18
#
_entry.id   1Y18
#
_cell.length_a   163.000
_cell.length_b   163.000
_cell.length_c   151.200
_cell.angle_alpha   90.00
_cell.angle_beta   90.00
_cell.angle_gamma   120.00
#
_symmetry.space_group_name_H-M   'P 32 2 1'
#
loop_
_entity.id
_entity.type
_entity.pdbx_description
1 polymer 'Catalytic antibody 34E4 light chain'
2 polymer 'Catalytic antibody 34E4 heavy chain'
3 non-polymer '2-AMINO-5,6-DIMETHYL-BENZIMIDAZOLE-1-PENTANOIC ACID'
4 non-polymer 'CHLORIDE ION'
5 water water
#
loop_
_entity_poly.entity_id
_entity_poly.type
_entity_poly.pdbx_seq_one_letter_code
_entity_poly.pdbx_strand_id
1 'polypeptide(L)'
;ELVVTQESALTTSPGETVTLTCRSSSGAVTTSNYATWVQEKPDHLFTGLIGGTNKRAPGVPARFSGSLIGDRAALTITGA
QTEDEAIYFCALWNSNHLVFGGGTKLEIKRTVAAPSVFIFPPSDEQLKSGTASVVCLLNNFYPREAKVQWKVDNALQSGN
SQESVTEQDSKDSTYSLSSTLTLSKADYEKHKVYACEVTHQGLSSPVTKSFNRGEC
;
L,A,C,E
2 'polypeptide(L)'
;EVKLLESGGGLAQPGGSLKLSCAASGFDFRRYWMTWVRQAPGKGLEWIGDINPDSRTINYMPSLKDKFIISRDNAKNSLY
LQLSRLRSEDSALYYCVRLDFDVYNHYYVLDYWGQGTSVTVSSASTKGPSVFPLAPSSKSTSGGTAALGCLVKDYFPEPV
TVSWNSGALTSGVHTFPAVLQSSGLYSLSSVVTVPSSSLGTQTYICNVNHKPSNTKVDKKVEPKSC
;
H,B,D,F
#
# COMPACT_ATOMS: atom_id res chain seq x y z
N GLU A 1 -27.24 -32.75 13.46
CA GLU A 1 -27.79 -32.13 12.21
C GLU A 1 -28.28 -30.70 12.47
N LEU A 2 -27.38 -29.72 12.36
CA LEU A 2 -27.77 -28.35 12.66
C LEU A 2 -28.73 -27.74 11.65
N VAL A 3 -29.79 -27.13 12.16
CA VAL A 3 -30.76 -26.48 11.29
C VAL A 3 -31.00 -25.07 11.78
N VAL A 4 -30.60 -24.09 10.98
CA VAL A 4 -30.78 -22.70 11.33
C VAL A 4 -32.14 -22.27 10.84
N THR A 5 -32.94 -21.65 11.71
CA THR A 5 -34.29 -21.21 11.32
C THR A 5 -34.52 -19.72 11.49
N GLN A 6 -35.26 -19.14 10.54
CA GLN A 6 -35.58 -17.73 10.57
C GLN A 6 -37.06 -17.59 10.24
N GLU A 7 -37.67 -16.50 10.67
CA GLU A 7 -39.07 -16.30 10.36
C GLU A 7 -39.14 -16.15 8.85
N SER A 8 -40.09 -16.83 8.21
CA SER A 8 -40.17 -16.73 6.77
C SER A 8 -40.40 -15.32 6.24
N ALA A 9 -41.30 -14.57 6.88
CA ALA A 9 -41.56 -13.20 6.43
C ALA A 9 -41.93 -12.24 7.56
N LEU A 10 -41.62 -10.96 7.36
CA LEU A 10 -41.95 -9.93 8.32
C LEU A 10 -42.29 -8.67 7.54
N THR A 11 -43.22 -7.88 8.09
CA THR A 11 -43.61 -6.63 7.46
C THR A 11 -43.50 -5.48 8.44
N THR A 12 -42.93 -4.38 7.99
CA THR A 12 -42.77 -3.24 8.86
C THR A 12 -43.08 -1.98 8.06
N SER A 13 -43.31 -0.88 8.74
CA SER A 13 -43.59 0.37 8.06
C SER A 13 -42.34 1.23 8.13
N PRO A 14 -42.17 2.14 7.15
CA PRO A 14 -40.99 3.00 7.15
C PRO A 14 -40.77 3.72 8.45
N GLY A 15 -39.51 3.97 8.78
CA GLY A 15 -39.17 4.65 10.02
C GLY A 15 -39.30 3.78 11.26
N GLU A 16 -39.97 2.64 11.12
CA GLU A 16 -40.16 1.71 12.22
C GLU A 16 -38.88 0.93 12.49
N THR A 17 -38.88 0.14 13.56
CA THR A 17 -37.73 -0.69 13.89
C THR A 17 -38.17 -2.14 13.87
N VAL A 18 -37.38 -2.98 13.20
CA VAL A 18 -37.70 -4.39 13.08
C VAL A 18 -36.52 -5.30 13.41
N THR A 19 -36.82 -6.47 13.94
CA THR A 19 -35.78 -7.42 14.33
C THR A 19 -36.01 -8.80 13.74
N LEU A 20 -35.02 -9.31 13.01
CA LEU A 20 -35.09 -10.64 12.42
C LEU A 20 -34.24 -11.55 13.31
N THR A 21 -34.75 -12.74 13.61
CA THR A 21 -34.01 -13.66 14.47
C THR A 21 -33.46 -14.87 13.72
N CYS A 22 -32.48 -15.52 14.34
CA CYS A 22 -31.84 -16.67 13.77
C CYS A 22 -31.60 -17.68 14.89
N ARG A 23 -32.29 -18.81 14.84
CA ARG A 23 -32.10 -19.80 15.89
C ARG A 23 -31.50 -21.11 15.43
N SER A 24 -30.74 -21.73 16.33
CA SER A 24 -30.10 -23.02 16.07
C SER A 24 -30.91 -24.16 16.66
N SER A 25 -30.97 -25.29 15.95
CA SER A 25 -31.72 -26.43 16.43
C SER A 25 -30.92 -27.21 17.47
N SER A 26 -29.63 -26.91 17.55
CA SER A 26 -28.76 -27.59 18.50
C SER A 26 -28.57 -26.80 19.79
N GLY A 27 -29.40 -25.79 20.01
CA GLY A 27 -29.25 -25.02 21.22
C GLY A 27 -29.20 -23.52 21.01
N ALA A 28 -28.76 -22.79 22.03
CA ALA A 28 -28.67 -21.34 21.95
C ALA A 28 -27.52 -20.90 21.07
N VAL A 29 -27.74 -19.84 20.32
CA VAL A 29 -26.71 -19.30 19.45
C VAL A 29 -25.71 -18.61 20.37
N THR A 30 -24.42 -18.76 20.08
CA THR A 30 -23.39 -18.10 20.90
C THR A 30 -22.30 -17.46 20.05
N THR A 31 -21.55 -16.57 20.69
CA THR A 31 -20.44 -15.86 20.05
C THR A 31 -19.60 -16.77 19.16
N SER A 32 -19.38 -18.00 19.60
CA SER A 32 -18.56 -18.94 18.83
C SER A 32 -19.25 -19.44 17.56
N ASN A 33 -20.46 -18.96 17.30
CA ASN A 33 -21.18 -19.34 16.09
C ASN A 33 -20.89 -18.27 15.05
N TYR A 34 -20.34 -17.15 15.50
CA TYR A 34 -19.98 -16.05 14.63
C TYR A 34 -21.08 -15.69 13.66
N ALA A 35 -22.32 -15.67 14.17
CA ALA A 35 -23.48 -15.35 13.36
C ALA A 35 -23.17 -14.24 12.36
N THR A 36 -23.55 -14.47 11.11
CA THR A 36 -23.34 -13.48 10.07
C THR A 36 -24.60 -13.33 9.22
N TRP A 37 -24.77 -12.14 8.63
CA TRP A 37 -25.95 -11.86 7.80
C TRP A 37 -25.63 -11.43 6.40
N VAL A 38 -26.49 -11.81 5.47
CA VAL A 38 -26.36 -11.48 4.06
C VAL A 38 -27.70 -11.00 3.54
N GLN A 39 -27.66 -10.00 2.69
CA GLN A 39 -28.88 -9.45 2.12
C GLN A 39 -28.98 -9.79 0.62
N GLU A 40 -30.13 -10.30 0.21
CA GLU A 40 -30.35 -10.64 -1.18
C GLU A 40 -31.37 -9.72 -1.81
N LYS A 41 -30.92 -8.96 -2.79
CA LYS A 41 -31.78 -8.03 -3.52
C LYS A 41 -32.10 -8.68 -4.86
N PRO A 42 -33.16 -8.21 -5.52
CA PRO A 42 -33.53 -8.79 -6.82
C PRO A 42 -32.37 -8.94 -7.79
N ASP A 43 -32.39 -10.05 -8.53
CA ASP A 43 -31.39 -10.42 -9.52
C ASP A 43 -30.17 -11.06 -8.92
N HIS A 44 -30.38 -11.83 -7.85
CA HIS A 44 -29.30 -12.55 -7.20
C HIS A 44 -28.13 -11.63 -6.84
N LEU A 45 -28.46 -10.54 -6.18
CA LEU A 45 -27.45 -9.58 -5.74
C LEU A 45 -27.33 -9.72 -4.23
N PHE A 46 -26.25 -10.37 -3.79
CA PHE A 46 -26.05 -10.56 -2.36
C PHE A 46 -24.98 -9.66 -1.80
N THR A 47 -25.14 -9.30 -0.53
CA THR A 47 -24.19 -8.44 0.12
C THR A 47 -24.08 -8.75 1.62
N GLY A 48 -22.84 -8.89 2.10
CA GLY A 48 -22.62 -9.18 3.50
C GLY A 48 -22.97 -7.98 4.38
N LEU A 49 -23.68 -8.22 5.47
CA LEU A 49 -24.08 -7.14 6.35
C LEU A 49 -23.39 -7.12 7.70
N ILE A 50 -23.51 -8.22 8.42
CA ILE A 50 -22.95 -8.36 9.76
C ILE A 50 -22.02 -9.55 9.86
N GLY A 51 -21.03 -9.44 10.73
CA GLY A 51 -20.10 -10.53 10.93
C GLY A 51 -19.75 -10.60 12.40
N GLY A 52 -19.37 -11.76 12.89
CA GLY A 52 -19.02 -11.87 14.29
C GLY A 52 -20.17 -11.48 15.18
N THR A 53 -21.39 -11.82 14.76
CA THR A 53 -22.60 -11.57 15.54
C THR A 53 -23.12 -10.12 15.57
N ASN A 54 -22.24 -9.20 15.93
CA ASN A 54 -22.63 -7.80 16.09
C ASN A 54 -21.76 -6.77 15.38
N LYS A 55 -20.78 -7.21 14.61
CA LYS A 55 -19.91 -6.29 13.92
C LYS A 55 -20.39 -6.00 12.50
N ARG A 56 -20.61 -4.73 12.22
CA ARG A 56 -21.12 -4.30 10.91
C ARG A 56 -20.05 -4.35 9.83
N ALA A 57 -20.46 -4.69 8.61
CA ALA A 57 -19.51 -4.74 7.53
C ALA A 57 -19.32 -3.35 6.94
N PRO A 58 -18.13 -3.07 6.42
CA PRO A 58 -17.89 -1.75 5.82
C PRO A 58 -18.91 -1.41 4.74
N GLY A 59 -19.45 -0.20 4.78
CA GLY A 59 -20.43 0.24 3.80
C GLY A 59 -21.87 0.02 4.21
N VAL A 60 -22.06 -0.62 5.35
CA VAL A 60 -23.39 -0.93 5.84
C VAL A 60 -23.87 0.21 6.75
N PRO A 61 -25.00 0.85 6.39
CA PRO A 61 -25.52 1.95 7.23
C PRO A 61 -25.71 1.52 8.70
N ALA A 62 -25.54 2.45 9.64
CA ALA A 62 -25.68 2.12 11.05
C ALA A 62 -27.07 1.68 11.48
N ARG A 63 -28.06 1.82 10.58
CA ARG A 63 -29.40 1.41 10.97
C ARG A 63 -29.48 -0.09 11.17
N PHE A 64 -28.44 -0.78 10.71
CA PHE A 64 -28.33 -2.21 10.84
C PHE A 64 -27.43 -2.54 12.04
N SER A 65 -27.86 -3.49 12.86
CA SER A 65 -27.06 -3.90 14.02
C SER A 65 -27.31 -5.39 14.32
N GLY A 66 -26.31 -6.04 14.91
CA GLY A 66 -26.44 -7.44 15.23
C GLY A 66 -26.33 -7.65 16.72
N SER A 67 -26.80 -8.79 17.19
CA SER A 67 -26.74 -9.07 18.61
C SER A 67 -27.37 -10.41 18.93
N LEU A 68 -27.21 -10.81 20.19
CA LEU A 68 -27.80 -12.02 20.69
C LEU A 68 -29.01 -11.58 21.51
N ILE A 69 -30.17 -12.14 21.20
CA ILE A 69 -31.38 -11.84 21.92
C ILE A 69 -31.88 -13.22 22.32
N GLY A 70 -31.94 -13.47 23.62
CA GLY A 70 -32.37 -14.78 24.08
C GLY A 70 -31.40 -15.84 23.59
N ASP A 71 -31.93 -16.90 22.99
CA ASP A 71 -31.10 -18.00 22.48
C ASP A 71 -30.81 -17.82 21.00
N ARG A 72 -31.21 -16.68 20.47
CA ARG A 72 -31.03 -16.44 19.05
C ARG A 72 -30.06 -15.31 18.69
N ALA A 73 -29.69 -15.28 17.44
CA ALA A 73 -28.83 -14.22 16.93
C ALA A 73 -29.86 -13.33 16.25
N ALA A 74 -29.60 -12.04 16.18
CA ALA A 74 -30.58 -11.18 15.54
C ALA A 74 -29.99 -10.02 14.78
N LEU A 75 -30.76 -9.58 13.80
CA LEU A 75 -30.40 -8.47 12.95
C LEU A 75 -31.50 -7.45 13.22
N THR A 76 -31.13 -6.25 13.68
CA THR A 76 -32.12 -5.23 13.93
C THR A 76 -31.95 -4.03 13.01
N ILE A 77 -33.02 -3.70 12.29
CA ILE A 77 -33.01 -2.55 11.39
C ILE A 77 -33.84 -1.46 12.03
N THR A 78 -33.19 -0.36 12.36
CA THR A 78 -33.84 0.78 12.97
C THR A 78 -34.18 1.77 11.85
N GLY A 79 -35.37 2.35 11.87
CA GLY A 79 -35.72 3.30 10.82
C GLY A 79 -35.73 2.64 9.46
N ALA A 80 -36.52 1.59 9.36
CA ALA A 80 -36.64 0.84 8.13
C ALA A 80 -36.97 1.76 6.96
N GLN A 81 -36.28 1.53 5.84
CA GLN A 81 -36.49 2.31 4.63
C GLN A 81 -37.00 1.38 3.53
N THR A 82 -37.62 1.94 2.50
CA THR A 82 -38.13 1.10 1.43
C THR A 82 -36.97 0.37 0.76
N GLU A 83 -35.78 0.97 0.77
CA GLU A 83 -34.64 0.32 0.16
C GLU A 83 -34.23 -0.94 0.93
N ASP A 84 -34.85 -1.15 2.10
CA ASP A 84 -34.52 -2.31 2.89
C ASP A 84 -35.28 -3.56 2.50
N GLU A 85 -36.22 -3.42 1.58
CA GLU A 85 -37.00 -4.57 1.11
C GLU A 85 -36.05 -5.56 0.46
N ALA A 86 -35.91 -6.73 1.07
CA ALA A 86 -35.03 -7.75 0.52
C ALA A 86 -35.23 -9.02 1.31
N ILE A 87 -34.40 -10.01 1.05
CA ILE A 87 -34.43 -11.27 1.78
C ILE A 87 -33.16 -11.29 2.62
N TYR A 88 -33.28 -11.49 3.92
CA TYR A 88 -32.11 -11.53 4.76
C TYR A 88 -31.77 -12.94 5.20
N PHE A 89 -30.54 -13.34 4.90
CA PHE A 89 -30.05 -14.66 5.22
C PHE A 89 -29.12 -14.59 6.40
N CYS A 90 -29.23 -15.59 7.25
CA CYS A 90 -28.41 -15.69 8.44
C CYS A 90 -27.62 -16.98 8.32
N ALA A 91 -26.40 -17.00 8.87
CA ALA A 91 -25.58 -18.19 8.83
C ALA A 91 -24.88 -18.36 10.15
N LEU A 92 -24.72 -19.61 10.57
CA LEU A 92 -24.03 -19.90 11.81
C LEU A 92 -22.88 -20.83 11.51
N TRP A 93 -21.77 -20.64 12.21
CA TRP A 93 -20.62 -21.49 12.03
C TRP A 93 -20.69 -22.61 13.07
N ASN A 94 -20.80 -23.85 12.61
CA ASN A 94 -20.89 -25.01 13.50
C ASN A 94 -19.58 -25.81 13.53
N SER A 95 -18.60 -25.23 14.20
CA SER A 95 -17.30 -25.85 14.39
C SER A 95 -16.47 -26.10 13.14
N ASN A 96 -17.03 -26.79 12.15
CA ASN A 96 -16.26 -27.10 10.94
C ASN A 96 -16.99 -26.84 9.62
N HIS A 97 -18.13 -26.20 9.67
CA HIS A 97 -18.86 -25.92 8.46
C HIS A 97 -19.91 -24.81 8.74
N LEU A 98 -20.34 -24.11 7.69
CA LEU A 98 -21.29 -23.01 7.80
C LEU A 98 -22.70 -23.42 7.43
N VAL A 99 -23.69 -22.99 8.21
CA VAL A 99 -25.08 -23.34 7.93
C VAL A 99 -25.93 -22.09 7.79
N PHE A 100 -26.61 -21.97 6.66
CA PHE A 100 -27.48 -20.84 6.38
C PHE A 100 -28.87 -21.09 6.90
N GLY A 101 -29.59 -20.01 7.17
CA GLY A 101 -30.96 -20.14 7.59
C GLY A 101 -31.78 -20.12 6.32
N GLY A 102 -33.10 -20.20 6.45
CA GLY A 102 -33.93 -20.19 5.27
C GLY A 102 -34.16 -18.80 4.70
N GLY A 103 -33.73 -17.78 5.44
CA GLY A 103 -33.89 -16.42 5.01
C GLY A 103 -35.24 -15.84 5.40
N THR A 104 -35.29 -14.53 5.59
CA THR A 104 -36.51 -13.85 5.97
C THR A 104 -36.82 -12.79 4.94
N LYS A 105 -38.03 -12.82 4.41
CA LYS A 105 -38.46 -11.85 3.42
C LYS A 105 -38.98 -10.66 4.20
N LEU A 106 -38.31 -9.52 4.08
CA LEU A 106 -38.72 -8.31 4.79
C LEU A 106 -39.51 -7.41 3.84
N GLU A 107 -40.75 -7.13 4.21
CA GLU A 107 -41.61 -6.29 3.39
C GLU A 107 -41.84 -4.94 4.06
N ILE A 108 -41.91 -3.89 3.24
CA ILE A 108 -42.13 -2.56 3.79
C ILE A 108 -43.50 -2.09 3.38
N LYS A 109 -44.33 -1.88 4.39
CA LYS A 109 -45.70 -1.44 4.21
C LYS A 109 -45.72 -0.12 3.47
N ARG A 110 -46.67 0.00 2.55
CA ARG A 110 -46.88 1.21 1.78
C ARG A 110 -48.39 1.30 1.55
N THR A 111 -48.86 2.40 0.97
CA THR A 111 -50.29 2.52 0.78
C THR A 111 -50.81 1.59 -0.29
N VAL A 112 -52.08 1.24 -0.13
CA VAL A 112 -52.74 0.34 -1.06
C VAL A 112 -52.68 0.86 -2.47
N ALA A 113 -52.37 -0.02 -3.40
CA ALA A 113 -52.30 0.34 -4.82
C ALA A 113 -52.97 -0.78 -5.61
N ALA A 114 -54.11 -0.46 -6.21
CA ALA A 114 -54.85 -1.42 -7.00
C ALA A 114 -54.06 -1.71 -8.25
N PRO A 115 -54.16 -2.94 -8.76
CA PRO A 115 -53.43 -3.32 -9.97
C PRO A 115 -54.09 -2.85 -11.25
N SER A 116 -53.27 -2.70 -12.29
CA SER A 116 -53.76 -2.30 -13.60
C SER A 116 -53.85 -3.65 -14.27
N VAL A 117 -55.04 -4.02 -14.74
CA VAL A 117 -55.22 -5.31 -15.36
C VAL A 117 -55.21 -5.28 -16.88
N PHE A 118 -54.56 -6.29 -17.47
CA PHE A 118 -54.46 -6.41 -18.93
C PHE A 118 -54.61 -7.87 -19.32
N ILE A 119 -55.33 -8.12 -20.41
CA ILE A 119 -55.52 -9.47 -20.87
C ILE A 119 -54.96 -9.59 -22.27
N PHE A 120 -54.19 -10.64 -22.49
CA PHE A 120 -53.56 -10.86 -23.79
C PHE A 120 -54.03 -12.16 -24.40
N PRO A 121 -54.69 -12.06 -25.56
CA PRO A 121 -55.20 -13.24 -26.26
C PRO A 121 -53.99 -13.96 -26.88
N PRO A 122 -54.13 -15.24 -27.20
CA PRO A 122 -53.00 -15.95 -27.80
C PRO A 122 -52.66 -15.39 -29.18
N SER A 123 -51.38 -15.45 -29.56
CA SER A 123 -50.95 -14.96 -30.87
C SER A 123 -51.31 -16.01 -31.92
N ASP A 124 -51.45 -15.58 -33.17
CA ASP A 124 -51.78 -16.50 -34.24
C ASP A 124 -50.68 -17.51 -34.44
N GLU A 125 -49.44 -17.03 -34.35
CA GLU A 125 -48.30 -17.91 -34.51
C GLU A 125 -48.32 -19.03 -33.50
N GLN A 126 -48.68 -18.72 -32.26
CA GLN A 126 -48.72 -19.75 -31.23
C GLN A 126 -49.80 -20.78 -31.52
N LEU A 127 -50.91 -20.33 -32.07
CA LEU A 127 -52.02 -21.20 -32.41
C LEU A 127 -51.63 -22.30 -33.40
N LYS A 128 -50.75 -21.95 -34.34
CA LYS A 128 -50.30 -22.90 -35.35
C LYS A 128 -49.66 -24.13 -34.66
N SER A 129 -49.01 -23.89 -33.53
CA SER A 129 -48.34 -24.95 -32.78
C SER A 129 -49.33 -25.87 -32.07
N GLY A 130 -50.61 -25.56 -32.17
CA GLY A 130 -51.62 -26.40 -31.54
C GLY A 130 -51.98 -26.01 -30.12
N THR A 131 -51.25 -25.04 -29.56
CA THR A 131 -51.56 -24.61 -28.20
C THR A 131 -51.94 -23.15 -28.15
N ALA A 132 -52.70 -22.78 -27.13
CA ALA A 132 -53.16 -21.42 -26.94
C ALA A 132 -52.89 -20.96 -25.52
N SER A 133 -52.11 -19.89 -25.37
CA SER A 133 -51.79 -19.33 -24.07
C SER A 133 -52.45 -17.96 -23.90
N VAL A 134 -53.29 -17.86 -22.87
CA VAL A 134 -53.99 -16.62 -22.57
C VAL A 134 -53.29 -15.99 -21.38
N VAL A 135 -52.81 -14.76 -21.51
CA VAL A 135 -52.11 -14.12 -20.42
C VAL A 135 -52.86 -12.99 -19.76
N CYS A 136 -52.81 -12.94 -18.44
CA CYS A 136 -53.45 -11.86 -17.72
C CYS A 136 -52.41 -11.16 -16.87
N LEU A 137 -52.29 -9.84 -17.04
CA LEU A 137 -51.30 -9.08 -16.27
C LEU A 137 -51.87 -8.10 -15.24
N LEU A 138 -51.42 -8.25 -14.01
CA LEU A 138 -51.80 -7.38 -12.92
C LEU A 138 -50.53 -6.55 -12.68
N ASN A 139 -50.60 -5.24 -12.92
CA ASN A 139 -49.40 -4.41 -12.78
C ASN A 139 -49.34 -3.46 -11.60
N ASN A 140 -48.16 -3.39 -10.98
CA ASN A 140 -47.85 -2.54 -9.85
C ASN A 140 -48.93 -2.34 -8.79
N PHE A 141 -49.15 -3.35 -7.96
CA PHE A 141 -50.17 -3.24 -6.93
C PHE A 141 -49.59 -3.52 -5.54
N TYR A 142 -50.39 -3.27 -4.53
CA TYR A 142 -49.97 -3.54 -3.15
C TYR A 142 -51.21 -3.50 -2.26
N PRO A 143 -51.30 -4.42 -1.29
CA PRO A 143 -50.40 -5.52 -0.93
C PRO A 143 -50.29 -6.59 -2.00
N ARG A 144 -49.53 -7.66 -1.71
CA ARG A 144 -49.36 -8.73 -2.68
C ARG A 144 -50.57 -9.62 -2.88
N GLU A 145 -51.37 -9.78 -1.83
CA GLU A 145 -52.55 -10.63 -1.93
C GLU A 145 -53.49 -10.17 -3.01
N ALA A 146 -53.62 -10.98 -4.05
CA ALA A 146 -54.50 -10.69 -5.17
C ALA A 146 -55.01 -12.01 -5.72
N LYS A 147 -56.30 -12.08 -6.00
CA LYS A 147 -56.91 -13.30 -6.50
C LYS A 147 -57.28 -13.13 -7.97
N VAL A 148 -56.76 -14.00 -8.82
CA VAL A 148 -57.07 -13.91 -10.23
C VAL A 148 -57.83 -15.15 -10.67
N GLN A 149 -59.05 -14.95 -11.15
CA GLN A 149 -59.86 -16.07 -11.61
C GLN A 149 -60.12 -16.03 -13.11
N TRP A 150 -59.96 -17.17 -13.76
CA TRP A 150 -60.21 -17.26 -15.19
C TRP A 150 -61.62 -17.78 -15.44
N LYS A 151 -62.29 -17.22 -16.43
CA LYS A 151 -63.63 -17.64 -16.80
C LYS A 151 -63.71 -17.72 -18.32
N VAL A 152 -64.03 -18.90 -18.82
CA VAL A 152 -64.17 -19.15 -20.24
C VAL A 152 -65.66 -19.33 -20.49
N ASP A 153 -66.30 -18.30 -21.06
CA ASP A 153 -67.74 -18.35 -21.29
C ASP A 153 -68.43 -18.60 -19.95
N ASN A 154 -68.06 -17.80 -18.97
CA ASN A 154 -68.62 -17.88 -17.63
C ASN A 154 -68.39 -19.17 -16.88
N ALA A 155 -67.42 -19.94 -17.31
CA ALA A 155 -67.11 -21.19 -16.62
C ALA A 155 -65.80 -20.96 -15.88
N LEU A 156 -65.87 -20.85 -14.55
CA LEU A 156 -64.66 -20.62 -13.77
C LEU A 156 -63.70 -21.79 -13.99
N GLN A 157 -62.51 -21.47 -14.50
CA GLN A 157 -61.49 -22.49 -14.76
C GLN A 157 -60.79 -22.90 -13.48
N SER A 158 -60.00 -23.97 -13.57
CA SER A 158 -59.23 -24.46 -12.41
C SER A 158 -58.23 -25.51 -12.85
N GLY A 159 -57.02 -25.41 -12.31
CA GLY A 159 -55.96 -26.35 -12.62
C GLY A 159 -55.28 -26.19 -13.98
N ASN A 160 -55.65 -25.16 -14.74
CA ASN A 160 -55.02 -24.96 -16.04
C ASN A 160 -54.41 -23.56 -16.18
N SER A 161 -53.92 -23.03 -15.07
CA SER A 161 -53.29 -21.72 -15.08
C SER A 161 -52.19 -21.65 -14.03
N GLN A 162 -51.10 -20.98 -14.39
CA GLN A 162 -49.98 -20.79 -13.50
C GLN A 162 -49.70 -19.30 -13.43
N GLU A 163 -49.23 -18.83 -12.28
CA GLU A 163 -48.93 -17.42 -12.18
C GLU A 163 -47.53 -17.17 -11.67
N SER A 164 -47.03 -15.96 -11.95
CA SER A 164 -45.71 -15.55 -11.53
C SER A 164 -45.81 -14.16 -10.95
N VAL A 165 -45.01 -13.89 -9.93
CA VAL A 165 -45.03 -12.58 -9.32
C VAL A 165 -43.62 -12.06 -9.21
N THR A 166 -43.46 -10.76 -9.42
CA THR A 166 -42.15 -10.14 -9.35
C THR A 166 -41.81 -9.80 -7.91
N GLU A 167 -40.58 -9.38 -7.68
CA GLU A 167 -40.14 -8.99 -6.36
C GLU A 167 -40.69 -7.59 -6.12
N GLN A 168 -40.89 -7.24 -4.86
CA GLN A 168 -41.36 -5.92 -4.50
C GLN A 168 -40.44 -4.91 -5.18
N ASP A 169 -41.02 -4.06 -6.02
CA ASP A 169 -40.25 -3.04 -6.74
C ASP A 169 -39.54 -2.13 -5.75
N SER A 170 -38.25 -1.90 -5.97
CA SER A 170 -37.44 -1.06 -5.10
C SER A 170 -37.94 0.39 -5.03
N LYS A 171 -38.48 0.87 -6.16
CA LYS A 171 -39.00 2.24 -6.26
C LYS A 171 -40.34 2.40 -5.56
N ASP A 172 -41.40 1.95 -6.24
CA ASP A 172 -42.76 2.09 -5.73
C ASP A 172 -43.20 1.03 -4.73
N SER A 173 -42.33 0.07 -4.42
CA SER A 173 -42.65 -1.01 -3.47
C SER A 173 -43.87 -1.83 -3.87
N THR A 174 -44.14 -1.92 -5.16
CA THR A 174 -45.29 -2.69 -5.61
C THR A 174 -44.88 -4.03 -6.17
N TYR A 175 -45.88 -4.84 -6.47
CA TYR A 175 -45.70 -6.18 -7.02
C TYR A 175 -46.37 -6.18 -8.37
N SER A 176 -45.96 -7.11 -9.22
CA SER A 176 -46.58 -7.26 -10.53
C SER A 176 -46.75 -8.76 -10.69
N LEU A 177 -47.93 -9.17 -11.14
CA LEU A 177 -48.20 -10.58 -11.31
C LEU A 177 -48.77 -10.90 -12.69
N SER A 178 -48.57 -12.12 -13.12
CA SER A 178 -49.09 -12.55 -14.40
C SER A 178 -49.69 -13.93 -14.22
N SER A 179 -50.85 -14.16 -14.83
CA SER A 179 -51.49 -15.45 -14.75
C SER A 179 -51.63 -15.94 -16.17
N THR A 180 -51.20 -17.17 -16.42
CA THR A 180 -51.30 -17.70 -17.76
C THR A 180 -52.20 -18.92 -17.82
N LEU A 181 -53.25 -18.82 -18.62
CA LEU A 181 -54.20 -19.90 -18.82
C LEU A 181 -53.74 -20.61 -20.10
N THR A 182 -53.50 -21.91 -20.00
CA THR A 182 -53.05 -22.66 -21.17
C THR A 182 -54.09 -23.69 -21.60
N LEU A 183 -54.47 -23.60 -22.88
CA LEU A 183 -55.47 -24.49 -23.46
C LEU A 183 -54.98 -25.04 -24.79
N SER A 184 -55.53 -26.19 -25.18
CA SER A 184 -55.17 -26.79 -26.46
C SER A 184 -55.87 -25.91 -27.48
N LYS A 185 -55.32 -25.81 -28.67
CA LYS A 185 -55.94 -24.97 -29.69
C LYS A 185 -57.40 -25.36 -29.83
N ALA A 186 -57.65 -26.66 -29.69
CA ALA A 186 -58.99 -27.21 -29.80
C ALA A 186 -59.96 -26.52 -28.85
N ASP A 187 -59.73 -26.69 -27.55
CA ASP A 187 -60.58 -26.09 -26.54
C ASP A 187 -60.73 -24.60 -26.72
N TYR A 188 -59.62 -23.92 -27.04
CA TYR A 188 -59.65 -22.48 -27.24
C TYR A 188 -60.67 -22.09 -28.30
N GLU A 189 -60.75 -22.88 -29.36
CA GLU A 189 -61.67 -22.63 -30.47
C GLU A 189 -63.10 -23.03 -30.10
N LYS A 190 -63.26 -23.76 -29.01
CA LYS A 190 -64.58 -24.22 -28.59
C LYS A 190 -65.30 -23.19 -27.72
N HIS A 191 -64.69 -22.03 -27.50
CA HIS A 191 -65.30 -21.00 -26.68
C HIS A 191 -65.14 -19.60 -27.25
N LYS A 192 -65.93 -18.66 -26.74
CA LYS A 192 -65.88 -17.28 -27.22
C LYS A 192 -65.35 -16.25 -26.22
N VAL A 193 -66.04 -16.11 -25.09
CA VAL A 193 -65.64 -15.14 -24.09
C VAL A 193 -64.53 -15.61 -23.17
N TYR A 194 -63.43 -14.87 -23.16
CA TYR A 194 -62.28 -15.18 -22.31
C TYR A 194 -62.05 -13.98 -21.39
N ALA A 195 -62.31 -14.19 -20.11
CA ALA A 195 -62.18 -13.12 -19.13
C ALA A 195 -61.30 -13.45 -17.95
N CYS A 196 -60.68 -12.39 -17.45
CA CYS A 196 -59.79 -12.46 -16.32
C CYS A 196 -60.44 -11.65 -15.20
N GLU A 197 -60.78 -12.29 -14.09
CA GLU A 197 -61.39 -11.56 -12.99
C GLU A 197 -60.40 -11.38 -11.87
N VAL A 198 -60.14 -10.13 -11.51
CA VAL A 198 -59.18 -9.79 -10.48
C VAL A 198 -59.80 -9.20 -9.20
N THR A 199 -59.40 -9.72 -8.06
CA THR A 199 -59.88 -9.26 -6.78
C THR A 199 -58.68 -8.77 -5.97
N HIS A 200 -58.76 -7.55 -5.46
CA HIS A 200 -57.66 -6.99 -4.68
C HIS A 200 -58.18 -5.91 -3.74
N GLN A 201 -57.49 -5.78 -2.62
CA GLN A 201 -57.85 -4.81 -1.59
C GLN A 201 -58.05 -3.40 -2.14
N GLY A 202 -57.27 -3.03 -3.14
CA GLY A 202 -57.39 -1.70 -3.71
C GLY A 202 -58.55 -1.54 -4.67
N LEU A 203 -59.36 -2.59 -4.82
CA LEU A 203 -60.52 -2.54 -5.71
C LEU A 203 -61.81 -2.73 -4.93
N SER A 204 -62.72 -1.77 -5.08
CA SER A 204 -64.01 -1.81 -4.40
C SER A 204 -64.79 -3.05 -4.84
N SER A 205 -64.67 -3.36 -6.13
CA SER A 205 -65.35 -4.49 -6.74
C SER A 205 -64.36 -5.15 -7.70
N PRO A 206 -64.43 -6.48 -7.85
CA PRO A 206 -63.50 -7.14 -8.77
C PRO A 206 -63.52 -6.60 -10.20
N VAL A 207 -62.34 -6.45 -10.79
CA VAL A 207 -62.20 -5.95 -12.15
C VAL A 207 -62.08 -7.11 -13.12
N THR A 208 -62.76 -6.99 -14.25
CA THR A 208 -62.75 -8.03 -15.26
C THR A 208 -62.27 -7.48 -16.59
N LYS A 209 -61.27 -8.12 -17.17
CA LYS A 209 -60.74 -7.73 -18.47
C LYS A 209 -61.01 -8.95 -19.33
N SER A 210 -61.58 -8.74 -20.51
CA SER A 210 -61.88 -9.87 -21.37
C SER A 210 -61.87 -9.55 -22.85
N PHE A 211 -62.08 -10.59 -23.64
CA PHE A 211 -62.10 -10.47 -25.09
C PHE A 211 -62.87 -11.66 -25.67
N ASN A 212 -63.44 -11.46 -26.85
CA ASN A 212 -64.15 -12.54 -27.51
C ASN A 212 -63.25 -13.06 -28.60
N ARG A 213 -62.98 -14.36 -28.55
CA ARG A 213 -62.10 -14.98 -29.53
C ARG A 213 -62.46 -14.57 -30.95
N GLY A 214 -61.45 -14.12 -31.69
CA GLY A 214 -61.68 -13.70 -33.06
C GLY A 214 -62.00 -12.24 -33.21
N GLU A 215 -62.59 -11.65 -32.17
CA GLU A 215 -62.92 -10.25 -32.22
C GLU A 215 -61.69 -9.37 -32.06
N CYS A 216 -61.55 -8.45 -32.98
CA CYS A 216 -60.43 -7.53 -32.99
C CYS A 216 -61.00 -6.11 -32.97
N GLU B 1 -14.63 -1.93 -6.00
CA GLU B 1 -14.26 -2.36 -7.38
C GLU B 1 -14.21 -3.88 -7.50
N VAL B 2 -14.57 -4.55 -6.42
CA VAL B 2 -14.57 -6.00 -6.37
C VAL B 2 -15.49 -6.59 -7.43
N LYS B 3 -14.98 -7.51 -8.24
CA LYS B 3 -15.79 -8.16 -9.25
C LYS B 3 -15.54 -9.66 -9.27
N LEU B 4 -16.64 -10.42 -9.18
CA LEU B 4 -16.61 -11.87 -9.19
C LEU B 4 -17.53 -12.32 -10.33
N LEU B 5 -16.95 -13.00 -11.32
CA LEU B 5 -17.69 -13.47 -12.48
C LEU B 5 -17.59 -14.98 -12.63
N GLU B 6 -18.70 -15.68 -12.43
CA GLU B 6 -18.70 -17.14 -12.56
C GLU B 6 -18.96 -17.58 -13.99
N SER B 7 -18.58 -18.82 -14.29
CA SER B 7 -18.78 -19.40 -15.61
C SER B 7 -18.65 -20.90 -15.52
N GLY B 8 -19.18 -21.60 -16.51
CA GLY B 8 -19.11 -23.05 -16.50
C GLY B 8 -20.46 -23.70 -16.26
N GLY B 9 -21.45 -22.90 -15.91
CA GLY B 9 -22.77 -23.45 -15.67
C GLY B 9 -23.37 -24.04 -16.93
N GLY B 10 -24.53 -24.65 -16.81
CA GLY B 10 -25.17 -25.23 -17.97
C GLY B 10 -25.81 -26.57 -17.65
N LEU B 11 -26.34 -27.20 -18.69
CA LEU B 11 -27.01 -28.48 -18.57
C LEU B 11 -25.95 -29.58 -18.46
N ALA B 12 -26.12 -30.48 -17.50
CA ALA B 12 -25.20 -31.60 -17.32
C ALA B 12 -26.00 -32.88 -17.13
N GLN B 13 -25.34 -34.02 -17.30
CA GLN B 13 -25.98 -35.32 -17.17
C GLN B 13 -25.75 -35.94 -15.81
N PRO B 14 -26.80 -36.54 -15.22
CA PRO B 14 -26.64 -37.16 -13.89
C PRO B 14 -25.50 -38.15 -13.91
N GLY B 15 -24.76 -38.21 -12.83
CA GLY B 15 -23.62 -39.10 -12.75
C GLY B 15 -22.36 -38.46 -13.33
N GLY B 16 -22.54 -37.36 -14.05
CA GLY B 16 -21.42 -36.65 -14.67
C GLY B 16 -20.65 -35.68 -13.78
N SER B 17 -19.71 -34.96 -14.39
CA SER B 17 -18.87 -33.98 -13.69
C SER B 17 -18.94 -32.64 -14.38
N LEU B 18 -18.53 -31.59 -13.67
CA LEU B 18 -18.57 -30.25 -14.23
C LEU B 18 -17.61 -29.36 -13.46
N LYS B 19 -16.90 -28.49 -14.16
CA LYS B 19 -15.96 -27.58 -13.51
C LYS B 19 -16.41 -26.14 -13.68
N LEU B 20 -16.69 -25.50 -12.56
CA LEU B 20 -17.12 -24.11 -12.60
C LEU B 20 -15.92 -23.26 -12.30
N SER B 21 -15.92 -22.04 -12.83
CA SER B 21 -14.81 -21.13 -12.63
C SER B 21 -15.30 -19.77 -12.23
N CYS B 22 -14.40 -19.00 -11.61
CA CYS B 22 -14.70 -17.64 -11.18
C CYS B 22 -13.52 -16.73 -11.43
N ALA B 23 -13.77 -15.62 -12.11
CA ALA B 23 -12.73 -14.65 -12.38
C ALA B 23 -12.91 -13.51 -11.38
N ALA B 24 -11.83 -13.13 -10.69
CA ALA B 24 -11.92 -12.06 -9.71
C ALA B 24 -11.04 -10.86 -10.07
N SER B 25 -11.43 -9.68 -9.60
CA SER B 25 -10.70 -8.44 -9.85
C SER B 25 -11.19 -7.36 -8.89
N GLY B 26 -10.38 -6.33 -8.69
CA GLY B 26 -10.78 -5.25 -7.81
C GLY B 26 -10.24 -5.39 -6.42
N PHE B 27 -9.47 -6.45 -6.18
CA PHE B 27 -8.88 -6.67 -4.87
C PHE B 27 -7.74 -7.65 -4.95
N ASP B 28 -6.87 -7.64 -3.95
CA ASP B 28 -5.71 -8.53 -3.92
C ASP B 28 -6.17 -9.98 -3.69
N PHE B 29 -6.63 -10.62 -4.76
CA PHE B 29 -7.11 -12.01 -4.70
C PHE B 29 -6.24 -12.89 -3.82
N ARG B 30 -4.93 -12.75 -3.98
CA ARG B 30 -3.97 -13.53 -3.24
C ARG B 30 -4.06 -13.45 -1.71
N ARG B 31 -4.76 -12.44 -1.18
CA ARG B 31 -4.88 -12.26 0.26
C ARG B 31 -6.21 -12.67 0.86
N TYR B 32 -7.14 -13.13 0.03
CA TYR B 32 -8.46 -13.49 0.53
C TYR B 32 -8.89 -14.94 0.44
N TRP B 33 -9.75 -15.32 1.37
CA TRP B 33 -10.32 -16.65 1.37
C TRP B 33 -11.45 -16.57 0.35
N MET B 34 -11.68 -17.65 -0.38
CA MET B 34 -12.77 -17.65 -1.33
C MET B 34 -13.74 -18.73 -0.95
N THR B 35 -15.00 -18.53 -1.31
CA THR B 35 -16.08 -19.43 -0.94
C THR B 35 -17.03 -19.73 -2.10
N TRP B 36 -17.63 -20.92 -2.06
CA TRP B 36 -18.62 -21.31 -3.05
C TRP B 36 -19.89 -21.57 -2.27
N VAL B 37 -20.98 -20.99 -2.75
CA VAL B 37 -22.29 -21.12 -2.14
C VAL B 37 -23.27 -21.38 -3.29
N ARG B 38 -24.22 -22.28 -3.09
CA ARG B 38 -25.18 -22.56 -4.14
C ARG B 38 -26.60 -22.35 -3.65
N GLN B 39 -27.53 -22.29 -4.59
CA GLN B 39 -28.91 -22.12 -4.22
C GLN B 39 -29.82 -22.88 -5.16
N ALA B 40 -30.39 -23.96 -4.67
CA ALA B 40 -31.29 -24.79 -5.44
C ALA B 40 -32.65 -24.14 -5.51
N PRO B 41 -33.47 -24.49 -6.51
CA PRO B 41 -34.81 -23.94 -6.69
C PRO B 41 -35.68 -24.07 -5.44
N GLY B 42 -36.36 -22.99 -5.07
CA GLY B 42 -37.21 -23.03 -3.90
C GLY B 42 -36.49 -23.35 -2.60
N LYS B 43 -35.20 -23.05 -2.57
CA LYS B 43 -34.37 -23.28 -1.40
C LYS B 43 -33.57 -22.04 -1.09
N GLY B 44 -32.92 -22.09 0.06
CA GLY B 44 -32.10 -20.98 0.47
C GLY B 44 -30.68 -21.28 0.08
N LEU B 45 -29.76 -20.48 0.59
CA LEU B 45 -28.36 -20.66 0.29
C LEU B 45 -27.84 -21.90 0.99
N GLU B 46 -26.78 -22.49 0.43
CA GLU B 46 -26.15 -23.65 0.99
C GLU B 46 -24.65 -23.52 0.79
N TRP B 47 -23.92 -23.52 1.89
CA TRP B 47 -22.47 -23.39 1.85
C TRP B 47 -21.83 -24.66 1.31
N ILE B 48 -20.97 -24.51 0.32
CA ILE B 48 -20.27 -25.63 -0.29
C ILE B 48 -18.90 -25.82 0.36
N GLY B 49 -18.18 -24.72 0.55
CA GLY B 49 -16.88 -24.80 1.18
C GLY B 49 -16.07 -23.57 0.86
N ASP B 50 -14.92 -23.42 1.51
CA ASP B 50 -14.04 -22.29 1.23
C ASP B 50 -12.58 -22.70 1.18
N ILE B 51 -11.75 -21.80 0.67
CA ILE B 51 -10.35 -22.09 0.53
C ILE B 51 -9.52 -20.88 0.92
N ASN B 52 -8.49 -21.09 1.74
CA ASN B 52 -7.64 -20.00 2.17
C ASN B 52 -6.68 -19.60 1.05
N PRO B 53 -6.02 -18.46 1.18
CA PRO B 53 -5.08 -17.98 0.17
C PRO B 53 -4.09 -19.01 -0.41
N ASP B 54 -3.25 -19.59 0.43
CA ASP B 54 -2.25 -20.57 -0.02
C ASP B 54 -2.78 -21.96 -0.32
N SER B 55 -4.10 -22.09 -0.43
CA SER B 55 -4.72 -23.39 -0.71
C SER B 55 -4.38 -24.50 0.27
N ARG B 56 -3.74 -24.18 1.38
CA ARG B 56 -3.37 -25.20 2.35
C ARG B 56 -4.53 -25.62 3.27
N THR B 57 -5.60 -24.84 3.29
CA THR B 57 -6.76 -25.17 4.10
C THR B 57 -7.99 -25.10 3.23
N ILE B 58 -8.72 -26.21 3.16
CA ILE B 58 -9.91 -26.24 2.35
C ILE B 58 -11.03 -26.91 3.12
N ASN B 59 -12.03 -26.14 3.50
CA ASN B 59 -13.18 -26.65 4.24
C ASN B 59 -14.36 -26.95 3.33
N TYR B 60 -15.07 -28.04 3.58
CA TYR B 60 -16.21 -28.43 2.77
C TYR B 60 -17.44 -28.72 3.64
N MET B 61 -18.61 -28.64 3.01
CA MET B 61 -19.86 -28.94 3.66
C MET B 61 -19.82 -30.46 3.84
N PRO B 62 -20.04 -30.94 5.07
CA PRO B 62 -20.01 -32.36 5.43
C PRO B 62 -20.26 -33.35 4.30
N SER B 63 -21.44 -33.25 3.70
CA SER B 63 -21.84 -34.13 2.62
C SER B 63 -20.90 -34.18 1.42
N LEU B 64 -21.01 -33.13 0.59
CA LEU B 64 -20.25 -32.96 -0.66
C LEU B 64 -18.72 -32.90 -0.52
N LYS B 65 -18.24 -33.12 0.71
CA LYS B 65 -16.82 -33.13 1.02
C LYS B 65 -15.93 -33.83 -0.05
N ASP B 66 -16.50 -34.84 -0.72
CA ASP B 66 -15.86 -35.69 -1.74
C ASP B 66 -16.22 -35.44 -3.20
N LYS B 67 -17.50 -35.17 -3.47
CA LYS B 67 -17.96 -34.93 -4.83
C LYS B 67 -17.71 -33.49 -5.22
N PHE B 68 -17.11 -32.75 -4.30
CA PHE B 68 -16.81 -31.35 -4.54
C PHE B 68 -15.34 -31.09 -4.29
N ILE B 69 -14.70 -30.38 -5.21
CA ILE B 69 -13.30 -30.03 -5.06
C ILE B 69 -13.09 -28.56 -5.38
N ILE B 70 -12.57 -27.81 -4.40
CA ILE B 70 -12.30 -26.39 -4.58
C ILE B 70 -10.80 -26.19 -4.78
N SER B 71 -10.45 -25.22 -5.61
CA SER B 71 -9.06 -24.92 -5.90
C SER B 71 -8.96 -23.49 -6.39
N ARG B 72 -7.75 -22.96 -6.50
CA ARG B 72 -7.59 -21.61 -6.96
C ARG B 72 -6.25 -21.43 -7.62
N ASP B 73 -6.13 -20.38 -8.41
CA ASP B 73 -4.90 -20.05 -9.10
C ASP B 73 -4.67 -18.57 -8.85
N ASN B 74 -3.95 -18.24 -7.80
CA ASN B 74 -3.71 -16.85 -7.48
C ASN B 74 -3.08 -16.05 -8.60
N ALA B 75 -2.33 -16.74 -9.45
CA ALA B 75 -1.67 -16.07 -10.55
C ALA B 75 -2.69 -15.57 -11.55
N LYS B 76 -3.78 -16.31 -11.69
CA LYS B 76 -4.82 -15.93 -12.64
C LYS B 76 -6.09 -15.40 -11.99
N ASN B 77 -5.99 -15.02 -10.72
CA ASN B 77 -7.15 -14.50 -9.97
C ASN B 77 -8.40 -15.34 -10.25
N SER B 78 -8.29 -16.66 -10.10
CA SER B 78 -9.39 -17.54 -10.38
C SER B 78 -9.69 -18.52 -9.26
N LEU B 79 -10.95 -18.95 -9.23
CA LEU B 79 -11.45 -19.90 -8.23
C LEU B 79 -12.17 -20.99 -8.99
N TYR B 80 -11.92 -22.24 -8.63
CA TYR B 80 -12.56 -23.35 -9.31
C TYR B 80 -13.35 -24.24 -8.39
N LEU B 81 -14.39 -24.85 -8.95
CA LEU B 81 -15.22 -25.78 -8.23
C LEU B 81 -15.44 -26.97 -9.15
N GLN B 82 -14.92 -28.13 -8.75
CA GLN B 82 -15.06 -29.34 -9.54
C GLN B 82 -16.21 -30.17 -9.00
N LEU B 83 -17.28 -30.27 -9.75
CA LEU B 83 -18.44 -31.04 -9.34
C LEU B 83 -18.36 -32.43 -9.95
N SER B 84 -18.85 -33.43 -9.22
CA SER B 84 -18.83 -34.79 -9.71
C SER B 84 -20.03 -35.58 -9.18
N ARG B 85 -20.30 -36.71 -9.81
CA ARG B 85 -21.42 -37.56 -9.38
C ARG B 85 -22.69 -36.73 -9.32
N LEU B 86 -22.87 -35.87 -10.31
CA LEU B 86 -24.01 -34.97 -10.36
C LEU B 86 -25.38 -35.62 -10.31
N ARG B 87 -26.19 -35.16 -9.35
CA ARG B 87 -27.54 -35.66 -9.19
C ARG B 87 -28.43 -34.44 -9.32
N SER B 88 -29.72 -34.66 -9.58
CA SER B 88 -30.66 -33.56 -9.74
C SER B 88 -30.61 -32.56 -8.58
N GLU B 89 -30.31 -33.06 -7.39
CA GLU B 89 -30.20 -32.22 -6.20
C GLU B 89 -29.09 -31.17 -6.35
N ASP B 90 -28.17 -31.39 -7.29
CA ASP B 90 -27.08 -30.44 -7.51
C ASP B 90 -27.49 -29.33 -8.47
N SER B 91 -28.70 -29.40 -8.99
CA SER B 91 -29.18 -28.36 -9.88
C SER B 91 -29.36 -27.13 -8.98
N ALA B 92 -28.66 -26.04 -9.33
CA ALA B 92 -28.75 -24.81 -8.56
C ALA B 92 -27.89 -23.71 -9.16
N LEU B 93 -28.01 -22.53 -8.56
CA LEU B 93 -27.24 -21.37 -8.96
C LEU B 93 -25.99 -21.42 -8.09
N TYR B 94 -24.82 -21.48 -8.71
CA TYR B 94 -23.58 -21.55 -7.95
C TYR B 94 -22.90 -20.20 -7.85
N TYR B 95 -22.74 -19.73 -6.62
CA TYR B 95 -22.15 -18.43 -6.35
C TYR B 95 -20.70 -18.48 -5.93
N CYS B 96 -19.94 -17.52 -6.45
CA CYS B 96 -18.54 -17.34 -6.15
C CYS B 96 -18.53 -16.25 -5.09
N VAL B 97 -18.01 -16.50 -3.91
CA VAL B 97 -18.04 -15.48 -2.87
C VAL B 97 -16.70 -15.17 -2.20
N ARG B 98 -16.42 -13.89 -1.97
CA ARG B 98 -15.21 -13.52 -1.28
C ARG B 98 -15.49 -13.48 0.21
N LEU B 99 -14.61 -14.09 1.00
CA LEU B 99 -14.79 -14.14 2.44
C LEU B 99 -13.78 -13.27 3.17
N ASP B 100 -14.26 -12.26 3.88
CA ASP B 100 -13.38 -11.40 4.66
C ASP B 100 -13.13 -12.19 5.94
N PHE B 101 -11.91 -12.65 6.12
CA PHE B 101 -11.53 -13.49 7.24
C PHE B 101 -10.67 -12.71 8.24
N ASP B 102 -11.18 -12.52 9.45
CA ASP B 102 -10.45 -11.79 10.49
C ASP B 102 -10.43 -12.62 11.78
N VAL B 103 -9.45 -13.51 11.92
CA VAL B 103 -9.39 -14.34 13.12
C VAL B 103 -9.07 -13.54 14.38
N TYR B 104 -8.42 -12.39 14.20
CA TYR B 104 -8.09 -11.56 15.35
C TYR B 104 -9.37 -11.12 16.08
N ASN B 105 -10.35 -10.63 15.33
CA ASN B 105 -11.62 -10.17 15.90
C ASN B 105 -12.74 -11.19 15.74
N HIS B 106 -12.42 -12.39 15.27
CA HIS B 106 -13.47 -13.38 15.05
C HIS B 106 -14.58 -12.74 14.24
N TYR B 107 -14.15 -12.16 13.13
CA TYR B 107 -15.04 -11.49 12.21
C TYR B 107 -14.93 -12.21 10.88
N TYR B 108 -16.00 -12.88 10.49
CA TYR B 108 -15.99 -13.62 9.23
C TYR B 108 -17.22 -13.25 8.43
N VAL B 109 -17.03 -12.51 7.34
CA VAL B 109 -18.15 -12.08 6.52
C VAL B 109 -18.02 -12.41 5.04
N LEU B 110 -19.09 -12.87 4.42
CA LEU B 110 -19.09 -13.12 3.00
C LEU B 110 -19.45 -11.79 2.36
N ASP B 111 -18.46 -10.91 2.18
CA ASP B 111 -18.76 -9.59 1.64
C ASP B 111 -19.29 -9.48 0.23
N TYR B 112 -18.47 -9.78 -0.78
CA TYR B 112 -18.92 -9.67 -2.18
C TYR B 112 -19.29 -11.01 -2.77
N TRP B 113 -20.37 -11.01 -3.54
CA TRP B 113 -20.86 -12.22 -4.19
C TRP B 113 -20.99 -12.01 -5.68
N GLY B 114 -20.76 -13.06 -6.45
CA GLY B 114 -20.94 -12.95 -7.88
C GLY B 114 -22.44 -13.16 -8.09
N GLN B 115 -22.93 -13.04 -9.32
CA GLN B 115 -24.35 -13.25 -9.51
C GLN B 115 -24.65 -14.72 -9.80
N GLY B 116 -23.61 -15.55 -9.73
CA GLY B 116 -23.75 -16.98 -9.94
C GLY B 116 -23.88 -17.47 -11.37
N THR B 117 -23.68 -18.78 -11.52
CA THR B 117 -23.80 -19.45 -12.81
C THR B 117 -24.74 -20.62 -12.61
N SER B 118 -25.77 -20.69 -13.44
CA SER B 118 -26.76 -21.75 -13.32
C SER B 118 -26.30 -23.11 -13.81
N VAL B 119 -26.67 -24.15 -13.05
CA VAL B 119 -26.32 -25.54 -13.39
C VAL B 119 -27.53 -26.45 -13.23
N THR B 120 -27.91 -27.13 -14.31
CA THR B 120 -29.04 -28.06 -14.30
C THR B 120 -28.57 -29.50 -14.60
N VAL B 121 -28.77 -30.38 -13.63
CA VAL B 121 -28.40 -31.77 -13.80
C VAL B 121 -29.63 -32.54 -14.23
N SER B 122 -29.79 -32.70 -15.53
CA SER B 122 -30.93 -33.40 -16.08
C SER B 122 -30.52 -34.39 -17.15
N SER B 123 -31.44 -35.30 -17.47
CA SER B 123 -31.17 -36.29 -18.50
C SER B 123 -31.84 -35.80 -19.77
N ALA B 124 -32.66 -34.75 -19.64
CA ALA B 124 -33.37 -34.17 -20.78
C ALA B 124 -32.42 -33.48 -21.74
N SER B 125 -32.93 -33.21 -22.93
CA SER B 125 -32.15 -32.56 -23.97
C SER B 125 -32.37 -31.06 -23.86
N THR B 126 -31.45 -30.28 -24.39
CA THR B 126 -31.60 -28.84 -24.35
C THR B 126 -32.57 -28.40 -25.45
N LYS B 127 -33.49 -27.49 -25.10
CA LYS B 127 -34.49 -27.00 -26.06
C LYS B 127 -34.58 -25.49 -26.07
N GLY B 128 -34.75 -24.92 -27.26
CA GLY B 128 -34.84 -23.48 -27.38
C GLY B 128 -36.24 -22.96 -27.16
N PRO B 129 -36.38 -21.68 -26.75
CA PRO B 129 -37.66 -21.04 -26.49
C PRO B 129 -38.39 -20.55 -27.73
N SER B 130 -39.72 -20.55 -27.64
CA SER B 130 -40.57 -20.03 -28.71
C SER B 130 -40.94 -18.65 -28.21
N VAL B 131 -40.72 -17.63 -29.03
CA VAL B 131 -41.05 -16.30 -28.58
C VAL B 131 -42.30 -15.79 -29.27
N PHE B 132 -43.36 -15.59 -28.48
CA PHE B 132 -44.63 -15.12 -28.98
C PHE B 132 -44.88 -13.70 -28.52
N PRO B 133 -45.52 -12.90 -29.37
CA PRO B 133 -45.81 -11.50 -29.03
C PRO B 133 -47.12 -11.28 -28.25
N LEU B 134 -47.03 -10.45 -27.21
CA LEU B 134 -48.21 -10.09 -26.42
C LEU B 134 -48.57 -8.70 -26.90
N ALA B 135 -49.29 -8.67 -28.03
CA ALA B 135 -49.70 -7.43 -28.69
C ALA B 135 -50.42 -6.39 -27.82
N PRO B 136 -50.13 -5.09 -28.06
CA PRO B 136 -50.72 -3.96 -27.33
C PRO B 136 -52.21 -3.95 -27.61
N SER B 137 -53.01 -4.20 -26.58
CA SER B 137 -54.47 -4.23 -26.72
C SER B 137 -55.03 -2.82 -26.62
N SER B 138 -54.30 -1.88 -27.24
CA SER B 138 -54.65 -0.46 -27.23
C SER B 138 -54.18 0.24 -28.52
N LYS B 139 -54.65 1.47 -28.74
CA LYS B 139 -54.28 2.27 -29.91
C LYS B 139 -53.77 3.64 -29.48
N SER B 140 -53.51 4.52 -30.44
CA SER B 140 -53.01 5.85 -30.12
C SER B 140 -54.11 6.77 -29.55
N THR B 141 -55.27 6.76 -30.21
CA THR B 141 -56.42 7.58 -29.82
C THR B 141 -56.79 7.45 -28.35
N SER B 142 -56.81 6.21 -27.85
CA SER B 142 -57.17 5.93 -26.46
C SER B 142 -56.45 6.86 -25.49
N GLY B 143 -55.23 7.26 -25.84
CA GLY B 143 -54.46 8.16 -25.01
C GLY B 143 -54.01 7.57 -23.68
N GLY B 144 -52.72 7.62 -23.44
CA GLY B 144 -52.17 7.11 -22.21
C GLY B 144 -51.06 6.13 -22.45
N THR B 145 -51.07 5.05 -21.67
CA THR B 145 -50.04 4.04 -21.81
C THR B 145 -50.66 2.69 -22.15
N ALA B 146 -49.92 1.91 -22.93
CA ALA B 146 -50.36 0.60 -23.35
C ALA B 146 -49.38 -0.49 -22.88
N ALA B 147 -49.92 -1.66 -22.55
CA ALA B 147 -49.07 -2.76 -22.10
C ALA B 147 -48.83 -3.76 -23.24
N LEU B 148 -47.57 -4.15 -23.42
CA LEU B 148 -47.21 -5.11 -24.45
C LEU B 148 -46.04 -5.95 -23.93
N GLY B 149 -45.72 -7.03 -24.61
CA GLY B 149 -44.62 -7.85 -24.15
C GLY B 149 -44.34 -9.08 -24.98
N CYS B 150 -43.54 -9.97 -24.42
CA CYS B 150 -43.17 -11.22 -25.08
C CYS B 150 -43.40 -12.43 -24.20
N LEU B 151 -43.88 -13.50 -24.82
CA LEU B 151 -44.11 -14.74 -24.13
C LEU B 151 -43.02 -15.70 -24.59
N VAL B 152 -42.10 -16.03 -23.69
CA VAL B 152 -41.01 -16.93 -23.99
C VAL B 152 -41.43 -18.28 -23.43
N LYS B 153 -41.94 -19.17 -24.27
CA LYS B 153 -42.37 -20.45 -23.75
C LYS B 153 -41.72 -21.72 -24.29
N ASP B 154 -41.79 -22.77 -23.48
CA ASP B 154 -41.26 -24.10 -23.79
C ASP B 154 -39.78 -24.18 -24.09
N TYR B 155 -38.93 -23.90 -23.09
CA TYR B 155 -37.49 -23.99 -23.27
C TYR B 155 -36.90 -24.75 -22.10
N PHE B 156 -35.66 -25.21 -22.25
CA PHE B 156 -35.01 -25.97 -21.20
C PHE B 156 -33.52 -26.05 -21.50
N PRO B 157 -32.67 -25.84 -20.49
CA PRO B 157 -33.06 -25.56 -19.10
C PRO B 157 -32.98 -24.04 -18.89
N GLU B 158 -33.12 -23.61 -17.64
CA GLU B 158 -32.99 -22.20 -17.34
C GLU B 158 -31.51 -21.90 -17.61
N PRO B 159 -31.18 -20.63 -17.83
CA PRO B 159 -32.10 -19.51 -17.85
C PRO B 159 -32.12 -18.83 -19.22
N VAL B 160 -33.09 -17.94 -19.38
CA VAL B 160 -33.23 -17.16 -20.60
C VAL B 160 -33.10 -15.71 -20.15
N THR B 161 -32.55 -14.85 -21.01
CA THR B 161 -32.44 -13.44 -20.64
C THR B 161 -33.23 -12.65 -21.67
N VAL B 162 -33.97 -11.66 -21.20
CA VAL B 162 -34.78 -10.84 -22.08
C VAL B 162 -34.53 -9.36 -21.88
N SER B 163 -34.33 -8.65 -22.98
CA SER B 163 -34.11 -7.23 -22.93
C SER B 163 -35.00 -6.60 -24.00
N TRP B 164 -35.20 -5.29 -23.93
CA TRP B 164 -36.02 -4.59 -24.92
C TRP B 164 -35.21 -3.55 -25.67
N ASN B 165 -35.30 -3.61 -27.00
CA ASN B 165 -34.58 -2.67 -27.85
C ASN B 165 -33.11 -2.66 -27.47
N SER B 166 -32.55 -3.85 -27.42
CA SER B 166 -31.14 -4.04 -27.10
C SER B 166 -30.68 -3.33 -25.83
N GLY B 167 -31.60 -3.12 -24.88
CA GLY B 167 -31.21 -2.48 -23.64
C GLY B 167 -31.64 -1.02 -23.55
N ALA B 168 -31.96 -0.43 -24.69
CA ALA B 168 -32.37 0.97 -24.71
C ALA B 168 -33.62 1.21 -23.85
N LEU B 169 -34.52 0.24 -23.84
CA LEU B 169 -35.76 0.33 -23.08
C LEU B 169 -35.66 -0.53 -21.83
N THR B 170 -35.74 0.11 -20.67
CA THR B 170 -35.67 -0.63 -19.41
C THR B 170 -36.73 -0.16 -18.43
N SER B 171 -37.23 1.06 -18.64
CA SER B 171 -38.24 1.61 -17.77
C SER B 171 -39.63 1.09 -18.09
N GLY B 172 -40.26 0.50 -17.08
CA GLY B 172 -41.60 -0.04 -17.23
C GLY B 172 -41.56 -1.52 -17.59
N VAL B 173 -40.36 -2.06 -17.68
CA VAL B 173 -40.19 -3.46 -18.03
C VAL B 173 -40.32 -4.36 -16.83
N HIS B 174 -41.07 -5.45 -17.00
CA HIS B 174 -41.27 -6.44 -15.95
C HIS B 174 -41.07 -7.83 -16.53
N THR B 175 -39.96 -8.46 -16.20
CA THR B 175 -39.71 -9.81 -16.69
C THR B 175 -39.94 -10.75 -15.52
N PHE B 176 -41.05 -11.48 -15.57
CA PHE B 176 -41.41 -12.39 -14.50
C PHE B 176 -40.52 -13.61 -14.40
N PRO B 177 -40.46 -14.19 -13.20
CA PRO B 177 -39.63 -15.38 -13.01
C PRO B 177 -40.23 -16.53 -13.83
N ALA B 178 -39.37 -17.35 -14.41
CA ALA B 178 -39.82 -18.46 -15.23
C ALA B 178 -40.65 -19.46 -14.41
N VAL B 179 -41.62 -20.11 -15.03
CA VAL B 179 -42.41 -21.11 -14.34
C VAL B 179 -42.17 -22.47 -14.98
N LEU B 180 -42.17 -23.50 -14.16
CA LEU B 180 -41.97 -24.85 -14.64
C LEU B 180 -43.32 -25.45 -15.01
N GLN B 181 -43.52 -25.66 -16.30
CA GLN B 181 -44.77 -26.21 -16.78
C GLN B 181 -44.78 -27.71 -16.53
N SER B 182 -45.98 -28.29 -16.54
CA SER B 182 -46.14 -29.73 -16.33
C SER B 182 -45.27 -30.49 -17.33
N SER B 183 -45.18 -29.95 -18.53
CA SER B 183 -44.41 -30.58 -19.59
C SER B 183 -42.93 -30.68 -19.23
N GLY B 184 -42.55 -30.09 -18.09
CA GLY B 184 -41.15 -30.13 -17.69
C GLY B 184 -40.35 -29.04 -18.38
N LEU B 185 -41.02 -28.21 -19.16
CA LEU B 185 -40.37 -27.12 -19.87
C LEU B 185 -40.65 -25.80 -19.15
N TYR B 186 -39.71 -24.87 -19.28
CA TYR B 186 -39.85 -23.57 -18.66
C TYR B 186 -40.53 -22.59 -19.60
N SER B 187 -41.11 -21.56 -19.01
CA SER B 187 -41.83 -20.54 -19.77
C SER B 187 -41.92 -19.28 -18.91
N LEU B 188 -41.87 -18.12 -19.56
CA LEU B 188 -41.96 -16.85 -18.85
C LEU B 188 -42.41 -15.72 -19.76
N SER B 189 -42.85 -14.63 -19.16
CA SER B 189 -43.29 -13.47 -19.91
C SER B 189 -42.51 -12.24 -19.50
N SER B 190 -42.45 -11.28 -20.41
CA SER B 190 -41.80 -10.03 -20.13
C SER B 190 -42.69 -8.98 -20.74
N VAL B 191 -43.20 -8.09 -19.90
CA VAL B 191 -44.07 -7.02 -20.38
C VAL B 191 -43.42 -5.66 -20.15
N VAL B 192 -43.99 -4.64 -20.78
CA VAL B 192 -43.49 -3.28 -20.63
C VAL B 192 -44.53 -2.30 -21.10
N THR B 193 -44.68 -1.19 -20.38
CA THR B 193 -45.66 -0.18 -20.77
C THR B 193 -44.98 0.97 -21.51
N VAL B 194 -45.63 1.42 -22.59
CA VAL B 194 -45.12 2.52 -23.40
C VAL B 194 -46.29 3.46 -23.72
N PRO B 195 -45.99 4.69 -24.21
CA PRO B 195 -47.09 5.60 -24.52
C PRO B 195 -47.82 5.22 -25.80
N SER B 196 -49.14 5.02 -25.68
CA SER B 196 -49.98 4.65 -26.82
C SER B 196 -49.54 5.35 -28.11
N SER B 197 -49.40 6.67 -28.06
CA SER B 197 -49.01 7.43 -29.23
C SER B 197 -47.79 6.87 -29.98
N SER B 198 -46.78 6.44 -29.23
CA SER B 198 -45.57 5.90 -29.87
C SER B 198 -45.86 4.63 -30.66
N LEU B 199 -47.01 4.01 -30.40
CA LEU B 199 -47.42 2.79 -31.10
C LEU B 199 -47.65 3.14 -32.55
N GLY B 200 -46.87 2.49 -33.43
CA GLY B 200 -46.97 2.78 -34.85
C GLY B 200 -45.75 3.54 -35.30
N THR B 201 -45.19 4.34 -34.41
CA THR B 201 -44.00 5.13 -34.71
C THR B 201 -42.78 4.42 -34.14
N GLN B 202 -42.78 4.29 -32.81
CA GLN B 202 -41.71 3.64 -32.11
C GLN B 202 -41.77 2.12 -32.31
N THR B 203 -40.61 1.49 -32.37
CA THR B 203 -40.56 0.06 -32.56
C THR B 203 -40.19 -0.60 -31.25
N TYR B 204 -40.96 -1.62 -30.88
CA TYR B 204 -40.67 -2.35 -29.65
C TYR B 204 -40.24 -3.78 -29.99
N ILE B 205 -39.00 -4.09 -29.61
CA ILE B 205 -38.43 -5.39 -29.88
C ILE B 205 -37.90 -5.99 -28.60
N CYS B 206 -38.26 -7.25 -28.34
CA CYS B 206 -37.76 -7.91 -27.16
C CYS B 206 -36.65 -8.83 -27.63
N ASN B 207 -35.52 -8.80 -26.94
CA ASN B 207 -34.39 -9.62 -27.31
C ASN B 207 -34.26 -10.78 -26.33
N VAL B 208 -34.60 -11.97 -26.81
CA VAL B 208 -34.52 -13.16 -25.98
C VAL B 208 -33.25 -13.91 -26.28
N ASN B 209 -32.62 -14.44 -25.24
CA ASN B 209 -31.39 -15.18 -25.41
C ASN B 209 -31.40 -16.42 -24.52
N HIS B 210 -31.00 -17.54 -25.10
CA HIS B 210 -30.96 -18.82 -24.38
C HIS B 210 -29.67 -19.55 -24.71
N LYS B 211 -28.62 -19.26 -23.96
CA LYS B 211 -27.32 -19.88 -24.19
C LYS B 211 -27.32 -21.39 -24.39
N PRO B 212 -27.93 -22.15 -23.47
CA PRO B 212 -27.99 -23.60 -23.56
C PRO B 212 -28.33 -24.16 -24.94
N SER B 213 -29.24 -23.50 -25.66
CA SER B 213 -29.63 -23.94 -26.99
C SER B 213 -29.07 -23.00 -28.04
N ASN B 214 -28.17 -22.11 -27.61
CA ASN B 214 -27.55 -21.15 -28.50
C ASN B 214 -28.62 -20.44 -29.32
N THR B 215 -29.71 -20.08 -28.65
CA THR B 215 -30.82 -19.40 -29.29
C THR B 215 -30.77 -17.92 -29.02
N LYS B 216 -31.08 -17.14 -30.04
CA LYS B 216 -31.12 -15.69 -29.93
C LYS B 216 -32.27 -15.25 -30.82
N VAL B 217 -33.28 -14.65 -30.20
CA VAL B 217 -34.45 -14.20 -30.93
C VAL B 217 -34.81 -12.76 -30.63
N ASP B 218 -35.17 -12.03 -31.68
CA ASP B 218 -35.59 -10.64 -31.57
C ASP B 218 -36.97 -10.58 -32.16
N LYS B 219 -37.98 -10.55 -31.31
CA LYS B 219 -39.34 -10.48 -31.81
C LYS B 219 -39.85 -9.06 -31.69
N LYS B 220 -40.42 -8.56 -32.79
CA LYS B 220 -40.96 -7.20 -32.83
C LYS B 220 -42.45 -7.28 -32.50
N VAL B 221 -42.84 -6.68 -31.38
CA VAL B 221 -44.24 -6.70 -30.99
C VAL B 221 -44.97 -5.50 -31.54
N GLU B 222 -46.01 -5.77 -32.35
CA GLU B 222 -46.81 -4.70 -32.94
C GLU B 222 -48.27 -4.85 -32.58
N PRO B 223 -49.06 -3.77 -32.75
CA PRO B 223 -50.50 -3.83 -32.43
C PRO B 223 -51.16 -4.77 -33.44
N LYS B 224 -51.84 -5.81 -32.97
CA LYS B 224 -52.48 -6.75 -33.90
C LYS B 224 -53.45 -6.07 -34.85
N SER B 225 -53.27 -6.34 -36.15
CA SER B 225 -54.09 -5.76 -37.20
C SER B 225 -55.57 -6.15 -37.19
N CYS B 226 -56.43 -5.14 -37.12
CA CYS B 226 -57.87 -5.34 -37.12
C CYS B 226 -58.47 -4.91 -38.46
N GLU C 1 -36.35 40.11 -10.53
CA GLU C 1 -36.82 38.71 -10.67
C GLU C 1 -36.33 37.87 -9.47
N LEU C 2 -37.27 37.29 -8.74
CA LEU C 2 -36.89 36.47 -7.60
C LEU C 2 -35.77 35.50 -7.98
N VAL C 3 -34.74 35.44 -7.15
CA VAL C 3 -33.61 34.55 -7.39
C VAL C 3 -33.35 33.72 -6.15
N VAL C 4 -33.61 32.42 -6.25
CA VAL C 4 -33.40 31.51 -5.14
C VAL C 4 -31.95 31.05 -5.23
N THR C 5 -31.24 31.11 -4.11
CA THR C 5 -29.83 30.75 -4.06
C THR C 5 -29.53 29.66 -3.05
N GLN C 6 -28.64 28.75 -3.43
CA GLN C 6 -28.22 27.66 -2.55
C GLN C 6 -26.70 27.55 -2.65
N GLU C 7 -26.09 26.96 -1.64
CA GLU C 7 -24.65 26.73 -1.62
C GLU C 7 -24.39 25.80 -2.78
N SER C 8 -23.39 26.08 -3.61
CA SER C 8 -23.11 25.20 -4.74
C SER C 8 -22.77 23.77 -4.32
N ALA C 9 -21.91 23.62 -3.33
CA ALA C 9 -21.53 22.29 -2.87
C ALA C 9 -21.24 22.23 -1.38
N LEU C 10 -21.43 21.04 -0.81
CA LEU C 10 -21.19 20.79 0.60
C LEU C 10 -20.64 19.38 0.73
N THR C 11 -19.77 19.18 1.70
CA THR C 11 -19.20 17.86 1.93
C THR C 11 -19.34 17.48 3.39
N THR C 12 -19.81 16.26 3.66
CA THR C 12 -19.96 15.82 5.04
C THR C 12 -19.50 14.37 5.13
N SER C 13 -19.28 13.91 6.36
CA SER C 13 -18.85 12.54 6.58
C SER C 13 -20.06 11.74 7.04
N PRO C 14 -20.04 10.43 6.77
CA PRO C 14 -21.17 9.59 7.19
C PRO C 14 -21.49 9.75 8.66
N GLY C 15 -22.76 9.57 9.01
CA GLY C 15 -23.18 9.69 10.39
C GLY C 15 -23.27 11.12 10.87
N GLU C 16 -22.67 12.05 10.13
CA GLU C 16 -22.72 13.46 10.52
C GLU C 16 -24.04 14.09 10.15
N THR C 17 -24.20 15.34 10.54
CA THR C 17 -25.43 16.08 10.24
C THR C 17 -25.08 17.28 9.39
N VAL C 18 -25.83 17.48 8.33
CA VAL C 18 -25.56 18.60 7.44
C VAL C 18 -26.84 19.35 7.08
N THR C 19 -26.71 20.65 6.82
CA THR C 19 -27.86 21.45 6.49
C THR C 19 -27.64 22.29 5.27
N LEU C 20 -28.56 22.17 4.32
CA LEU C 20 -28.49 22.94 3.08
C LEU C 20 -29.49 24.11 3.21
N THR C 21 -29.12 25.31 2.79
CA THR C 21 -30.06 26.41 2.91
C THR C 21 -30.55 26.89 1.55
N CYS C 22 -31.64 27.65 1.60
CA CYS C 22 -32.30 28.17 0.41
C CYS C 22 -32.73 29.60 0.69
N ARG C 23 -32.10 30.58 0.04
CA ARG C 23 -32.50 31.96 0.29
C ARG C 23 -33.08 32.72 -0.89
N SER C 24 -33.98 33.63 -0.56
CA SER C 24 -34.67 34.46 -1.54
C SER C 24 -33.98 35.80 -1.70
N SER C 25 -33.96 36.29 -2.93
CA SER C 25 -33.33 37.56 -3.22
C SER C 25 -34.28 38.69 -2.87
N SER C 26 -35.56 38.35 -2.69
CA SER C 26 -36.55 39.37 -2.38
C SER C 26 -36.86 39.46 -0.91
N GLY C 27 -36.02 38.83 -0.08
CA GLY C 27 -36.27 38.89 1.35
C GLY C 27 -36.19 37.55 2.07
N ALA C 28 -36.72 37.53 3.29
CA ALA C 28 -36.70 36.32 4.08
C ALA C 28 -37.70 35.31 3.54
N VAL C 29 -37.33 34.05 3.56
CA VAL C 29 -38.24 33.00 3.10
C VAL C 29 -39.26 32.81 4.20
N THR C 30 -40.51 32.62 3.81
CA THR C 30 -41.58 32.44 4.77
C THR C 30 -42.53 31.32 4.40
N THR C 31 -43.29 30.88 5.40
CA THR C 31 -44.27 29.81 5.22
C THR C 31 -45.05 29.91 3.92
N SER C 32 -45.40 31.13 3.54
CA SER C 32 -46.16 31.34 2.34
C SER C 32 -45.36 31.09 1.06
N ASN C 33 -44.10 30.71 1.21
CA ASN C 33 -43.29 30.40 0.04
C ASN C 33 -43.34 28.90 -0.18
N TYR C 34 -43.87 28.19 0.81
CA TYR C 34 -44.04 26.74 0.76
C TYR C 34 -42.81 26.05 0.24
N ALA C 35 -41.66 26.44 0.76
CA ALA C 35 -40.39 25.85 0.37
C ALA C 35 -40.52 24.34 0.18
N THR C 36 -40.00 23.86 -0.94
CA THR C 36 -40.04 22.43 -1.24
C THR C 36 -38.66 21.98 -1.73
N TRP C 37 -38.34 20.71 -1.49
CA TRP C 37 -37.05 20.17 -1.92
C TRP C 37 -37.19 18.95 -2.85
N VAL C 38 -36.24 18.84 -3.76
CA VAL C 38 -36.20 17.75 -4.74
C VAL C 38 -34.79 17.22 -4.79
N GLN C 39 -34.65 15.91 -4.88
CA GLN C 39 -33.34 15.31 -4.96
C GLN C 39 -33.08 14.72 -6.34
N GLU C 40 -31.92 15.04 -6.91
CA GLU C 40 -31.53 14.53 -8.21
C GLU C 40 -30.41 13.51 -8.09
N LYS C 41 -30.71 12.29 -8.50
CA LYS C 41 -29.76 11.19 -8.47
C LYS C 41 -29.28 10.99 -9.91
N PRO C 42 -28.11 10.37 -10.10
CA PRO C 42 -27.62 10.16 -11.47
C PRO C 42 -28.66 9.55 -12.41
N ASP C 43 -28.61 10.01 -13.66
CA ASP C 43 -29.50 9.59 -14.73
C ASP C 43 -30.81 10.33 -14.72
N HIS C 44 -30.79 11.59 -14.28
CA HIS C 44 -32.00 12.41 -14.26
C HIS C 44 -33.14 11.75 -13.50
N LEU C 45 -32.84 11.28 -12.29
CA LEU C 45 -33.84 10.65 -11.45
C LEU C 45 -34.16 11.62 -10.31
N PHE C 46 -35.30 12.28 -10.41
CA PHE C 46 -35.71 13.24 -9.41
C PHE C 46 -36.76 12.70 -8.46
N THR C 47 -36.69 13.14 -7.20
CA THR C 47 -37.63 12.71 -6.19
C THR C 47 -37.96 13.83 -5.21
N GLY C 48 -39.25 14.05 -4.97
CA GLY C 48 -39.65 15.10 -4.05
C GLY C 48 -39.34 14.68 -2.62
N LEU C 49 -38.77 15.58 -1.82
CA LEU C 49 -38.41 15.26 -0.45
C LEU C 49 -39.29 15.93 0.60
N ILE C 50 -39.32 17.26 0.56
CA ILE C 50 -40.07 18.06 1.52
C ILE C 50 -41.05 19.01 0.84
N GLY C 51 -42.13 19.30 1.54
CA GLY C 51 -43.13 20.20 1.01
C GLY C 51 -43.65 21.04 2.14
N GLY C 52 -44.17 22.24 1.82
CA GLY C 52 -44.70 23.10 2.85
C GLY C 52 -43.64 23.40 3.88
N THR C 53 -42.42 23.61 3.40
CA THR C 53 -41.26 23.95 4.23
C THR C 53 -40.71 22.89 5.15
N ASN C 54 -41.56 22.23 5.94
CA ASN C 54 -41.08 21.23 6.89
C ASN C 54 -41.83 19.90 6.89
N LYS C 55 -42.73 19.70 5.94
CA LYS C 55 -43.46 18.43 5.88
C LYS C 55 -42.77 17.45 4.95
N ARG C 56 -42.43 16.29 5.49
CA ARG C 56 -41.75 15.25 4.71
C ARG C 56 -42.68 14.52 3.73
N ALA C 57 -42.15 14.14 2.58
CA ALA C 57 -42.95 13.44 1.58
C ALA C 57 -42.99 11.96 1.93
N PRO C 58 -44.09 11.28 1.58
CA PRO C 58 -44.19 9.85 1.88
C PRO C 58 -43.03 9.08 1.29
N GLY C 59 -42.42 8.20 2.09
CA GLY C 59 -41.30 7.40 1.60
C GLY C 59 -39.94 8.00 1.88
N VAL C 60 -39.90 9.21 2.43
CA VAL C 60 -38.62 9.82 2.73
C VAL C 60 -38.21 9.51 4.17
N PRO C 61 -37.02 8.91 4.38
CA PRO C 61 -36.60 8.61 5.75
C PRO C 61 -36.60 9.84 6.64
N ALA C 62 -36.81 9.60 7.94
CA ALA C 62 -36.86 10.68 8.92
C ALA C 62 -35.56 11.46 9.07
N ARG C 63 -34.48 10.96 8.48
CA ARG C 63 -33.20 11.66 8.59
C ARG C 63 -33.28 13.02 7.93
N PHE C 64 -34.26 13.17 7.06
CA PHE C 64 -34.49 14.41 6.35
C PHE C 64 -35.54 15.25 7.06
N SER C 65 -35.28 16.53 7.19
CA SER C 65 -36.22 17.44 7.81
C SER C 65 -36.10 18.85 7.22
N GLY C 66 -37.19 19.59 7.25
CA GLY C 66 -37.17 20.93 6.71
C GLY C 66 -37.50 21.94 7.77
N SER C 67 -37.15 23.20 7.52
CA SER C 67 -37.45 24.26 8.46
C SER C 67 -36.93 25.59 7.98
N LEU C 68 -37.25 26.62 8.74
CA LEU C 68 -36.78 27.96 8.43
C LEU C 68 -35.69 28.24 9.46
N ILE C 69 -34.53 28.63 8.96
CA ILE C 69 -33.42 28.97 9.82
C ILE C 69 -33.05 30.37 9.35
N GLY C 70 -33.17 31.34 10.24
CA GLY C 70 -32.85 32.70 9.87
C GLY C 70 -33.84 33.14 8.81
N ASP C 71 -33.33 33.72 7.73
CA ASP C 71 -34.19 34.19 6.65
C ASP C 71 -34.23 33.17 5.52
N ARG C 72 -33.71 31.98 5.78
CA ARG C 72 -33.68 30.96 4.75
C ARG C 72 -34.53 29.73 5.08
N ALA C 73 -34.75 28.93 4.04
CA ALA C 73 -35.46 27.68 4.21
C ALA C 73 -34.30 26.70 4.25
N ALA C 74 -34.46 25.58 4.95
CA ALA C 74 -33.36 24.64 5.02
C ALA C 74 -33.78 23.18 5.04
N LEU C 75 -32.88 22.34 4.56
CA LEU C 75 -33.07 20.90 4.52
C LEU C 75 -31.95 20.37 5.37
N THR C 76 -32.30 19.63 6.40
CA THR C 76 -31.32 19.06 7.31
C THR C 76 -31.28 17.55 7.23
N ILE C 77 -30.11 17.01 6.94
CA ILE C 77 -29.94 15.58 6.85
C ILE C 77 -29.12 15.14 8.05
N THR C 78 -29.73 14.37 8.96
CA THR C 78 -28.99 13.90 10.14
C THR C 78 -28.53 12.48 9.87
N GLY C 79 -27.32 12.16 10.29
CA GLY C 79 -26.82 10.82 10.05
C GLY C 79 -26.68 10.56 8.56
N ALA C 80 -25.96 11.46 7.87
CA ALA C 80 -25.75 11.37 6.44
C ALA C 80 -25.22 10.01 6.05
N GLN C 81 -25.79 9.44 4.98
CA GLN C 81 -25.39 8.14 4.47
C GLN C 81 -24.80 8.31 3.06
N THR C 82 -24.03 7.33 2.61
CA THR C 82 -23.44 7.42 1.30
C THR C 82 -24.55 7.52 0.27
N GLU C 83 -25.68 6.90 0.56
CA GLU C 83 -26.81 6.91 -0.35
C GLU C 83 -27.36 8.33 -0.53
N ASP C 84 -26.91 9.26 0.31
CA ASP C 84 -27.39 10.64 0.23
C ASP C 84 -26.66 11.52 -0.77
N GLU C 85 -25.60 11.00 -1.38
CA GLU C 85 -24.85 11.76 -2.36
C GLU C 85 -25.76 12.02 -3.54
N ALA C 86 -26.06 13.30 -3.76
CA ALA C 86 -26.89 13.71 -4.88
C ALA C 86 -26.91 15.22 -4.94
N ILE C 87 -27.78 15.76 -5.78
CA ILE C 87 -27.91 17.20 -5.90
C ILE C 87 -29.28 17.55 -5.36
N TYR C 88 -29.33 18.47 -4.42
CA TYR C 88 -30.60 18.85 -3.84
C TYR C 88 -31.05 20.22 -4.33
N PHE C 89 -32.25 20.23 -4.90
CA PHE C 89 -32.83 21.45 -5.41
C PHE C 89 -33.93 21.93 -4.50
N CYS C 90 -33.99 23.26 -4.33
CA CYS C 90 -35.04 23.86 -3.51
C CYS C 90 -35.82 24.77 -4.43
N ALA C 91 -37.07 24.98 -4.08
CA ALA C 91 -37.92 25.83 -4.88
C ALA C 91 -38.82 26.61 -3.96
N LEU C 92 -39.09 27.85 -4.34
CA LEU C 92 -39.95 28.69 -3.55
C LEU C 92 -41.12 29.16 -4.40
N TRP C 93 -42.29 29.28 -3.79
CA TRP C 93 -43.46 29.74 -4.51
C TRP C 93 -43.57 31.24 -4.35
N ASN C 94 -43.49 31.97 -5.45
CA ASN C 94 -43.57 33.42 -5.41
C ASN C 94 -44.91 33.94 -5.92
N SER C 95 -45.94 33.78 -5.09
CA SER C 95 -47.30 34.22 -5.41
C SER C 95 -47.99 33.57 -6.60
N ASN C 96 -47.37 33.61 -7.78
CA ASN C 96 -48.01 33.01 -8.94
C ASN C 96 -47.10 32.19 -9.84
N HIS C 97 -45.93 31.85 -9.34
CA HIS C 97 -44.99 31.05 -10.12
C HIS C 97 -43.95 30.40 -9.15
N LEU C 98 -43.36 29.30 -9.58
CA LEU C 98 -42.36 28.59 -8.76
C LEU C 98 -40.95 28.88 -9.22
N VAL C 99 -40.04 29.09 -8.28
CA VAL C 99 -38.66 29.35 -8.66
C VAL C 99 -37.71 28.38 -7.96
N PHE C 100 -36.90 27.71 -8.76
CA PHE C 100 -35.93 26.74 -8.27
C PHE C 100 -34.63 27.42 -7.89
N GLY C 101 -33.88 26.79 -7.00
CA GLY C 101 -32.60 27.31 -6.64
C GLY C 101 -31.63 26.66 -7.62
N GLY C 102 -30.34 26.95 -7.47
CA GLY C 102 -29.35 26.37 -8.37
C GLY C 102 -28.98 24.94 -7.99
N GLY C 103 -29.46 24.50 -6.83
CA GLY C 103 -29.16 23.15 -6.38
C GLY C 103 -27.84 23.09 -5.64
N THR C 104 -27.73 22.14 -4.72
CA THR C 104 -26.52 21.96 -3.95
C THR C 104 -26.01 20.54 -4.13
N LYS C 105 -24.76 20.41 -4.52
CA LYS C 105 -24.18 19.09 -4.68
C LYS C 105 -23.65 18.65 -3.34
N LEU C 106 -24.22 17.60 -2.79
CA LEU C 106 -23.81 17.07 -1.49
C LEU C 106 -22.88 15.90 -1.68
N GLU C 107 -21.68 16.05 -1.16
CA GLU C 107 -20.68 15.00 -1.28
C GLU C 107 -20.50 14.31 0.07
N ILE C 108 -20.47 12.98 0.05
CA ILE C 108 -20.26 12.25 1.29
C ILE C 108 -18.83 11.76 1.27
N LYS C 109 -18.07 12.21 2.25
CA LYS C 109 -16.66 11.88 2.37
C LYS C 109 -16.40 10.42 2.69
N ARG C 110 -15.37 9.90 2.05
CA ARG C 110 -14.96 8.52 2.22
C ARG C 110 -13.46 8.52 2.20
N THR C 111 -12.88 7.40 2.61
CA THR C 111 -11.42 7.24 2.65
C THR C 111 -10.80 7.41 1.27
N VAL C 112 -9.60 7.98 1.25
CA VAL C 112 -8.86 8.22 0.02
C VAL C 112 -8.78 6.94 -0.79
N ALA C 113 -9.05 7.06 -2.09
CA ALA C 113 -8.99 5.92 -2.99
C ALA C 113 -8.27 6.36 -4.26
N ALA C 114 -7.05 5.86 -4.46
CA ALA C 114 -6.28 6.21 -5.64
C ALA C 114 -6.97 5.62 -6.85
N PRO C 115 -6.86 6.29 -8.00
CA PRO C 115 -7.48 5.81 -9.24
C PRO C 115 -6.71 4.70 -9.93
N SER C 116 -7.42 3.88 -10.71
CA SER C 116 -6.79 2.83 -11.48
C SER C 116 -6.68 3.51 -12.82
N VAL C 117 -5.48 3.59 -13.36
CA VAL C 117 -5.32 4.28 -14.63
C VAL C 117 -5.17 3.33 -15.81
N PHE C 118 -5.80 3.70 -16.93
CA PHE C 118 -5.77 2.91 -18.15
C PHE C 118 -5.63 3.85 -19.35
N ILE C 119 -4.83 3.46 -20.32
CA ILE C 119 -4.65 4.29 -21.51
C ILE C 119 -5.07 3.48 -22.72
N PHE C 120 -5.84 4.11 -23.58
CA PHE C 120 -6.34 3.45 -24.77
C PHE C 120 -5.85 4.13 -26.04
N PRO C 121 -5.06 3.41 -26.85
CA PRO C 121 -4.56 4.00 -28.08
C PRO C 121 -5.72 4.08 -29.07
N PRO C 122 -5.61 4.91 -30.10
CA PRO C 122 -6.70 5.01 -31.07
C PRO C 122 -6.89 3.73 -31.85
N SER C 123 -8.13 3.44 -32.24
CA SER C 123 -8.42 2.23 -33.01
C SER C 123 -8.00 2.46 -34.46
N ASP C 124 -7.74 1.37 -35.17
CA ASP C 124 -7.33 1.47 -36.57
C ASP C 124 -8.46 2.08 -37.39
N GLU C 125 -9.69 1.64 -37.13
CA GLU C 125 -10.81 2.17 -37.87
C GLU C 125 -10.96 3.68 -37.71
N GLN C 126 -10.68 4.20 -36.51
CA GLN C 126 -10.78 5.64 -36.31
C GLN C 126 -9.71 6.37 -37.11
N LEU C 127 -8.54 5.74 -37.23
CA LEU C 127 -7.44 6.35 -37.95
C LEU C 127 -7.75 6.57 -39.44
N LYS C 128 -8.54 5.65 -40.02
CA LYS C 128 -8.92 5.78 -41.43
C LYS C 128 -9.67 7.10 -41.67
N SER C 129 -10.39 7.55 -40.64
CA SER C 129 -11.17 8.78 -40.70
C SER C 129 -10.26 10.04 -40.67
N GLY C 130 -8.96 9.83 -40.51
CA GLY C 130 -8.04 10.94 -40.47
C GLY C 130 -7.81 11.53 -39.09
N THR C 131 -8.55 11.03 -38.09
CA THR C 131 -8.39 11.54 -36.74
C THR C 131 -7.96 10.43 -35.78
N ALA C 132 -7.30 10.83 -34.69
CA ALA C 132 -6.83 9.88 -33.69
C ALA C 132 -7.18 10.36 -32.30
N SER C 133 -7.95 9.55 -31.57
CA SER C 133 -8.34 9.88 -30.21
C SER C 133 -7.65 8.95 -29.23
N VAL C 134 -6.91 9.54 -28.31
CA VAL C 134 -6.21 8.77 -27.29
C VAL C 134 -6.98 8.95 -26.00
N VAL C 135 -7.42 7.86 -25.40
CA VAL C 135 -8.20 7.93 -24.17
C VAL C 135 -7.47 7.48 -22.91
N CYS C 136 -7.63 8.24 -21.84
CA CYS C 136 -7.02 7.90 -20.57
C CYS C 136 -8.14 7.77 -19.53
N LEU C 137 -8.18 6.62 -18.86
CA LEU C 137 -9.20 6.38 -17.86
C LEU C 137 -8.71 6.29 -16.42
N LEU C 138 -9.27 7.12 -15.56
CA LEU C 138 -8.96 7.10 -14.13
C LEU C 138 -10.22 6.49 -13.51
N ASN C 139 -10.08 5.33 -12.88
CA ASN C 139 -11.22 4.66 -12.32
C ASN C 139 -11.38 4.62 -10.80
N ASN C 140 -12.62 4.84 -10.36
CA ASN C 140 -13.00 4.82 -8.95
C ASN C 140 -12.00 5.38 -7.95
N PHE C 141 -11.91 6.70 -7.89
CA PHE C 141 -11.00 7.32 -6.96
C PHE C 141 -11.73 8.33 -6.07
N TYR C 142 -11.01 8.83 -5.07
CA TYR C 142 -11.56 9.84 -4.19
C TYR C 142 -10.42 10.41 -3.35
N PRO C 143 -10.41 11.74 -3.13
CA PRO C 143 -11.36 12.77 -3.57
C PRO C 143 -11.44 12.94 -5.08
N ARG C 144 -12.22 13.90 -5.53
CA ARG C 144 -12.37 14.15 -6.96
C ARG C 144 -11.19 14.84 -7.59
N GLU C 145 -10.48 15.66 -6.81
CA GLU C 145 -9.32 16.39 -7.33
C GLU C 145 -8.26 15.43 -7.88
N ALA C 146 -8.07 15.47 -9.20
CA ALA C 146 -7.09 14.62 -9.87
C ALA C 146 -6.57 15.38 -11.07
N LYS C 147 -5.26 15.39 -11.26
CA LYS C 147 -4.66 16.10 -12.38
C LYS C 147 -4.16 15.10 -13.41
N VAL C 148 -4.64 15.25 -14.65
CA VAL C 148 -4.21 14.36 -15.72
C VAL C 148 -3.42 15.14 -16.76
N GLN C 149 -2.17 14.76 -16.97
CA GLN C 149 -1.34 15.44 -17.97
C GLN C 149 -0.93 14.53 -19.11
N TRP C 150 -1.07 15.03 -20.33
CA TRP C 150 -0.69 14.23 -21.48
C TRP C 150 0.71 14.62 -21.93
N LYS C 151 1.48 13.62 -22.35
CA LYS C 151 2.84 13.85 -22.83
C LYS C 151 3.05 13.01 -24.06
N VAL C 152 3.38 13.68 -25.16
CA VAL C 152 3.64 13.00 -26.41
C VAL C 152 5.13 13.12 -26.64
N ASP C 153 5.86 12.02 -26.47
CA ASP C 153 7.31 12.04 -26.61
C ASP C 153 7.88 13.07 -25.66
N ASN C 154 7.45 13.00 -24.39
CA ASN C 154 7.91 13.91 -23.35
C ASN C 154 7.54 15.38 -23.53
N ALA C 155 6.59 15.65 -24.43
CA ALA C 155 6.17 17.02 -24.66
C ALA C 155 4.80 17.19 -23.99
N LEU C 156 4.77 17.90 -22.87
CA LEU C 156 3.52 18.13 -22.16
C LEU C 156 2.53 18.86 -23.07
N GLN C 157 1.41 18.20 -23.37
CA GLN C 157 0.39 18.77 -24.24
C GLN C 157 -0.45 19.82 -23.51
N SER C 158 -1.27 20.55 -24.27
CA SER C 158 -2.14 21.58 -23.70
C SER C 158 -3.15 22.07 -24.74
N GLY C 159 -4.40 22.19 -24.31
CA GLY C 159 -5.44 22.67 -25.20
C GLY C 159 -5.97 21.66 -26.21
N ASN C 160 -5.52 20.42 -26.16
CA ASN C 160 -5.99 19.41 -27.11
C ASN C 160 -6.57 18.19 -26.40
N SER C 161 -7.13 18.40 -25.22
CA SER C 161 -7.74 17.32 -24.46
C SER C 161 -8.93 17.79 -23.65
N GLN C 162 -9.94 16.95 -23.60
CA GLN C 162 -11.15 17.23 -22.87
C GLN C 162 -11.38 16.09 -21.90
N GLU C 163 -11.92 16.37 -20.72
CA GLU C 163 -12.19 15.31 -19.77
C GLU C 163 -13.63 15.29 -19.32
N SER C 164 -14.06 14.14 -18.82
CA SER C 164 -15.42 13.95 -18.35
C SER C 164 -15.33 13.20 -17.02
N VAL C 165 -16.21 13.53 -16.09
CA VAL C 165 -16.20 12.87 -14.80
C VAL C 165 -17.61 12.40 -14.47
N THR C 166 -17.71 11.23 -13.86
CA THR C 166 -19.00 10.69 -13.50
C THR C 166 -19.43 11.25 -12.15
N GLU C 167 -20.68 10.97 -11.78
CA GLU C 167 -21.19 11.43 -10.51
C GLU C 167 -20.64 10.51 -9.44
N GLN C 168 -20.55 11.00 -8.21
CA GLN C 168 -20.05 10.19 -7.12
C GLN C 168 -20.88 8.91 -7.10
N ASP C 169 -20.23 7.77 -7.23
CA ASP C 169 -20.91 6.48 -7.23
C ASP C 169 -21.66 6.30 -5.90
N SER C 170 -22.91 5.89 -5.99
CA SER C 170 -23.76 5.69 -4.82
C SER C 170 -23.23 4.60 -3.89
N LYS C 171 -22.56 3.60 -4.48
CA LYS C 171 -22.00 2.48 -3.73
C LYS C 171 -20.73 2.85 -2.98
N ASP C 172 -19.62 2.90 -3.72
CA ASP C 172 -18.32 3.22 -3.14
C ASP C 172 -18.00 4.69 -2.98
N SER C 173 -18.92 5.56 -3.37
CA SER C 173 -18.70 7.01 -3.23
C SER C 173 -17.49 7.53 -4.00
N THR C 174 -17.09 6.83 -5.07
CA THR C 174 -15.94 7.30 -5.84
C THR C 174 -16.36 7.98 -7.12
N TYR C 175 -15.36 8.53 -7.79
CA TYR C 175 -15.54 9.22 -9.05
C TYR C 175 -14.73 8.46 -10.10
N SER C 176 -15.11 8.62 -11.36
CA SER C 176 -14.38 8.01 -12.47
C SER C 176 -14.23 9.13 -13.49
N LEU C 177 -13.03 9.29 -14.03
CA LEU C 177 -12.78 10.34 -14.99
C LEU C 177 -12.12 9.80 -16.25
N SER C 178 -12.32 10.50 -17.35
CA SER C 178 -11.72 10.10 -18.61
C SER C 178 -11.18 11.35 -19.26
N SER C 179 -9.98 11.26 -19.83
CA SER C 179 -9.39 12.38 -20.52
C SER C 179 -9.12 11.93 -21.92
N THR C 180 -9.55 12.72 -22.89
CA THR C 180 -9.34 12.35 -24.28
C THR C 180 -8.48 13.34 -25.03
N LEU C 181 -7.35 12.84 -25.54
CA LEU C 181 -6.44 13.66 -26.31
C LEU C 181 -6.81 13.43 -27.76
N THR C 182 -7.08 14.51 -28.49
CA THR C 182 -7.45 14.37 -29.88
C THR C 182 -6.41 15.00 -30.80
N LEU C 183 -5.92 14.20 -31.73
CA LEU C 183 -4.89 14.63 -32.68
C LEU C 183 -5.27 14.23 -34.10
N SER C 184 -4.72 14.94 -35.07
CA SER C 184 -4.97 14.62 -36.46
C SER C 184 -4.16 13.36 -36.71
N LYS C 185 -4.62 12.50 -37.61
CA LYS C 185 -3.90 11.27 -37.89
C LYS C 185 -2.45 11.62 -38.15
N ALA C 186 -2.24 12.76 -38.82
CA ALA C 186 -0.89 13.23 -39.16
C ALA C 186 0.00 13.33 -37.94
N ASP C 187 -0.33 14.24 -37.04
CA ASP C 187 0.44 14.44 -35.82
C ASP C 187 0.65 13.13 -35.06
N TYR C 188 -0.41 12.34 -34.96
CA TYR C 188 -0.36 11.07 -34.25
C TYR C 188 0.80 10.21 -34.79
N GLU C 189 0.95 10.20 -36.11
CA GLU C 189 2.01 9.41 -36.73
C GLU C 189 3.37 10.07 -36.66
N LYS C 190 3.38 11.32 -36.22
CA LYS C 190 4.61 12.09 -36.08
C LYS C 190 5.29 11.82 -34.74
N HIS C 191 4.70 10.97 -33.91
CA HIS C 191 5.30 10.68 -32.60
C HIS C 191 5.21 9.21 -32.19
N LYS C 192 5.99 8.84 -31.18
CA LYS C 192 6.02 7.45 -30.73
C LYS C 192 5.43 7.19 -29.35
N VAL C 193 6.03 7.79 -28.32
CA VAL C 193 5.55 7.58 -26.95
C VAL C 193 4.36 8.46 -26.58
N TYR C 194 3.29 7.80 -26.18
CA TYR C 194 2.07 8.46 -25.73
C TYR C 194 1.82 8.06 -24.30
N ALA C 195 1.95 9.02 -23.40
CA ALA C 195 1.78 8.76 -21.99
C ALA C 195 0.76 9.64 -21.29
N CYS C 196 0.10 9.05 -20.31
CA CYS C 196 -0.89 9.73 -19.50
C CYS C 196 -0.34 9.80 -18.08
N GLU C 197 -0.11 11.00 -17.57
CA GLU C 197 0.42 11.13 -16.22
C GLU C 197 -0.67 11.58 -15.27
N VAL C 198 -0.90 10.80 -14.24
CA VAL C 198 -1.92 11.10 -13.26
C VAL C 198 -1.40 11.43 -11.88
N THR C 199 -1.93 12.51 -11.31
CA THR C 199 -1.55 12.96 -9.98
C THR C 199 -2.79 12.95 -9.12
N HIS C 200 -2.72 12.31 -7.96
CA HIS C 200 -3.87 12.24 -7.08
C HIS C 200 -3.42 12.00 -5.64
N GLN C 201 -4.19 12.53 -4.70
CA GLN C 201 -3.87 12.40 -3.28
C GLN C 201 -3.58 10.97 -2.83
N GLY C 202 -4.27 10.00 -3.43
CA GLY C 202 -4.06 8.61 -3.07
C GLY C 202 -2.80 7.99 -3.67
N LEU C 203 -2.03 8.78 -4.39
CA LEU C 203 -0.79 8.28 -5.00
C LEU C 203 0.41 9.01 -4.45
N SER C 204 1.36 8.25 -3.92
CA SER C 204 2.59 8.80 -3.35
C SER C 204 3.38 9.56 -4.41
N SER C 205 3.38 9.04 -5.63
CA SER C 205 4.05 9.67 -6.77
C SER C 205 3.12 9.50 -7.98
N PRO C 206 3.17 10.46 -8.91
CA PRO C 206 2.31 10.37 -10.10
C PRO C 206 2.48 9.07 -10.87
N VAL C 207 1.35 8.52 -11.31
CA VAL C 207 1.32 7.28 -12.09
C VAL C 207 1.27 7.60 -13.57
N THR C 208 2.06 6.89 -14.37
CA THR C 208 2.07 7.11 -15.80
C THR C 208 1.77 5.82 -16.54
N LYS C 209 0.80 5.88 -17.44
CA LYS C 209 0.43 4.74 -18.26
C LYS C 209 0.73 5.21 -19.66
N SER C 210 1.41 4.38 -20.45
CA SER C 210 1.75 4.79 -21.80
C SER C 210 1.90 3.64 -22.78
N PHE C 211 2.16 3.99 -24.04
CA PHE C 211 2.34 3.02 -25.09
C PHE C 211 3.08 3.66 -26.23
N ASN C 212 3.78 2.86 -27.02
CA ASN C 212 4.51 3.36 -28.17
C ASN C 212 3.67 3.07 -29.40
N ARG C 213 3.38 4.11 -30.17
CA ARG C 213 2.57 3.97 -31.37
C ARG C 213 3.05 2.81 -32.22
N GLY C 214 2.13 1.91 -32.58
CA GLY C 214 2.47 0.77 -33.41
C GLY C 214 2.99 -0.43 -32.65
N GLU C 215 3.79 -0.16 -31.62
CA GLU C 215 4.38 -1.20 -30.80
C GLU C 215 3.31 -2.08 -30.16
N CYS C 216 2.88 -3.06 -30.96
CA CYS C 216 1.86 -4.03 -30.59
C CYS C 216 2.57 -5.38 -30.42
N GLU D 1 -45.94 1.71 -11.43
CA GLU D 1 -47.07 2.42 -10.75
C GLU D 1 -47.26 3.78 -11.39
N VAL D 2 -46.80 4.85 -10.74
CA VAL D 2 -46.94 6.17 -11.34
C VAL D 2 -46.03 6.18 -12.54
N LYS D 3 -46.59 6.53 -13.68
CA LYS D 3 -45.78 6.56 -14.89
C LYS D 3 -46.00 7.81 -15.72
N LEU D 4 -44.90 8.50 -16.00
CA LEU D 4 -44.94 9.73 -16.80
C LEU D 4 -43.95 9.52 -17.93
N LEU D 5 -44.45 9.49 -19.15
CA LEU D 5 -43.61 9.26 -20.32
C LEU D 5 -43.73 10.41 -21.31
N GLU D 6 -42.64 11.16 -21.48
CA GLU D 6 -42.64 12.29 -22.41
C GLU D 6 -42.30 11.86 -23.82
N SER D 7 -42.67 12.71 -24.77
CA SER D 7 -42.44 12.45 -26.20
C SER D 7 -42.54 13.75 -26.96
N GLY D 8 -41.94 13.79 -28.15
CA GLY D 8 -42.01 14.99 -28.96
C GLY D 8 -40.68 15.74 -29.05
N GLY D 9 -39.72 15.30 -28.26
CA GLY D 9 -38.42 15.96 -28.29
C GLY D 9 -37.74 15.76 -29.62
N GLY D 10 -36.58 16.38 -29.79
CA GLY D 10 -35.85 16.23 -31.04
C GLY D 10 -35.24 17.54 -31.50
N LEU D 11 -34.66 17.51 -32.68
CA LEU D 11 -34.02 18.69 -33.26
C LEU D 11 -35.09 19.60 -33.85
N ALA D 12 -34.99 20.89 -33.56
CA ALA D 12 -35.94 21.87 -34.07
C ALA D 12 -35.17 23.07 -34.60
N GLN D 13 -35.84 23.90 -35.39
CA GLN D 13 -35.15 25.05 -35.95
C GLN D 13 -35.52 26.34 -35.25
N PRO D 14 -34.53 27.20 -35.03
CA PRO D 14 -34.75 28.49 -34.35
C PRO D 14 -35.94 29.22 -34.94
N GLY D 15 -36.74 29.85 -34.08
CA GLY D 15 -37.89 30.58 -34.56
C GLY D 15 -39.10 29.68 -34.77
N GLY D 16 -38.88 28.37 -34.75
CA GLY D 16 -39.96 27.41 -34.94
C GLY D 16 -40.78 27.07 -33.71
N SER D 17 -41.65 26.06 -33.84
CA SER D 17 -42.50 25.63 -32.75
C SER D 17 -42.40 24.12 -32.57
N LEU D 18 -42.82 23.64 -31.40
CA LEU D 18 -42.75 22.22 -31.12
C LEU D 18 -43.77 21.88 -30.05
N LYS D 19 -44.40 20.72 -30.18
CA LYS D 19 -45.40 20.30 -29.20
C LYS D 19 -44.93 19.05 -28.50
N LEU D 20 -44.72 19.15 -27.20
CA LEU D 20 -44.27 18.02 -26.41
C LEU D 20 -45.49 17.41 -25.77
N SER D 21 -45.46 16.10 -25.53
CA SER D 21 -46.59 15.45 -24.89
C SER D 21 -46.11 14.52 -23.77
N CYS D 22 -47.05 14.18 -22.89
CA CYS D 22 -46.76 13.32 -21.76
C CYS D 22 -47.91 12.35 -21.51
N ALA D 23 -47.60 11.06 -21.44
CA ALA D 23 -48.63 10.05 -21.18
C ALA D 23 -48.51 9.66 -19.71
N ALA D 24 -49.62 9.70 -18.98
CA ALA D 24 -49.58 9.36 -17.56
C ALA D 24 -50.42 8.13 -17.23
N SER D 25 -50.07 7.45 -16.15
CA SER D 25 -50.78 6.27 -15.72
C SER D 25 -50.33 5.91 -14.30
N GLY D 26 -51.15 5.13 -13.61
CA GLY D 26 -50.82 4.72 -12.26
C GLY D 26 -51.42 5.61 -11.20
N PHE D 27 -52.25 6.56 -11.63
CA PHE D 27 -52.88 7.50 -10.70
C PHE D 27 -54.02 8.21 -11.38
N ASP D 28 -54.98 8.70 -10.59
CA ASP D 28 -56.13 9.40 -11.16
C ASP D 28 -55.72 10.76 -11.72
N PHE D 29 -55.19 10.72 -12.94
CA PHE D 29 -54.72 11.90 -13.63
C PHE D 29 -55.66 13.08 -13.47
N ARG D 30 -56.97 12.82 -13.55
CA ARG D 30 -57.95 13.92 -13.46
C ARG D 30 -57.97 14.65 -12.13
N ARG D 31 -57.30 14.11 -11.11
CA ARG D 31 -57.27 14.76 -9.79
C ARG D 31 -55.99 15.52 -9.47
N TYR D 32 -55.02 15.48 -10.36
CA TYR D 32 -53.75 16.10 -10.10
C TYR D 32 -53.31 17.27 -10.95
N TRP D 33 -52.52 18.15 -10.34
CA TRP D 33 -51.96 19.30 -11.03
C TRP D 33 -50.78 18.71 -11.79
N MET D 34 -50.49 19.22 -12.97
CA MET D 34 -49.37 18.71 -13.70
C MET D 34 -48.42 19.87 -13.97
N THR D 35 -47.12 19.56 -14.07
CA THR D 35 -46.09 20.56 -14.25
C THR D 35 -45.07 20.21 -15.32
N TRP D 36 -44.48 21.24 -15.90
CA TRP D 36 -43.42 21.09 -16.90
C TRP D 36 -42.19 21.77 -16.33
N VAL D 37 -41.08 21.06 -16.33
CA VAL D 37 -39.82 21.59 -15.84
C VAL D 37 -38.79 21.19 -16.87
N ARG D 38 -37.84 22.08 -17.16
CA ARG D 38 -36.80 21.78 -18.13
C ARG D 38 -35.43 21.94 -17.53
N GLN D 39 -34.43 21.40 -18.21
CA GLN D 39 -33.08 21.52 -17.73
C GLN D 39 -32.11 21.64 -18.88
N ALA D 40 -31.59 22.84 -19.07
CA ALA D 40 -30.63 23.11 -20.14
C ALA D 40 -29.27 22.58 -19.74
N PRO D 41 -28.39 22.34 -20.74
CA PRO D 41 -27.04 21.83 -20.48
C PRO D 41 -26.23 22.69 -19.51
N GLY D 42 -25.59 22.05 -18.54
CA GLY D 42 -24.80 22.78 -17.57
C GLY D 42 -25.63 23.74 -16.73
N LYS D 43 -26.91 23.44 -16.57
CA LYS D 43 -27.77 24.29 -15.78
C LYS D 43 -28.64 23.43 -14.88
N GLY D 44 -29.35 24.08 -13.98
CA GLY D 44 -30.21 23.36 -13.08
C GLY D 44 -31.61 23.33 -13.64
N LEU D 45 -32.56 22.93 -12.80
CA LEU D 45 -33.94 22.84 -13.21
C LEU D 45 -34.52 24.23 -13.37
N GLU D 46 -35.51 24.34 -14.25
CA GLU D 46 -36.20 25.60 -14.49
C GLU D 46 -37.68 25.31 -14.65
N TRP D 47 -38.48 25.89 -13.77
CA TRP D 47 -39.92 25.69 -13.78
C TRP D 47 -40.53 26.42 -14.97
N ILE D 48 -41.32 25.69 -15.75
CA ILE D 48 -41.97 26.29 -16.93
C ILE D 48 -43.39 26.71 -16.56
N GLY D 49 -44.10 25.86 -15.83
CA GLY D 49 -45.45 26.20 -15.42
C GLY D 49 -46.25 24.98 -15.03
N ASP D 50 -47.44 25.18 -14.49
CA ASP D 50 -48.26 24.05 -14.11
C ASP D 50 -49.72 24.29 -14.48
N ILE D 51 -50.52 23.23 -14.44
CA ILE D 51 -51.92 23.35 -14.79
C ILE D 51 -52.76 22.53 -13.83
N ASN D 52 -53.86 23.11 -13.35
CA ASN D 52 -54.71 22.38 -12.42
C ASN D 52 -55.61 21.40 -13.18
N PRO D 53 -56.27 20.49 -12.44
CA PRO D 53 -57.15 19.50 -13.05
C PRO D 53 -58.09 20.00 -14.16
N ASP D 54 -58.99 20.91 -13.83
CA ASP D 54 -59.94 21.39 -14.83
C ASP D 54 -59.41 22.45 -15.80
N SER D 55 -58.10 22.54 -15.93
CA SER D 55 -57.46 23.47 -16.85
C SER D 55 -57.88 24.94 -16.67
N ARG D 56 -58.59 25.24 -15.59
CA ARG D 56 -59.05 26.61 -15.32
C ARG D 56 -57.95 27.52 -14.81
N THR D 57 -56.89 26.93 -14.26
CA THR D 57 -55.77 27.69 -13.73
C THR D 57 -54.46 27.21 -14.37
N ILE D 58 -53.74 28.13 -15.00
CA ILE D 58 -52.50 27.79 -15.66
C ILE D 58 -51.44 28.83 -15.33
N ASN D 59 -50.46 28.44 -14.53
CA ASN D 59 -49.39 29.33 -14.13
C ASN D 59 -48.16 29.10 -15.00
N TYR D 60 -47.48 30.18 -15.35
CA TYR D 60 -46.31 30.13 -16.20
C TYR D 60 -45.13 30.90 -15.59
N MET D 61 -43.92 30.55 -15.99
CA MET D 61 -42.75 31.24 -15.47
C MET D 61 -42.67 32.55 -16.25
N PRO D 62 -42.35 33.67 -15.57
CA PRO D 62 -42.25 34.98 -16.23
C PRO D 62 -41.64 34.90 -17.64
N SER D 63 -42.42 35.29 -18.64
CA SER D 63 -41.97 35.25 -20.01
C SER D 63 -42.98 35.93 -20.91
N LEU D 64 -42.82 35.77 -22.22
CA LEU D 64 -43.75 36.39 -23.17
C LEU D 64 -44.93 35.49 -23.47
N LYS D 65 -46.12 36.10 -23.50
CA LYS D 65 -47.35 35.36 -23.76
C LYS D 65 -47.21 34.37 -24.89
N ASP D 66 -47.72 33.17 -24.64
CA ASP D 66 -47.72 32.11 -25.65
C ASP D 66 -46.36 31.49 -26.03
N LYS D 67 -45.28 31.91 -25.37
CA LYS D 67 -43.98 31.31 -25.66
C LYS D 67 -44.21 29.84 -25.31
N PHE D 68 -44.84 29.63 -24.16
CA PHE D 68 -45.19 28.30 -23.68
C PHE D 68 -46.71 28.23 -23.55
N ILE D 69 -47.28 27.08 -23.88
CA ILE D 69 -48.72 26.87 -23.76
C ILE D 69 -48.95 25.46 -23.21
N ILE D 70 -49.40 25.42 -21.97
CA ILE D 70 -49.67 24.15 -21.30
C ILE D 70 -51.16 23.79 -21.44
N SER D 71 -51.44 22.51 -21.63
CA SER D 71 -52.82 22.06 -21.73
C SER D 71 -52.85 20.59 -21.34
N ARG D 72 -54.05 20.04 -21.21
CA ARG D 72 -54.17 18.63 -20.84
C ARG D 72 -55.44 18.06 -21.38
N ASP D 73 -55.49 16.74 -21.45
CA ASP D 73 -56.67 16.04 -21.91
C ASP D 73 -56.91 14.94 -20.88
N ASN D 74 -57.70 15.24 -19.87
CA ASN D 74 -57.96 14.26 -18.83
C ASN D 74 -58.52 12.94 -19.35
N ALA D 75 -59.20 13.00 -20.48
CA ALA D 75 -59.78 11.79 -21.10
C ALA D 75 -58.68 10.85 -21.54
N LYS D 76 -57.59 11.42 -22.03
CA LYS D 76 -56.46 10.65 -22.55
C LYS D 76 -55.23 10.64 -21.62
N ASN D 77 -55.42 11.03 -20.36
CA ASN D 77 -54.33 11.06 -19.40
C ASN D 77 -53.07 11.65 -20.03
N SER D 78 -53.19 12.81 -20.66
CA SER D 78 -52.07 13.44 -21.31
C SER D 78 -51.87 14.89 -20.93
N LEU D 79 -50.63 15.33 -21.05
CA LEU D 79 -50.25 16.71 -20.75
C LEU D 79 -49.45 17.21 -21.95
N TYR D 80 -49.74 18.43 -22.38
CA TYR D 80 -49.07 19.00 -23.54
C TYR D 80 -48.34 20.29 -23.24
N LEU D 81 -47.28 20.53 -23.98
CA LEU D 81 -46.50 21.76 -23.85
C LEU D 81 -46.20 22.21 -25.27
N GLN D 82 -46.75 23.36 -25.61
CA GLN D 82 -46.58 23.96 -26.93
C GLN D 82 -45.47 24.99 -26.89
N LEU D 83 -44.35 24.68 -27.51
CA LEU D 83 -43.23 25.61 -27.54
C LEU D 83 -43.29 26.42 -28.82
N SER D 84 -42.84 27.67 -28.76
CA SER D 84 -42.83 28.51 -29.94
C SER D 84 -41.69 29.51 -29.88
N ARG D 85 -41.36 30.10 -31.03
CA ARG D 85 -40.29 31.09 -31.08
C ARG D 85 -39.02 30.49 -30.49
N LEU D 86 -38.76 29.23 -30.84
CA LEU D 86 -37.60 28.48 -30.34
C LEU D 86 -36.25 29.15 -30.54
N ARG D 87 -35.52 29.33 -29.44
CA ARG D 87 -34.18 29.91 -29.48
C ARG D 87 -33.28 28.85 -28.90
N SER D 88 -31.98 28.92 -29.16
CA SER D 88 -31.04 27.94 -28.65
C SER D 88 -31.16 27.75 -27.14
N GLU D 89 -31.55 28.82 -26.44
CA GLU D 89 -31.72 28.81 -24.99
C GLU D 89 -32.81 27.81 -24.57
N ASP D 90 -33.66 27.43 -25.52
CA ASP D 90 -34.73 26.49 -25.24
C ASP D 90 -34.26 25.04 -25.37
N SER D 91 -33.00 24.87 -25.77
CA SER D 91 -32.47 23.53 -25.90
C SER D 91 -32.33 23.01 -24.48
N ALA D 92 -32.99 21.89 -24.20
CA ALA D 92 -32.97 21.31 -22.87
C ALA D 92 -33.75 20.03 -22.79
N LEU D 93 -33.67 19.40 -21.62
CA LEU D 93 -34.40 18.18 -21.34
C LEU D 93 -35.70 18.64 -20.71
N TYR D 94 -36.83 18.29 -21.32
CA TYR D 94 -38.11 18.72 -20.77
C TYR D 94 -38.78 17.61 -19.98
N TYR D 95 -39.03 17.89 -18.70
CA TYR D 95 -39.64 16.90 -17.83
C TYR D 95 -41.11 17.15 -17.57
N CYS D 96 -41.84 16.06 -17.48
CA CYS D 96 -43.25 16.06 -17.20
C CYS D 96 -43.30 15.71 -15.72
N VAL D 97 -43.91 16.58 -14.90
CA VAL D 97 -43.96 16.31 -13.45
C VAL D 97 -45.33 16.37 -12.79
N ARG D 98 -45.60 15.43 -11.90
CA ARG D 98 -46.86 15.44 -11.20
C ARG D 98 -46.68 16.27 -9.94
N LEU D 99 -47.62 17.15 -9.68
CA LEU D 99 -47.58 18.03 -8.54
C LEU D 99 -48.62 17.65 -7.50
N ASP D 100 -48.16 17.24 -6.33
CA ASP D 100 -49.04 16.88 -5.23
C ASP D 100 -49.48 18.20 -4.60
N PHE D 101 -50.79 18.43 -4.63
CA PHE D 101 -51.42 19.66 -4.15
C PHE D 101 -52.31 19.48 -2.90
N ASP D 102 -51.71 19.53 -1.71
CA ASP D 102 -52.44 19.35 -0.45
C ASP D 102 -52.81 20.66 0.25
N VAL D 103 -54.02 21.15 0.03
CA VAL D 103 -54.43 22.41 0.68
C VAL D 103 -54.69 22.25 2.18
N TYR D 104 -54.94 21.02 2.60
CA TYR D 104 -55.23 20.75 4.00
C TYR D 104 -53.97 20.86 4.84
N ASN D 105 -52.85 20.41 4.31
CA ASN D 105 -51.60 20.50 5.04
C ASN D 105 -50.69 21.55 4.43
N HIS D 106 -51.22 22.29 3.47
CA HIS D 106 -50.45 23.35 2.83
C HIS D 106 -49.11 22.74 2.45
N TYR D 107 -49.20 21.63 1.73
CA TYR D 107 -48.07 20.86 1.28
C TYR D 107 -48.17 20.75 -0.23
N TYR D 108 -47.12 21.17 -0.92
CA TYR D 108 -47.10 21.13 -2.38
C TYR D 108 -45.73 20.62 -2.81
N VAL D 109 -45.70 19.44 -3.42
CA VAL D 109 -44.46 18.79 -3.83
C VAL D 109 -44.51 18.20 -5.22
N LEU D 110 -43.39 18.24 -5.92
CA LEU D 110 -43.28 17.65 -7.24
C LEU D 110 -42.87 16.20 -7.03
N ASP D 111 -43.87 15.36 -6.79
CA ASP D 111 -43.74 13.90 -6.56
C ASP D 111 -42.87 13.15 -7.53
N TYR D 112 -43.57 12.73 -8.58
CA TYR D 112 -43.05 11.92 -9.65
C TYR D 112 -42.69 12.71 -10.89
N TRP D 113 -41.53 12.36 -11.44
CA TRP D 113 -40.99 13.00 -12.61
C TRP D 113 -40.78 12.01 -13.72
N GLY D 114 -40.98 12.43 -14.96
CA GLY D 114 -40.72 11.54 -16.07
C GLY D 114 -39.22 11.66 -16.27
N GLN D 115 -38.66 10.89 -17.20
CA GLN D 115 -37.22 10.99 -17.43
C GLN D 115 -36.90 12.08 -18.44
N GLY D 116 -37.94 12.74 -18.92
CA GLY D 116 -37.80 13.82 -19.87
C GLY D 116 -37.59 13.45 -21.33
N THR D 117 -37.78 14.44 -22.19
CA THR D 117 -37.61 14.30 -23.63
C THR D 117 -36.65 15.40 -24.06
N SER D 118 -35.58 15.04 -24.75
CA SER D 118 -34.58 16.01 -25.18
C SER D 118 -35.02 16.87 -26.37
N VAL D 119 -34.68 18.16 -26.29
CA VAL D 119 -35.02 19.10 -27.34
C VAL D 119 -33.82 19.97 -27.64
N THR D 120 -33.34 19.93 -28.88
CA THR D 120 -32.19 20.73 -29.24
C THR D 120 -32.56 21.68 -30.36
N VAL D 121 -32.45 22.98 -30.11
CA VAL D 121 -32.75 23.99 -31.11
C VAL D 121 -31.51 24.27 -31.93
N SER D 122 -31.57 23.97 -33.22
CA SER D 122 -30.41 24.20 -34.06
C SER D 122 -30.75 24.10 -35.53
N SER D 123 -29.95 24.76 -36.34
CA SER D 123 -30.13 24.75 -37.78
C SER D 123 -29.28 23.61 -38.30
N ALA D 124 -28.24 23.25 -37.56
CA ALA D 124 -27.34 22.17 -37.95
C ALA D 124 -28.16 20.90 -38.20
N SER D 125 -27.57 19.94 -38.91
CA SER D 125 -28.28 18.71 -39.22
C SER D 125 -27.84 17.53 -38.37
N THR D 126 -28.74 16.57 -38.20
CA THR D 126 -28.45 15.39 -37.41
C THR D 126 -27.29 14.66 -38.04
N LYS D 127 -26.52 13.98 -37.20
CA LYS D 127 -25.41 13.20 -37.69
C LYS D 127 -25.25 12.00 -36.78
N GLY D 128 -25.33 10.82 -37.38
CA GLY D 128 -25.18 9.61 -36.62
C GLY D 128 -23.81 9.58 -35.96
N PRO D 129 -23.62 8.73 -34.94
CA PRO D 129 -22.32 8.68 -34.28
C PRO D 129 -21.41 7.62 -34.87
N SER D 130 -20.12 7.73 -34.59
CA SER D 130 -19.13 6.75 -35.05
C SER D 130 -18.77 5.96 -33.81
N VAL D 131 -18.86 4.64 -33.88
CA VAL D 131 -18.53 3.84 -32.71
C VAL D 131 -17.21 3.12 -32.87
N PHE D 132 -16.23 3.52 -32.07
CA PHE D 132 -14.90 2.92 -32.10
C PHE D 132 -14.64 2.11 -30.83
N PRO D 133 -13.92 0.99 -30.97
CA PRO D 133 -13.63 0.18 -29.79
C PRO D 133 -12.40 0.57 -29.00
N LEU D 134 -12.54 0.58 -27.68
CA LEU D 134 -11.44 0.89 -26.78
C LEU D 134 -11.00 -0.48 -26.26
N ALA D 135 -10.19 -1.17 -27.06
CA ALA D 135 -9.69 -2.51 -26.78
C ALA D 135 -9.01 -2.71 -25.43
N PRO D 136 -9.23 -3.87 -24.82
CA PRO D 136 -8.68 -4.25 -23.50
C PRO D 136 -7.17 -4.42 -23.55
N SER D 137 -6.45 -3.82 -22.62
CA SER D 137 -4.99 -3.96 -22.59
C SER D 137 -4.60 -5.40 -22.22
N SER D 138 -3.53 -5.88 -22.84
CA SER D 138 -3.02 -7.23 -22.60
C SER D 138 -2.38 -7.32 -21.21
N LYS D 139 -1.48 -6.37 -20.94
CA LYS D 139 -0.77 -6.31 -19.67
C LYS D 139 -1.55 -5.54 -18.59
N SER D 140 -2.83 -5.30 -18.84
CA SER D 140 -3.71 -4.59 -17.90
C SER D 140 -4.02 -5.49 -16.70
N THR D 141 -3.56 -5.08 -15.51
CA THR D 141 -3.82 -5.86 -14.30
C THR D 141 -3.85 -5.09 -12.97
N SER D 142 -4.58 -3.98 -12.93
CA SER D 142 -4.71 -3.22 -11.68
C SER D 142 -5.58 -4.08 -10.76
N GLY D 143 -4.95 -4.85 -9.87
CA GLY D 143 -5.69 -5.73 -8.98
C GLY D 143 -6.41 -6.81 -9.79
N GLY D 144 -5.79 -7.21 -10.91
CA GLY D 144 -6.38 -8.22 -11.77
C GLY D 144 -7.47 -7.68 -12.67
N THR D 145 -7.62 -6.36 -12.68
CA THR D 145 -8.64 -5.72 -13.48
C THR D 145 -8.19 -5.32 -14.88
N ALA D 146 -9.15 -5.36 -15.78
CA ALA D 146 -8.93 -4.97 -17.17
C ALA D 146 -10.05 -4.00 -17.51
N ALA D 147 -9.76 -3.05 -18.38
CA ALA D 147 -10.76 -2.06 -18.77
C ALA D 147 -10.93 -2.02 -20.30
N LEU D 148 -12.17 -1.90 -20.74
CA LEU D 148 -12.46 -1.84 -22.17
C LEU D 148 -13.70 -0.96 -22.33
N GLY D 149 -13.99 -0.57 -23.57
CA GLY D 149 -15.16 0.27 -23.78
C GLY D 149 -15.40 0.69 -25.21
N CYS D 150 -16.26 1.68 -25.38
CA CYS D 150 -16.59 2.20 -26.70
C CYS D 150 -16.49 3.71 -26.74
N LEU D 151 -15.98 4.20 -27.87
CA LEU D 151 -15.84 5.63 -28.09
C LEU D 151 -16.91 5.99 -29.10
N VAL D 152 -17.92 6.73 -28.66
CA VAL D 152 -19.00 7.15 -29.54
C VAL D 152 -18.70 8.60 -29.91
N LYS D 153 -18.13 8.83 -31.10
CA LYS D 153 -17.80 10.18 -31.46
C LYS D 153 -18.43 10.78 -32.71
N ASP D 154 -18.45 12.11 -32.70
CA ASP D 154 -18.97 12.93 -33.77
C ASP D 154 -20.42 12.65 -34.18
N TYR D 155 -21.35 12.99 -33.29
CA TYR D 155 -22.77 12.82 -33.56
C TYR D 155 -23.49 14.11 -33.15
N PHE D 156 -24.71 14.29 -33.64
CA PHE D 156 -25.48 15.48 -33.32
C PHE D 156 -26.94 15.21 -33.67
N PRO D 157 -27.87 15.62 -32.79
CA PRO D 157 -27.61 16.29 -31.53
C PRO D 157 -27.68 15.25 -30.42
N GLU D 158 -27.62 15.70 -29.18
CA GLU D 158 -27.75 14.77 -28.06
C GLU D 158 -29.18 14.25 -28.18
N PRO D 159 -29.48 13.10 -27.58
CA PRO D 159 -28.56 12.27 -26.82
C PRO D 159 -28.37 10.92 -27.46
N VAL D 160 -27.36 10.20 -26.98
CA VAL D 160 -27.07 8.86 -27.46
C VAL D 160 -27.20 8.00 -26.20
N THR D 161 -27.64 6.75 -26.35
CA THR D 161 -27.76 5.86 -25.22
C THR D 161 -26.85 4.67 -25.47
N VAL D 162 -26.13 4.25 -24.43
CA VAL D 162 -25.22 3.13 -24.57
C VAL D 162 -25.44 2.08 -23.50
N SER D 163 -25.52 0.83 -23.92
CA SER D 163 -25.71 -0.27 -23.00
C SER D 163 -24.71 -1.35 -23.40
N TRP D 164 -24.48 -2.32 -22.52
CA TRP D 164 -23.55 -3.40 -22.81
C TRP D 164 -24.23 -4.74 -22.79
N ASN D 165 -24.02 -5.51 -23.84
CA ASN D 165 -24.63 -6.84 -23.95
C ASN D 165 -26.14 -6.74 -23.72
N SER D 166 -26.76 -5.84 -24.48
CA SER D 166 -28.20 -5.60 -24.40
C SER D 166 -28.75 -5.38 -22.99
N GLY D 167 -27.91 -4.88 -22.08
CA GLY D 167 -28.38 -4.63 -20.73
C GLY D 167 -27.93 -5.67 -19.72
N ALA D 168 -27.49 -6.82 -20.22
CA ALA D 168 -27.03 -7.91 -19.36
C ALA D 168 -25.88 -7.45 -18.47
N LEU D 169 -25.00 -6.62 -19.02
CA LEU D 169 -23.85 -6.12 -18.28
C LEU D 169 -24.07 -4.68 -17.87
N THR D 170 -24.08 -4.43 -16.57
CA THR D 170 -24.28 -3.07 -16.06
C THR D 170 -23.30 -2.77 -14.94
N SER D 171 -22.74 -3.82 -14.35
CA SER D 171 -21.80 -3.67 -13.25
C SER D 171 -20.41 -3.32 -13.74
N GLY D 172 -19.90 -2.20 -13.27
CA GLY D 172 -18.57 -1.76 -13.66
C GLY D 172 -18.60 -0.84 -14.87
N VAL D 173 -19.80 -0.57 -15.36
CA VAL D 173 -19.95 0.29 -16.53
C VAL D 173 -19.99 1.77 -16.15
N HIS D 174 -19.23 2.56 -16.90
CA HIS D 174 -19.17 4.01 -16.69
C HIS D 174 -19.34 4.71 -18.04
N THR D 175 -20.50 5.33 -18.22
CA THR D 175 -20.80 6.07 -19.44
C THR D 175 -20.66 7.54 -19.12
N PHE D 176 -19.57 8.15 -19.57
CA PHE D 176 -19.33 9.54 -19.28
C PHE D 176 -20.27 10.50 -20.00
N PRO D 177 -20.46 11.69 -19.42
CA PRO D 177 -21.33 12.65 -20.09
C PRO D 177 -20.68 13.09 -21.41
N ALA D 178 -21.49 13.28 -22.45
CA ALA D 178 -20.96 13.68 -23.74
C ALA D 178 -20.29 15.03 -23.65
N VAL D 179 -19.30 15.24 -24.52
CA VAL D 179 -18.61 16.52 -24.55
C VAL D 179 -18.82 17.17 -25.91
N LEU D 180 -18.90 18.49 -25.89
CA LEU D 180 -19.08 19.24 -27.12
C LEU D 180 -17.72 19.55 -27.72
N GLN D 181 -17.40 18.91 -28.83
CA GLN D 181 -16.14 19.15 -29.49
C GLN D 181 -16.20 20.48 -30.26
N SER D 182 -15.03 21.03 -30.53
CA SER D 182 -14.94 22.29 -31.26
C SER D 182 -15.72 22.20 -32.57
N SER D 183 -15.68 21.03 -33.19
CA SER D 183 -16.38 20.80 -34.45
C SER D 183 -17.88 20.97 -34.30
N GLY D 184 -18.35 21.21 -33.09
CA GLY D 184 -19.77 21.38 -32.86
C GLY D 184 -20.48 20.04 -32.76
N LEU D 185 -19.72 18.96 -32.82
CA LEU D 185 -20.28 17.63 -32.72
C LEU D 185 -20.03 17.06 -31.33
N TYR D 186 -20.93 16.19 -30.89
CA TYR D 186 -20.80 15.58 -29.58
C TYR D 186 -20.01 14.29 -29.67
N SER D 187 -19.46 13.88 -28.53
CA SER D 187 -18.69 12.66 -28.44
C SER D 187 -18.60 12.22 -27.00
N LEU D 188 -18.57 10.91 -26.76
CA LEU D 188 -18.46 10.40 -25.41
C LEU D 188 -17.94 8.98 -25.41
N SER D 189 -17.52 8.54 -24.23
CA SER D 189 -17.01 7.18 -24.09
C SER D 189 -17.78 6.42 -23.02
N SER D 190 -17.73 5.10 -23.15
CA SER D 190 -18.39 4.25 -22.18
C SER D 190 -17.42 3.11 -21.94
N VAL D 191 -16.97 2.98 -20.71
CA VAL D 191 -16.03 1.94 -20.36
C VAL D 191 -16.66 0.96 -19.37
N VAL D 192 -16.00 -0.17 -19.18
CA VAL D 192 -16.49 -1.17 -18.25
C VAL D 192 -15.32 -2.04 -17.90
N THR D 193 -15.04 -2.08 -16.60
CA THR D 193 -13.94 -2.85 -16.06
C THR D 193 -14.43 -4.26 -15.76
N VAL D 194 -13.59 -5.24 -16.07
CA VAL D 194 -13.93 -6.63 -15.86
C VAL D 194 -12.67 -7.44 -15.57
N PRO D 195 -12.82 -8.51 -14.77
CA PRO D 195 -11.68 -9.36 -14.41
C PRO D 195 -10.87 -9.76 -15.65
N SER D 196 -9.59 -9.41 -15.62
CA SER D 196 -8.69 -9.71 -16.72
C SER D 196 -8.72 -11.18 -17.11
N SER D 197 -8.86 -12.03 -16.11
CA SER D 197 -8.88 -13.46 -16.33
C SER D 197 -10.20 -13.99 -16.86
N SER D 198 -10.92 -13.18 -17.62
CA SER D 198 -12.18 -13.62 -18.20
C SER D 198 -12.22 -13.10 -19.63
N LEU D 199 -11.16 -12.40 -20.02
CA LEU D 199 -11.07 -11.83 -21.35
C LEU D 199 -10.89 -12.92 -22.40
N GLY D 200 -11.49 -14.08 -22.13
CA GLY D 200 -11.43 -15.18 -23.06
C GLY D 200 -12.62 -16.07 -22.76
N THR D 201 -13.38 -15.67 -21.76
CA THR D 201 -14.57 -16.40 -21.30
C THR D 201 -15.81 -15.52 -21.43
N GLN D 202 -15.70 -14.43 -22.17
CA GLN D 202 -16.84 -13.54 -22.31
C GLN D 202 -16.83 -12.73 -23.59
N THR D 203 -18.01 -12.27 -23.98
CA THR D 203 -18.18 -11.47 -25.17
C THR D 203 -18.61 -10.10 -24.71
N TYR D 204 -18.01 -9.06 -25.24
CA TYR D 204 -18.38 -7.71 -24.84
C TYR D 204 -18.87 -6.89 -26.02
N ILE D 205 -20.13 -6.50 -25.94
CA ILE D 205 -20.76 -5.72 -27.01
C ILE D 205 -21.40 -4.47 -26.42
N CYS D 206 -21.09 -3.30 -26.99
CA CYS D 206 -21.71 -2.07 -26.52
C CYS D 206 -22.81 -1.73 -27.53
N ASN D 207 -24.00 -1.43 -27.03
CA ASN D 207 -25.12 -1.11 -27.89
C ASN D 207 -25.37 0.38 -27.86
N VAL D 208 -25.01 1.03 -28.97
CA VAL D 208 -25.16 2.47 -29.11
C VAL D 208 -26.45 2.78 -29.86
N ASN D 209 -27.17 3.80 -29.39
CA ASN D 209 -28.40 4.19 -30.05
C ASN D 209 -28.52 5.70 -30.13
N HIS D 210 -28.88 6.19 -31.31
CA HIS D 210 -29.01 7.63 -31.53
C HIS D 210 -30.28 7.87 -32.34
N LYS D 211 -31.40 8.03 -31.63
CA LYS D 211 -32.69 8.25 -32.27
C LYS D 211 -32.72 9.31 -33.37
N PRO D 212 -32.22 10.54 -33.08
CA PRO D 212 -32.20 11.62 -34.07
C PRO D 212 -31.75 11.22 -35.48
N SER D 213 -30.77 10.33 -35.59
CA SER D 213 -30.29 9.90 -36.89
C SER D 213 -30.69 8.45 -37.12
N ASN D 214 -31.63 7.98 -36.31
CA ASN D 214 -32.10 6.60 -36.36
C ASN D 214 -30.93 5.63 -36.54
N THR D 215 -29.91 5.86 -35.73
CA THR D 215 -28.72 5.05 -35.75
C THR D 215 -28.75 4.04 -34.62
N LYS D 216 -28.33 2.82 -34.92
CA LYS D 216 -28.27 1.77 -33.92
C LYS D 216 -27.05 0.95 -34.25
N VAL D 217 -26.08 0.95 -33.34
CA VAL D 217 -24.85 0.22 -33.58
C VAL D 217 -24.46 -0.69 -32.41
N ASP D 218 -23.99 -1.88 -32.75
CA ASP D 218 -23.56 -2.85 -31.76
C ASP D 218 -22.12 -3.18 -32.13
N LYS D 219 -21.19 -2.59 -31.39
CA LYS D 219 -19.78 -2.83 -31.65
C LYS D 219 -19.25 -3.84 -30.65
N LYS D 220 -18.58 -4.87 -31.15
CA LYS D 220 -18.01 -5.89 -30.29
C LYS D 220 -16.55 -5.54 -30.04
N VAL D 221 -16.24 -5.27 -28.78
CA VAL D 221 -14.90 -4.91 -28.37
C VAL D 221 -14.07 -6.15 -28.05
N GLU D 222 -12.98 -6.35 -28.79
CA GLU D 222 -12.09 -7.50 -28.59
C GLU D 222 -10.67 -7.03 -28.28
N PRO D 223 -9.86 -7.91 -27.67
CA PRO D 223 -8.48 -7.55 -27.35
C PRO D 223 -7.68 -7.41 -28.65
N LYS D 224 -6.96 -6.28 -28.77
CA LYS D 224 -6.17 -6.02 -29.95
C LYS D 224 -5.00 -7.00 -30.06
N SER D 225 -5.29 -8.15 -30.67
CA SER D 225 -4.31 -9.21 -30.89
C SER D 225 -3.00 -8.69 -31.47
N CYS D 226 -1.93 -8.78 -30.68
CA CYS D 226 -0.61 -8.33 -31.13
C CYS D 226 0.23 -9.55 -31.52
N GLU E 1 40.61 -37.79 3.32
CA GLU E 1 39.62 -37.26 2.34
C GLU E 1 38.34 -36.82 3.06
N LEU E 2 38.44 -36.57 4.36
CA LEU E 2 37.28 -36.16 5.15
C LEU E 2 36.58 -34.94 4.54
N VAL E 3 35.26 -35.02 4.43
CA VAL E 3 34.48 -33.91 3.88
C VAL E 3 33.35 -33.55 4.83
N VAL E 4 33.45 -32.37 5.42
CA VAL E 4 32.45 -31.90 6.35
C VAL E 4 31.38 -31.20 5.52
N THR E 5 30.12 -31.56 5.78
CA THR E 5 29.01 -31.01 5.02
C THR E 5 27.96 -30.32 5.89
N GLN E 6 27.45 -29.18 5.42
CA GLN E 6 26.43 -28.43 6.13
C GLN E 6 25.35 -28.07 5.13
N GLU E 7 24.14 -27.81 5.61
CA GLU E 7 23.07 -27.40 4.73
C GLU E 7 23.49 -26.02 4.19
N SER E 8 23.36 -25.82 2.88
CA SER E 8 23.75 -24.55 2.26
C SER E 8 23.07 -23.34 2.88
N ALA E 9 21.76 -23.42 3.05
CA ALA E 9 21.00 -22.31 3.61
C ALA E 9 19.80 -22.74 4.41
N LEU E 10 19.40 -21.89 5.35
CA LEU E 10 18.24 -22.14 6.20
C LEU E 10 17.59 -20.80 6.48
N THR E 11 16.26 -20.79 6.61
CA THR E 11 15.55 -19.57 6.92
C THR E 11 14.64 -19.80 8.10
N THR E 12 14.61 -18.85 9.02
CA THR E 12 13.77 -18.96 10.20
C THR E 12 13.18 -17.62 10.50
N SER E 13 12.16 -17.59 11.34
CA SER E 13 11.55 -16.33 11.71
C SER E 13 11.99 -15.97 13.10
N PRO E 14 12.01 -14.68 13.42
CA PRO E 14 12.43 -14.23 14.74
C PRO E 14 11.72 -14.99 15.85
N GLY E 15 12.41 -15.16 16.97
CA GLY E 15 11.84 -15.85 18.12
C GLY E 15 11.74 -17.35 17.96
N GLU E 16 11.90 -17.83 16.74
CA GLU E 16 11.82 -19.25 16.45
C GLU E 16 13.14 -19.93 16.85
N THR E 17 13.17 -21.25 16.73
CA THR E 17 14.36 -22.02 17.08
C THR E 17 14.83 -22.75 15.83
N VAL E 18 16.13 -22.69 15.54
CA VAL E 18 16.68 -23.36 14.36
C VAL E 18 17.95 -24.12 14.69
N THR E 19 18.19 -25.19 13.95
CA THR E 19 19.37 -25.99 14.19
C THR E 19 20.12 -26.30 12.91
N LEU E 20 21.41 -25.98 12.92
CA LEU E 20 22.30 -26.22 11.78
C LEU E 20 23.07 -27.49 12.09
N THR E 21 23.21 -28.37 11.10
CA THR E 21 23.95 -29.61 11.34
C THR E 21 25.29 -29.64 10.61
N CYS E 22 26.15 -30.56 11.05
CA CYS E 22 27.48 -30.71 10.51
C CYS E 22 27.78 -32.19 10.44
N ARG E 23 27.92 -32.73 9.24
CA ARG E 23 28.16 -34.15 9.10
C ARG E 23 29.50 -34.51 8.48
N SER E 24 30.08 -35.62 8.92
CA SER E 24 31.34 -36.11 8.41
C SER E 24 31.12 -37.18 7.34
N SER E 25 31.98 -37.19 6.32
CA SER E 25 31.87 -38.16 5.24
C SER E 25 32.51 -39.49 5.67
N SER E 26 33.25 -39.43 6.78
CA SER E 26 33.94 -40.61 7.28
C SER E 26 33.18 -41.29 8.40
N GLY E 27 31.93 -40.90 8.61
CA GLY E 27 31.16 -41.52 9.67
C GLY E 27 30.47 -40.55 10.61
N ALA E 28 30.04 -41.06 11.75
CA ALA E 28 29.35 -40.24 12.74
C ALA E 28 30.31 -39.27 13.41
N VAL E 29 29.84 -38.05 13.67
CA VAL E 29 30.69 -37.09 14.35
C VAL E 29 30.70 -37.50 15.81
N THR E 30 31.86 -37.37 16.45
CA THR E 30 31.99 -37.75 17.84
C THR E 30 32.79 -36.75 18.65
N THR E 31 32.63 -36.82 19.97
CA THR E 31 33.33 -35.93 20.89
C THR E 31 34.79 -35.70 20.52
N SER E 32 35.48 -36.73 20.05
CA SER E 32 36.88 -36.58 19.69
C SER E 32 37.09 -35.79 18.42
N ASN E 33 36.01 -35.28 17.84
CA ASN E 33 36.14 -34.44 16.65
C ASN E 33 36.16 -33.00 17.12
N TYR E 34 35.77 -32.81 18.37
CA TYR E 34 35.75 -31.49 19.00
C TYR E 34 35.09 -30.45 18.14
N ALA E 35 33.95 -30.81 17.56
CA ALA E 35 33.20 -29.91 16.69
C ALA E 35 33.21 -28.48 17.22
N THR E 36 33.50 -27.55 16.33
CA THR E 36 33.55 -26.14 16.70
C THR E 36 32.82 -25.31 15.65
N TRP E 37 32.27 -24.17 16.06
CA TRP E 37 31.56 -23.31 15.14
C TRP E 37 32.10 -21.88 15.09
N VAL E 38 32.02 -21.28 13.90
CA VAL E 38 32.48 -19.92 13.67
C VAL E 38 31.41 -19.16 12.90
N GLN E 39 31.18 -17.91 13.26
CA GLN E 39 30.18 -17.09 12.59
C GLN E 39 30.84 -16.03 11.74
N GLU E 40 30.40 -15.92 10.49
CA GLU E 40 30.94 -14.91 9.59
C GLU E 40 29.89 -13.84 9.32
N LYS E 41 30.22 -12.61 9.72
CA LYS E 41 29.35 -11.48 9.50
C LYS E 41 29.95 -10.69 8.35
N PRO E 42 29.15 -9.83 7.71
CA PRO E 42 29.63 -9.03 6.58
C PRO E 42 30.96 -8.33 6.84
N ASP E 43 31.80 -8.33 5.81
CA ASP E 43 33.10 -7.72 5.83
C ASP E 43 34.18 -8.60 6.45
N HIS E 44 34.05 -9.91 6.25
CA HIS E 44 35.01 -10.88 6.75
C HIS E 44 35.27 -10.75 8.24
N LEU E 45 34.19 -10.71 9.01
CA LEU E 45 34.31 -10.60 10.45
C LEU E 45 33.88 -11.93 11.03
N PHE E 46 34.87 -12.70 11.47
CA PHE E 46 34.63 -14.03 12.03
C PHE E 46 34.70 -14.05 13.55
N THR E 47 33.87 -14.89 14.15
CA THR E 47 33.78 -15.03 15.60
C THR E 47 33.59 -16.49 16.00
N GLY E 48 34.41 -16.98 16.93
CA GLY E 48 34.24 -18.34 17.41
C GLY E 48 33.01 -18.43 18.29
N LEU E 49 32.16 -19.44 18.09
CA LEU E 49 30.94 -19.59 18.88
C LEU E 49 30.98 -20.72 19.90
N ILE E 50 31.20 -21.93 19.38
CA ILE E 50 31.22 -23.14 20.18
C ILE E 50 32.53 -23.90 20.04
N GLY E 51 32.90 -24.60 21.10
CA GLY E 51 34.11 -25.40 21.07
C GLY E 51 33.85 -26.67 21.85
N GLY E 52 34.59 -27.73 21.52
CA GLY E 52 34.38 -28.98 22.23
C GLY E 52 32.95 -29.49 22.06
N THR E 53 32.40 -29.28 20.86
CA THR E 53 31.06 -29.74 20.51
C THR E 53 29.89 -29.01 21.15
N ASN E 54 29.92 -28.82 22.47
CA ASN E 54 28.82 -28.18 23.18
C ASN E 54 29.19 -27.06 24.15
N LYS E 55 30.46 -26.69 24.21
CA LYS E 55 30.90 -25.62 25.12
C LYS E 55 30.87 -24.26 24.43
N ARG E 56 30.11 -23.34 25.02
CA ARG E 56 29.97 -21.98 24.48
C ARG E 56 31.22 -21.14 24.69
N ALA E 57 31.53 -20.27 23.74
CA ALA E 57 32.69 -19.41 23.85
C ALA E 57 32.31 -18.20 24.69
N PRO E 58 33.28 -17.61 25.42
CA PRO E 58 32.94 -16.45 26.23
C PRO E 58 32.40 -15.31 25.36
N GLY E 59 31.31 -14.69 25.82
CA GLY E 59 30.72 -13.59 25.07
C GLY E 59 29.59 -14.01 24.15
N VAL E 60 29.36 -15.31 24.05
CA VAL E 60 28.30 -15.81 23.19
C VAL E 60 27.01 -15.97 23.99
N PRO E 61 25.93 -15.29 23.57
CA PRO E 61 24.67 -15.42 24.29
C PRO E 61 24.24 -16.89 24.42
N ALA E 62 23.49 -17.19 25.48
CA ALA E 62 23.04 -18.55 25.72
C ALA E 62 22.05 -19.08 24.70
N ARG E 63 21.59 -18.22 23.78
CA ARG E 63 20.64 -18.68 22.77
C ARG E 63 21.29 -19.67 21.84
N PHE E 64 22.62 -19.70 21.88
CA PHE E 64 23.42 -20.60 21.08
C PHE E 64 23.84 -21.81 21.93
N SER E 65 23.74 -22.99 21.34
CA SER E 65 24.13 -24.22 22.03
C SER E 65 24.62 -25.25 21.02
N GLY E 66 25.50 -26.14 21.47
CA GLY E 66 26.01 -27.16 20.59
C GLY E 66 25.66 -28.53 21.12
N SER E 67 25.74 -29.53 20.26
CA SER E 67 25.45 -30.90 20.66
C SER E 67 25.57 -31.85 19.50
N LEU E 68 25.43 -33.13 19.81
CA LEU E 68 25.46 -34.15 18.79
C LEU E 68 24.03 -34.59 18.63
N ILE E 69 23.55 -34.59 17.40
CA ILE E 69 22.21 -35.01 17.09
C ILE E 69 22.41 -36.06 16.01
N GLY E 70 22.02 -37.29 16.31
CA GLY E 70 22.22 -38.35 15.34
C GLY E 70 23.71 -38.54 15.12
N ASP E 71 24.12 -38.59 13.85
CA ASP E 71 25.54 -38.78 13.53
C ASP E 71 26.20 -37.44 13.25
N ARG E 72 25.46 -36.37 13.52
CA ARG E 72 25.96 -35.04 13.23
C ARG E 72 26.23 -34.18 14.46
N ALA E 73 26.97 -33.10 14.25
CA ALA E 73 27.24 -32.16 15.32
C ALA E 73 26.25 -31.07 14.96
N ALA E 74 25.76 -30.33 15.93
CA ALA E 74 24.80 -29.29 15.60
C ALA E 74 24.91 -28.04 16.45
N LEU E 75 24.46 -26.94 15.84
CA LEU E 75 24.45 -25.64 16.48
C LEU E 75 22.99 -25.27 16.50
N THR E 76 22.46 -25.00 17.70
CA THR E 76 21.07 -24.65 17.84
C THR E 76 20.88 -23.25 18.37
N ILE E 77 20.16 -22.45 17.61
CA ILE E 77 19.88 -21.08 18.01
C ILE E 77 18.43 -21.00 18.42
N THR E 78 18.18 -20.71 19.69
CA THR E 78 16.80 -20.60 20.14
C THR E 78 16.47 -19.11 20.22
N GLY E 79 15.25 -18.75 19.82
CA GLY E 79 14.86 -17.36 19.84
C GLY E 79 15.71 -16.56 18.87
N ALA E 80 15.74 -17.03 17.63
CA ALA E 80 16.50 -16.39 16.56
C ALA E 80 16.23 -14.89 16.49
N GLN E 81 17.29 -14.09 16.40
CA GLN E 81 17.15 -12.63 16.28
C GLN E 81 17.67 -12.19 14.92
N THR E 82 17.30 -10.99 14.49
CA THR E 82 17.75 -10.49 13.20
C THR E 82 19.27 -10.40 13.20
N GLU E 83 19.83 -10.12 14.37
CA GLU E 83 21.27 -10.01 14.49
C GLU E 83 21.96 -11.33 14.19
N ASP E 84 21.20 -12.41 14.10
CA ASP E 84 21.80 -13.72 13.84
C ASP E 84 22.03 -14.04 12.38
N GLU E 85 21.59 -13.15 11.51
CA GLU E 85 21.77 -13.34 10.08
C GLU E 85 23.26 -13.35 9.78
N ALA E 86 23.77 -14.49 9.35
CA ALA E 86 25.18 -14.62 9.04
C ALA E 86 25.42 -15.99 8.42
N ILE E 87 26.69 -16.32 8.23
CA ILE E 87 27.07 -17.61 7.71
C ILE E 87 27.75 -18.35 8.84
N TYR E 88 27.29 -19.55 9.13
CA TYR E 88 27.88 -20.32 10.20
C TYR E 88 28.73 -21.46 9.67
N PHE E 89 29.99 -21.46 10.07
CA PHE E 89 30.94 -22.48 9.66
C PHE E 89 31.17 -23.44 10.78
N CYS E 90 31.29 -24.70 10.40
CA CYS E 90 31.53 -25.78 11.33
C CYS E 90 32.86 -26.42 10.95
N ALA E 91 33.58 -26.94 11.93
CA ALA E 91 34.86 -27.58 11.64
C ALA E 91 35.01 -28.77 12.55
N LEU E 92 35.64 -29.80 12.00
CA LEU E 92 35.86 -31.03 12.72
C LEU E 92 37.34 -31.32 12.78
N TRP E 93 37.78 -31.87 13.91
CA TRP E 93 39.18 -32.23 14.06
C TRP E 93 39.34 -33.68 13.68
N ASN E 94 40.13 -33.93 12.64
CA ASN E 94 40.34 -35.27 12.13
C ASN E 94 41.73 -35.81 12.48
N SER E 95 41.94 -36.12 13.75
CA SER E 95 43.20 -36.68 14.22
C SER E 95 44.42 -35.74 14.16
N ASN E 96 44.77 -35.26 12.97
CA ASN E 96 45.94 -34.38 12.86
C ASN E 96 45.75 -33.13 11.99
N HIS E 97 44.51 -32.81 11.68
CA HIS E 97 44.24 -31.63 10.87
C HIS E 97 42.76 -31.22 11.06
N LEU E 98 42.45 -29.94 10.81
CA LEU E 98 41.08 -29.44 10.97
C LEU E 98 40.38 -29.28 9.63
N VAL E 99 39.11 -29.69 9.56
CA VAL E 99 38.37 -29.59 8.32
C VAL E 99 37.10 -28.76 8.51
N PHE E 100 36.96 -27.72 7.71
CA PHE E 100 35.80 -26.83 7.77
C PHE E 100 34.67 -27.37 6.90
N GLY E 101 33.44 -27.00 7.25
CA GLY E 101 32.30 -27.39 6.47
C GLY E 101 32.13 -26.28 5.43
N GLY E 102 31.11 -26.37 4.59
CA GLY E 102 30.90 -25.37 3.56
C GLY E 102 30.21 -24.13 4.10
N GLY E 103 29.74 -24.22 5.33
CA GLY E 103 29.06 -23.08 5.93
C GLY E 103 27.59 -23.09 5.59
N THR E 104 26.78 -22.53 6.48
CA THR E 104 25.34 -22.46 6.27
C THR E 104 24.91 -21.01 6.34
N LYS E 105 24.24 -20.52 5.32
CA LYS E 105 23.78 -19.14 5.37
C LYS E 105 22.43 -19.15 6.05
N LEU E 106 22.35 -18.47 7.19
CA LEU E 106 21.12 -18.42 7.95
C LEU E 106 20.40 -17.10 7.67
N GLU E 107 19.17 -17.20 7.16
CA GLU E 107 18.36 -16.04 6.83
C GLU E 107 17.23 -15.85 7.83
N ILE E 108 16.92 -14.60 8.15
CA ILE E 108 15.84 -14.31 9.10
C ILE E 108 14.64 -13.72 8.36
N LYS E 109 13.52 -14.44 8.38
CA LYS E 109 12.30 -14.00 7.71
C LYS E 109 11.77 -12.66 8.22
N ARG E 110 11.22 -11.88 7.29
CA ARG E 110 10.64 -10.58 7.59
C ARG E 110 9.50 -10.36 6.60
N THR E 111 8.65 -9.37 6.89
CA THR E 111 7.52 -9.08 6.02
C THR E 111 8.03 -8.60 4.67
N VAL E 112 7.46 -9.14 3.59
CA VAL E 112 7.84 -8.75 2.24
C VAL E 112 8.10 -7.25 2.16
N ALA E 113 9.18 -6.88 1.48
CA ALA E 113 9.54 -5.49 1.31
C ALA E 113 9.94 -5.25 -0.15
N ALA E 114 9.11 -4.50 -0.85
CA ALA E 114 9.39 -4.19 -2.24
C ALA E 114 10.61 -3.28 -2.30
N PRO E 115 11.40 -3.41 -3.37
CA PRO E 115 12.60 -2.59 -3.55
C PRO E 115 12.33 -1.17 -4.01
N SER E 116 13.24 -0.26 -3.70
CA SER E 116 13.13 1.12 -4.16
C SER E 116 14.06 1.08 -5.35
N VAL E 117 13.54 1.43 -6.53
CA VAL E 117 14.36 1.38 -7.72
C VAL E 117 14.91 2.75 -8.14
N PHE E 118 16.16 2.72 -8.61
CA PHE E 118 16.87 3.91 -9.05
C PHE E 118 17.69 3.58 -10.29
N ILE E 119 17.69 4.49 -11.26
CA ILE E 119 18.45 4.27 -12.48
C ILE E 119 19.46 5.40 -12.61
N PHE E 120 20.70 5.03 -12.90
CA PHE E 120 21.77 5.99 -13.03
C PHE E 120 22.35 5.98 -14.44
N PRO E 121 22.22 7.11 -15.16
CA PRO E 121 22.75 7.20 -16.51
C PRO E 121 24.27 7.28 -16.40
N PRO E 122 25.00 6.98 -17.49
CA PRO E 122 26.46 7.07 -17.39
C PRO E 122 26.92 8.51 -17.24
N SER E 123 28.04 8.70 -16.55
CA SER E 123 28.60 10.02 -16.34
C SER E 123 29.29 10.49 -17.62
N ASP E 124 29.40 11.80 -17.79
CA ASP E 124 30.04 12.34 -18.97
C ASP E 124 31.50 11.92 -19.01
N GLU E 125 32.14 11.97 -17.85
CA GLU E 125 33.55 11.60 -17.72
C GLU E 125 33.77 10.19 -18.22
N GLN E 126 32.87 9.28 -17.87
CA GLN E 126 33.00 7.89 -18.28
C GLN E 126 32.85 7.76 -19.79
N LEU E 127 31.99 8.58 -20.37
CA LEU E 127 31.75 8.54 -21.82
C LEU E 127 33.01 8.86 -22.62
N LYS E 128 33.84 9.77 -22.10
CA LYS E 128 35.08 10.15 -22.77
C LYS E 128 35.97 8.93 -22.99
N SER E 129 35.90 7.97 -22.06
CA SER E 129 36.70 6.75 -22.13
C SER E 129 36.19 5.80 -23.19
N GLY E 130 35.10 6.18 -23.86
CA GLY E 130 34.57 5.32 -24.90
C GLY E 130 33.56 4.28 -24.43
N THR E 131 33.37 4.17 -23.13
CA THR E 131 32.42 3.20 -22.60
C THR E 131 31.31 3.88 -21.81
N ALA E 132 30.16 3.21 -21.73
CA ALA E 132 29.02 3.76 -21.00
C ALA E 132 28.40 2.71 -20.10
N SER E 133 28.37 2.99 -18.80
CA SER E 133 27.79 2.06 -17.83
C SER E 133 26.50 2.63 -17.28
N VAL E 134 25.43 1.89 -17.43
CA VAL E 134 24.13 2.30 -16.92
C VAL E 134 23.87 1.45 -15.69
N VAL E 135 23.61 2.10 -14.56
CA VAL E 135 23.38 1.36 -13.33
C VAL E 135 21.95 1.42 -12.83
N CYS E 136 21.48 0.28 -12.36
CA CYS E 136 20.14 0.17 -11.83
C CYS E 136 20.22 -0.33 -10.39
N LEU E 137 19.65 0.44 -9.46
CA LEU E 137 19.68 0.04 -8.06
C LEU E 137 18.35 -0.36 -7.45
N LEU E 138 18.31 -1.57 -6.88
CA LEU E 138 17.14 -2.08 -6.17
C LEU E 138 17.56 -2.01 -4.70
N ASN E 139 16.86 -1.20 -3.91
CA ASN E 139 17.25 -1.02 -2.53
C ASN E 139 16.35 -1.60 -1.45
N ASN E 140 16.96 -2.23 -0.45
CA ASN E 140 16.29 -2.82 0.70
C ASN E 140 14.98 -3.56 0.45
N PHE E 141 15.07 -4.74 -0.14
CA PHE E 141 13.87 -5.51 -0.41
C PHE E 141 13.96 -6.90 0.19
N TYR E 142 12.86 -7.63 0.13
CA TYR E 142 12.83 -8.99 0.64
C TYR E 142 11.53 -9.64 0.18
N PRO E 143 11.58 -10.93 -0.23
CA PRO E 143 12.76 -11.79 -0.28
C PRO E 143 13.80 -11.38 -1.30
N ARG E 144 14.83 -12.20 -1.45
CA ARG E 144 15.91 -11.91 -2.38
C ARG E 144 15.55 -12.04 -3.85
N GLU E 145 14.64 -12.96 -4.16
CA GLU E 145 14.23 -13.19 -5.55
C GLU E 145 13.72 -11.90 -6.18
N ALA E 146 14.46 -11.40 -7.17
CA ALA E 146 14.09 -10.17 -7.87
C ALA E 146 14.61 -10.27 -9.29
N LYS E 147 13.77 -9.95 -10.26
CA LYS E 147 14.15 -10.02 -11.66
C LYS E 147 14.34 -8.62 -12.23
N VAL E 148 15.53 -8.33 -12.75
CA VAL E 148 15.80 -7.02 -13.33
C VAL E 148 16.04 -7.15 -14.82
N GLN E 149 15.20 -6.49 -15.61
CA GLN E 149 15.33 -6.56 -17.06
C GLN E 149 15.67 -5.21 -17.67
N TRP E 150 16.66 -5.21 -18.55
CA TRP E 150 17.08 -3.99 -19.22
C TRP E 150 16.37 -3.86 -20.57
N LYS E 151 15.96 -2.65 -20.91
CA LYS E 151 15.28 -2.39 -22.18
C LYS E 151 15.83 -1.10 -22.76
N VAL E 152 16.45 -1.20 -23.95
CA VAL E 152 16.99 -0.03 -24.64
C VAL E 152 16.05 0.24 -25.81
N ASP E 153 15.23 1.27 -25.69
CA ASP E 153 14.26 1.61 -26.71
C ASP E 153 13.38 0.38 -26.96
N ASN E 154 12.85 -0.15 -25.86
CA ASN E 154 11.97 -1.33 -25.85
C ASN E 154 12.56 -2.63 -26.37
N ALA E 155 13.89 -2.70 -26.42
CA ALA E 155 14.57 -3.90 -26.86
C ALA E 155 15.15 -4.58 -25.63
N LEU E 156 14.52 -5.68 -25.20
CA LEU E 156 15.03 -6.37 -24.02
C LEU E 156 16.46 -6.84 -24.25
N GLN E 157 17.38 -6.33 -23.44
CA GLN E 157 18.79 -6.67 -23.56
C GLN E 157 19.07 -8.06 -23.00
N SER E 158 20.29 -8.56 -23.24
CA SER E 158 20.69 -9.89 -22.78
C SER E 158 22.20 -10.07 -22.92
N GLY E 159 22.83 -10.63 -21.89
CA GLY E 159 24.26 -10.87 -21.94
C GLY E 159 25.19 -9.67 -21.81
N ASN E 160 24.63 -8.49 -21.54
CA ASN E 160 25.45 -7.29 -21.43
C ASN E 160 25.22 -6.58 -20.08
N SER E 161 24.87 -7.36 -19.06
CA SER E 161 24.62 -6.80 -17.73
C SER E 161 25.05 -7.76 -16.64
N GLN E 162 25.64 -7.23 -15.59
CA GLN E 162 26.08 -8.02 -14.44
C GLN E 162 25.42 -7.41 -13.22
N GLU E 163 25.08 -8.24 -12.24
CA GLU E 163 24.47 -7.71 -11.03
C GLU E 163 25.21 -8.16 -9.78
N SER E 164 25.03 -7.40 -8.70
CA SER E 164 25.66 -7.70 -7.43
C SER E 164 24.61 -7.54 -6.35
N VAL E 165 24.67 -8.37 -5.33
CA VAL E 165 23.72 -8.28 -4.24
C VAL E 165 24.46 -8.26 -2.91
N THR E 166 23.96 -7.45 -1.97
CA THR E 166 24.60 -7.37 -0.68
C THR E 166 24.10 -8.49 0.21
N GLU E 167 24.71 -8.62 1.38
CA GLU E 167 24.31 -9.64 2.33
C GLU E 167 23.07 -9.14 3.04
N GLN E 168 22.26 -10.06 3.54
CA GLN E 168 21.04 -9.65 4.22
C GLN E 168 21.45 -8.69 5.32
N ASP E 169 20.86 -7.50 5.30
CA ASP E 169 21.16 -6.48 6.28
C ASP E 169 20.82 -6.98 7.66
N SER E 170 21.74 -6.82 8.60
CA SER E 170 21.54 -7.28 9.97
C SER E 170 20.39 -6.58 10.67
N LYS E 171 20.14 -5.33 10.26
CA LYS E 171 19.07 -4.52 10.84
C LYS E 171 17.70 -4.90 10.31
N ASP E 172 17.37 -4.46 9.10
CA ASP E 172 16.07 -4.73 8.51
C ASP E 172 15.95 -6.04 7.77
N SER E 173 17.01 -6.84 7.77
CA SER E 173 16.99 -8.15 7.12
C SER E 173 16.68 -8.08 5.62
N THR E 174 17.02 -6.95 4.99
CA THR E 174 16.77 -6.78 3.57
C THR E 174 18.02 -6.99 2.72
N TYR E 175 17.82 -7.03 1.42
CA TYR E 175 18.91 -7.18 0.47
C TYR E 175 18.88 -5.96 -0.41
N SER E 176 20.01 -5.67 -1.04
CA SER E 176 20.08 -4.56 -1.96
C SER E 176 20.84 -5.11 -3.16
N LEU E 177 20.35 -4.81 -4.35
CA LEU E 177 20.95 -5.30 -5.59
C LEU E 177 21.23 -4.17 -6.57
N SER E 178 22.23 -4.39 -7.41
CA SER E 178 22.57 -3.41 -8.43
C SER E 178 22.81 -4.18 -9.72
N SER E 179 22.27 -3.66 -10.82
CA SER E 179 22.49 -4.31 -12.10
C SER E 179 23.15 -3.25 -12.97
N THR E 180 24.22 -3.65 -13.64
CA THR E 180 24.95 -2.72 -14.47
C THR E 180 24.96 -3.16 -15.93
N LEU E 181 24.41 -2.29 -16.78
CA LEU E 181 24.35 -2.52 -18.22
C LEU E 181 25.57 -1.80 -18.80
N THR E 182 26.43 -2.52 -19.50
CA THR E 182 27.62 -1.91 -20.09
C THR E 182 27.54 -1.91 -21.61
N LEU E 183 27.68 -0.72 -22.19
CA LEU E 183 27.60 -0.54 -23.63
C LEU E 183 28.79 0.31 -24.11
N SER E 184 29.14 0.18 -25.38
CA SER E 184 30.22 0.97 -25.94
C SER E 184 29.58 2.35 -26.12
N LYS E 185 30.40 3.40 -26.02
CA LYS E 185 29.91 4.76 -26.17
C LYS E 185 29.03 4.82 -27.42
N ALA E 186 29.50 4.11 -28.45
CA ALA E 186 28.82 4.05 -29.74
C ALA E 186 27.36 3.65 -29.61
N ASP E 187 27.14 2.42 -29.19
CA ASP E 187 25.78 1.89 -29.05
C ASP E 187 24.94 2.77 -28.14
N TYR E 188 25.53 3.25 -27.06
CA TYR E 188 24.80 4.11 -26.12
C TYR E 188 24.20 5.32 -26.83
N GLU E 189 24.97 5.90 -27.76
CA GLU E 189 24.54 7.06 -28.52
C GLU E 189 23.55 6.67 -29.62
N LYS E 190 23.45 5.38 -29.89
CA LYS E 190 22.57 4.86 -30.92
C LYS E 190 21.12 4.70 -30.44
N HIS E 191 20.86 5.00 -29.17
CA HIS E 191 19.53 4.84 -28.63
C HIS E 191 19.11 5.97 -27.71
N LYS E 192 17.81 6.06 -27.43
CA LYS E 192 17.30 7.13 -26.57
C LYS E 192 16.73 6.69 -25.22
N VAL E 193 15.70 5.84 -25.22
CA VAL E 193 15.11 5.40 -23.97
C VAL E 193 15.85 4.24 -23.31
N TYR E 194 16.26 4.48 -22.07
CA TYR E 194 16.97 3.49 -21.27
C TYR E 194 16.15 3.23 -20.03
N ALA E 195 15.60 2.03 -19.95
CA ALA E 195 14.76 1.65 -18.82
C ALA E 195 15.17 0.38 -18.11
N CYS E 196 14.89 0.38 -16.82
CA CYS E 196 15.18 -0.74 -15.95
C CYS E 196 13.84 -1.26 -15.47
N GLU E 197 13.52 -2.51 -15.79
CA GLU E 197 12.25 -3.09 -15.37
C GLU E 197 12.48 -4.09 -14.24
N VAL E 198 11.87 -3.82 -13.08
CA VAL E 198 12.02 -4.69 -11.92
C VAL E 198 10.75 -5.44 -11.54
N THR E 199 10.91 -6.74 -11.29
CA THR E 199 9.82 -7.63 -10.89
C THR E 199 10.16 -8.18 -9.51
N HIS E 200 9.23 -8.06 -8.57
CA HIS E 200 9.48 -8.54 -7.23
C HIS E 200 8.16 -8.83 -6.54
N GLN E 201 8.16 -9.84 -5.67
CA GLN E 201 6.97 -10.23 -4.94
C GLN E 201 6.26 -9.07 -4.24
N GLY E 202 7.02 -8.10 -3.76
CA GLY E 202 6.42 -6.96 -3.08
C GLY E 202 5.81 -5.93 -4.02
N LEU E 203 5.84 -6.20 -5.32
CA LEU E 203 5.29 -5.30 -6.34
C LEU E 203 4.12 -5.95 -7.08
N SER E 204 2.97 -5.27 -7.05
CA SER E 204 1.76 -5.77 -7.71
C SER E 204 2.02 -5.89 -9.21
N SER E 205 2.76 -4.92 -9.75
CA SER E 205 3.09 -4.88 -11.17
C SER E 205 4.55 -4.45 -11.26
N PRO E 206 5.28 -4.93 -12.28
CA PRO E 206 6.69 -4.53 -12.39
C PRO E 206 6.90 -3.02 -12.47
N VAL E 207 7.94 -2.55 -11.78
CA VAL E 207 8.28 -1.15 -11.73
C VAL E 207 9.36 -0.84 -12.75
N THR E 208 9.20 0.27 -13.48
CA THR E 208 10.17 0.66 -14.49
C THR E 208 10.70 2.06 -14.22
N LYS E 209 12.01 2.17 -14.17
CA LYS E 209 12.66 3.45 -13.95
C LYS E 209 13.46 3.66 -15.22
N SER E 210 13.35 4.85 -15.81
CA SER E 210 14.04 5.11 -17.06
C SER E 210 14.44 6.56 -17.27
N PHE E 211 15.13 6.79 -18.37
CA PHE E 211 15.58 8.11 -18.74
C PHE E 211 15.88 8.14 -20.24
N ASN E 212 15.79 9.31 -20.84
CA ASN E 212 16.08 9.49 -22.25
C ASN E 212 17.47 10.09 -22.35
N ARG E 213 18.37 9.40 -23.05
CA ARG E 213 19.73 9.87 -23.20
C ARG E 213 19.77 11.33 -23.58
N GLY E 214 20.55 12.11 -22.84
CA GLY E 214 20.66 13.53 -23.13
C GLY E 214 19.59 14.38 -22.47
N GLU E 215 18.36 13.86 -22.43
CA GLU E 215 17.24 14.60 -21.84
C GLU E 215 17.26 14.66 -20.32
N CYS E 216 17.96 15.69 -19.84
CA CYS E 216 18.17 16.01 -18.43
C CYS E 216 16.85 16.43 -17.80
N GLU F 1 41.09 -7.00 24.36
CA GLU F 1 41.30 -6.33 23.02
C GLU F 1 42.33 -6.99 22.08
N VAL F 2 42.12 -8.26 21.79
CA VAL F 2 43.01 -9.02 20.92
C VAL F 2 43.18 -8.36 19.56
N LYS F 3 44.42 -8.21 19.11
CA LYS F 3 44.65 -7.62 17.80
C LYS F 3 45.54 -8.48 16.92
N LEU F 4 45.03 -8.84 15.75
CA LEU F 4 45.77 -9.64 14.79
C LEU F 4 45.75 -8.87 13.49
N LEU F 5 46.91 -8.49 13.01
CA LEU F 5 47.00 -7.74 11.78
C LEU F 5 47.93 -8.40 10.78
N GLU F 6 47.37 -8.87 9.68
CA GLU F 6 48.13 -9.54 8.64
C GLU F 6 48.76 -8.57 7.66
N SER F 7 49.76 -9.04 6.93
CA SER F 7 50.46 -8.24 5.95
C SER F 7 51.26 -9.15 5.04
N GLY F 8 51.61 -8.65 3.86
CA GLY F 8 52.37 -9.45 2.93
C GLY F 8 51.57 -9.87 1.73
N GLY F 9 50.27 -9.62 1.77
CA GLY F 9 49.42 -9.99 0.65
C GLY F 9 49.79 -9.21 -0.60
N GLY F 10 49.14 -9.53 -1.71
CA GLY F 10 49.42 -8.82 -2.94
C GLY F 10 49.43 -9.73 -4.14
N LEU F 11 49.78 -9.18 -5.29
CA LEU F 11 49.84 -9.93 -6.53
C LEU F 11 51.15 -10.71 -6.57
N ALA F 12 51.05 -11.99 -6.93
CA ALA F 12 52.23 -12.86 -7.02
C ALA F 12 52.16 -13.63 -8.33
N GLN F 13 53.30 -14.18 -8.75
CA GLN F 13 53.34 -14.93 -10.00
C GLN F 13 53.29 -16.44 -9.78
N PRO F 14 52.54 -17.14 -10.63
CA PRO F 14 52.44 -18.61 -10.50
C PRO F 14 53.81 -19.25 -10.40
N GLY F 15 53.93 -20.27 -9.56
CA GLY F 15 55.19 -20.95 -9.39
C GLY F 15 56.09 -20.24 -8.37
N GLY F 16 55.73 -19.01 -8.01
CA GLY F 16 56.52 -18.25 -7.06
C GLY F 16 56.27 -18.53 -5.60
N SER F 17 56.82 -17.69 -4.74
CA SER F 17 56.66 -17.85 -3.30
C SER F 17 56.28 -16.51 -2.67
N LEU F 18 55.75 -16.57 -1.45
CA LEU F 18 55.35 -15.37 -0.75
C LEU F 18 55.34 -15.62 0.75
N LYS F 19 55.75 -14.62 1.52
CA LYS F 19 55.77 -14.77 2.96
C LYS F 19 54.78 -13.79 3.59
N LEU F 20 53.76 -14.33 4.26
CA LEU F 20 52.77 -13.52 4.91
C LEU F 20 53.15 -13.41 6.38
N SER F 21 52.79 -12.30 6.99
CA SER F 21 53.11 -12.06 8.39
C SER F 21 51.89 -11.60 9.17
N CYS F 22 51.96 -11.73 10.49
CA CYS F 22 50.87 -11.32 11.35
C CYS F 22 51.41 -10.76 12.65
N ALA F 23 50.96 -9.56 13.01
CA ALA F 23 51.41 -8.95 14.25
C ALA F 23 50.29 -9.12 15.26
N ALA F 24 50.63 -9.56 16.45
CA ALA F 24 49.61 -9.76 17.47
C ALA F 24 49.85 -8.91 18.70
N SER F 25 48.78 -8.63 19.43
CA SER F 25 48.86 -7.83 20.64
C SER F 25 47.55 -7.97 21.41
N GLY F 26 47.60 -7.66 22.69
CA GLY F 26 46.40 -7.74 23.50
C GLY F 26 46.28 -9.04 24.25
N PHE F 27 47.29 -9.89 24.12
CA PHE F 27 47.28 -11.18 24.80
C PHE F 27 48.69 -11.77 24.84
N ASP F 28 48.91 -12.66 25.80
CA ASP F 28 50.20 -13.31 25.96
C ASP F 28 50.47 -14.24 24.75
N PHE F 29 50.89 -13.66 23.64
CA PHE F 29 51.17 -14.41 22.42
C PHE F 29 51.93 -15.71 22.71
N ARG F 30 52.91 -15.64 23.61
CA ARG F 30 53.71 -16.81 23.93
C ARG F 30 52.95 -18.02 24.48
N ARG F 31 51.71 -17.81 24.92
CA ARG F 31 50.94 -18.91 25.49
C ARG F 31 49.85 -19.48 24.59
N TYR F 32 49.74 -18.95 23.37
CA TYR F 32 48.68 -19.40 22.47
C TYR F 32 49.11 -20.08 21.18
N TRP F 33 48.25 -20.99 20.73
CA TRP F 33 48.47 -21.68 19.47
C TRP F 33 48.01 -20.67 18.42
N MET F 34 48.65 -20.65 17.27
CA MET F 34 48.22 -19.73 16.23
C MET F 34 47.84 -20.55 15.02
N THR F 35 46.92 -20.01 14.23
CA THR F 35 46.41 -20.70 13.06
C THR F 35 46.29 -19.81 11.83
N TRP F 36 46.40 -20.43 10.65
CA TRP F 36 46.26 -19.74 9.39
C TRP F 36 45.08 -20.38 8.67
N VAL F 37 44.15 -19.55 8.20
CA VAL F 37 42.99 -20.04 7.48
C VAL F 37 42.85 -19.11 6.29
N ARG F 38 42.45 -19.64 5.15
CA ARG F 38 42.29 -18.81 3.97
C ARG F 38 40.92 -18.99 3.37
N GLN F 39 40.54 -18.08 2.49
CA GLN F 39 39.26 -18.17 1.86
C GLN F 39 39.33 -17.69 0.43
N ALA F 40 39.23 -18.63 -0.50
CA ALA F 40 39.28 -18.30 -1.92
C ALA F 40 37.93 -17.74 -2.35
N PRO F 41 37.91 -17.01 -3.47
CA PRO F 41 36.65 -16.42 -3.97
C PRO F 41 35.54 -17.45 -4.20
N GLY F 42 34.34 -17.11 -3.75
CA GLY F 42 33.22 -18.02 -3.93
C GLY F 42 33.40 -19.34 -3.20
N LYS F 43 34.21 -19.33 -2.15
CA LYS F 43 34.41 -20.55 -1.39
C LYS F 43 34.35 -20.22 0.10
N GLY F 44 34.37 -21.27 0.91
CA GLY F 44 34.32 -21.09 2.34
C GLY F 44 35.72 -21.08 2.92
N LEU F 45 35.79 -21.18 4.22
CA LEU F 45 37.09 -21.16 4.88
C LEU F 45 37.81 -22.46 4.62
N GLU F 46 39.13 -22.42 4.65
CA GLU F 46 39.98 -23.59 4.45
C GLU F 46 41.13 -23.51 5.45
N TRP F 47 41.22 -24.52 6.33
CA TRP F 47 42.27 -24.55 7.34
C TRP F 47 43.61 -24.86 6.67
N ILE F 48 44.61 -24.04 6.97
CA ILE F 48 45.94 -24.23 6.42
C ILE F 48 46.80 -25.00 7.41
N GLY F 49 46.73 -24.60 8.68
CA GLY F 49 47.51 -25.29 9.70
C GLY F 49 47.67 -24.46 10.94
N ASP F 50 48.22 -25.04 11.99
CA ASP F 50 48.43 -24.29 13.21
C ASP F 50 49.78 -24.61 13.85
N ILE F 51 50.20 -23.77 14.79
CA ILE F 51 51.47 -24.01 15.45
C ILE F 51 51.35 -23.74 16.96
N ASN F 52 51.92 -24.62 17.77
CA ASN F 52 51.86 -24.45 19.21
C ASN F 52 52.87 -23.41 19.68
N PRO F 53 52.74 -22.97 20.94
CA PRO F 53 53.64 -21.97 21.52
C PRO F 53 55.11 -22.14 21.18
N ASP F 54 55.72 -23.23 21.66
CA ASP F 54 57.14 -23.43 21.42
C ASP F 54 57.51 -23.98 20.04
N SER F 55 56.63 -23.81 19.07
CA SER F 55 56.90 -24.23 17.71
C SER F 55 57.30 -25.69 17.53
N ARG F 56 57.15 -26.50 18.58
CA ARG F 56 57.51 -27.92 18.55
C ARG F 56 56.49 -28.79 17.79
N THR F 57 55.26 -28.29 17.68
CA THR F 57 54.19 -29.01 17.00
C THR F 57 53.59 -28.12 15.92
N ILE F 58 53.59 -28.60 14.68
CA ILE F 58 53.05 -27.81 13.60
C ILE F 58 52.22 -28.71 12.69
N ASN F 59 50.91 -28.51 12.72
CA ASN F 59 49.98 -29.28 11.93
C ASN F 59 49.63 -28.55 10.64
N TYR F 60 49.53 -29.29 9.54
CA TYR F 60 49.20 -28.73 8.23
C TYR F 60 48.02 -29.42 7.60
N MET F 61 47.37 -28.72 6.69
CA MET F 61 46.23 -29.28 5.99
C MET F 61 46.84 -30.32 5.07
N PRO F 62 46.04 -31.31 4.64
CA PRO F 62 46.61 -32.30 3.75
C PRO F 62 47.09 -31.60 2.47
N SER F 63 48.41 -31.42 2.38
CA SER F 63 49.03 -30.75 1.23
C SER F 63 50.35 -31.46 0.88
N LEU F 64 51.18 -30.81 0.05
CA LEU F 64 52.47 -31.38 -0.33
C LEU F 64 53.52 -30.86 0.66
N LYS F 65 54.62 -31.59 0.78
CA LYS F 65 55.68 -31.20 1.71
C LYS F 65 56.19 -29.78 1.43
N ASP F 66 56.40 -29.02 2.50
CA ASP F 66 56.88 -27.65 2.41
C ASP F 66 56.07 -26.72 1.51
N LYS F 67 54.86 -27.11 1.15
CA LYS F 67 54.02 -26.25 0.32
C LYS F 67 53.80 -24.97 1.13
N PHE F 68 53.62 -25.16 2.43
CA PHE F 68 53.41 -24.07 3.36
C PHE F 68 54.41 -24.25 4.49
N ILE F 69 54.79 -23.17 5.15
CA ILE F 69 55.73 -23.27 6.26
C ILE F 69 55.36 -22.27 7.34
N ILE F 70 54.63 -22.76 8.34
CA ILE F 70 54.20 -21.92 9.44
C ILE F 70 55.34 -21.78 10.45
N SER F 71 55.50 -20.60 11.01
CA SER F 71 56.53 -20.34 12.01
C SER F 71 56.10 -19.17 12.84
N ARG F 72 56.82 -18.91 13.92
CA ARG F 72 56.47 -17.80 14.79
C ARG F 72 57.70 -17.28 15.51
N ASP F 73 57.60 -16.06 16.01
CA ASP F 73 58.68 -15.42 16.76
C ASP F 73 58.03 -14.84 17.99
N ASN F 74 57.95 -15.63 19.06
CA ASN F 74 57.31 -15.15 20.27
C ASN F 74 57.89 -13.86 20.80
N ALA F 75 59.15 -13.59 20.48
CA ALA F 75 59.80 -12.38 20.95
C ALA F 75 59.18 -11.15 20.29
N LYS F 76 58.80 -11.32 19.03
CA LYS F 76 58.20 -10.23 18.26
C LYS F 76 56.68 -10.37 18.06
N ASN F 77 56.04 -11.23 18.85
CA ASN F 77 54.61 -11.47 18.74
C ASN F 77 54.15 -11.53 17.29
N SER F 78 54.81 -12.37 16.51
CA SER F 78 54.46 -12.50 15.12
C SER F 78 54.30 -13.94 14.67
N LEU F 79 53.53 -14.13 13.60
CA LEU F 79 53.27 -15.43 13.01
C LEU F 79 53.54 -15.31 11.52
N TYR F 80 54.19 -16.32 10.96
CA TYR F 80 54.51 -16.28 9.54
C TYR F 80 53.97 -17.47 8.78
N LEU F 81 53.72 -17.25 7.50
CA LEU F 81 53.24 -18.29 6.62
C LEU F 81 54.02 -18.13 5.33
N GLN F 82 54.82 -19.13 5.02
CA GLN F 82 55.62 -19.10 3.81
C GLN F 82 54.93 -19.92 2.73
N LEU F 83 54.46 -19.22 1.70
CA LEU F 83 53.79 -19.87 0.59
C LEU F 83 54.79 -20.15 -0.52
N SER F 84 54.59 -21.24 -1.24
CA SER F 84 55.49 -21.61 -2.32
C SER F 84 54.74 -22.33 -3.43
N ARG F 85 55.35 -22.41 -4.62
CA ARG F 85 54.74 -23.05 -5.78
C ARG F 85 53.31 -22.56 -5.95
N LEU F 86 53.17 -21.25 -5.87
CA LEU F 86 51.87 -20.59 -5.99
C LEU F 86 51.10 -20.86 -7.27
N ARG F 87 49.87 -21.33 -7.14
CA ARG F 87 49.02 -21.58 -8.29
C ARG F 87 47.80 -20.69 -8.07
N SER F 88 47.02 -20.48 -9.12
CA SER F 88 45.84 -19.62 -9.02
C SER F 88 44.92 -20.05 -7.87
N GLU F 89 44.90 -21.36 -7.58
CA GLU F 89 44.06 -21.86 -6.49
C GLU F 89 44.45 -21.29 -5.14
N ASP F 90 45.66 -20.73 -5.06
CA ASP F 90 46.13 -20.15 -3.82
C ASP F 90 45.67 -18.71 -3.66
N SER F 91 44.98 -18.21 -4.69
CA SER F 91 44.43 -16.86 -4.67
C SER F 91 43.35 -16.87 -3.58
N ALA F 92 43.53 -16.07 -2.54
CA ALA F 92 42.55 -16.02 -1.47
C ALA F 92 42.91 -15.01 -0.39
N LEU F 93 41.99 -14.86 0.55
CA LEU F 93 42.18 -13.96 1.68
C LEU F 93 42.79 -14.84 2.76
N TYR F 94 43.98 -14.48 3.23
CA TYR F 94 44.65 -15.28 4.25
C TYR F 94 44.45 -14.69 5.63
N TYR F 95 43.80 -15.46 6.51
CA TYR F 95 43.51 -15.03 7.87
C TYR F 95 44.47 -15.56 8.91
N CYS F 96 44.80 -14.70 9.86
CA CYS F 96 45.67 -15.03 10.97
C CYS F 96 44.69 -15.26 12.11
N VAL F 97 44.70 -16.44 12.72
CA VAL F 97 43.74 -16.71 13.80
C VAL F 97 44.33 -17.26 15.08
N ARG F 98 43.82 -16.78 16.20
CA ARG F 98 44.28 -17.25 17.50
C ARG F 98 43.43 -18.46 17.87
N LEU F 99 44.09 -19.52 18.33
CA LEU F 99 43.39 -20.74 18.71
C LEU F 99 43.43 -20.94 20.22
N ASP F 100 42.25 -20.92 20.84
CA ASP F 100 42.16 -21.16 22.26
C ASP F 100 42.22 -22.68 22.41
N PHE F 101 43.27 -23.12 23.08
CA PHE F 101 43.54 -24.53 23.27
C PHE F 101 43.43 -24.93 24.74
N ASP F 102 42.20 -25.24 25.15
CA ASP F 102 41.91 -25.62 26.52
C ASP F 102 41.88 -27.13 26.66
N VAL F 103 42.89 -27.66 27.34
CA VAL F 103 42.98 -29.11 27.52
C VAL F 103 42.27 -29.58 28.77
N TYR F 104 41.80 -28.66 29.59
CA TYR F 104 41.13 -29.04 30.81
C TYR F 104 39.66 -29.30 30.57
N ASN F 105 39.01 -28.47 29.77
CA ASN F 105 37.61 -28.68 29.48
C ASN F 105 37.44 -29.28 28.09
N HIS F 106 38.57 -29.55 27.44
CA HIS F 106 38.56 -30.15 26.11
C HIS F 106 37.75 -29.23 25.21
N TYR F 107 38.29 -28.04 25.01
CA TYR F 107 37.65 -27.00 24.22
C TYR F 107 38.71 -26.32 23.35
N TYR F 108 38.53 -26.38 22.03
CA TYR F 108 39.50 -25.81 21.07
C TYR F 108 38.78 -24.93 20.05
N VAL F 109 38.80 -23.63 20.29
CA VAL F 109 38.10 -22.70 19.42
C VAL F 109 38.98 -21.64 18.79
N LEU F 110 38.62 -21.24 17.57
CA LEU F 110 39.33 -20.19 16.87
C LEU F 110 38.67 -18.86 17.28
N ASP F 111 39.09 -18.36 18.43
CA ASP F 111 38.65 -17.13 19.06
C ASP F 111 38.59 -15.90 18.18
N TYR F 112 39.76 -15.26 18.10
CA TYR F 112 39.98 -14.03 17.36
C TYR F 112 40.59 -14.24 16.00
N TRP F 113 40.07 -13.50 15.03
CA TRP F 113 40.57 -13.57 13.68
C TRP F 113 40.98 -12.20 13.20
N GLY F 114 42.00 -12.16 12.35
CA GLY F 114 42.42 -10.90 11.79
C GLY F 114 41.47 -10.69 10.64
N GLN F 115 41.56 -9.56 9.95
CA GLN F 115 40.66 -9.35 8.82
C GLN F 115 41.25 -9.88 7.53
N GLY F 116 42.43 -10.49 7.65
CA GLY F 116 43.11 -11.09 6.52
C GLY F 116 43.85 -10.17 5.58
N THR F 117 44.70 -10.79 4.77
CA THR F 117 45.48 -10.08 3.76
C THR F 117 45.24 -10.78 2.43
N SER F 118 44.83 -10.02 1.44
CA SER F 118 44.52 -10.57 0.13
C SER F 118 45.74 -10.99 -0.69
N VAL F 119 45.65 -12.14 -1.35
CA VAL F 119 46.73 -12.63 -2.20
C VAL F 119 46.14 -13.14 -3.50
N THR F 120 46.49 -12.47 -4.59
CA THR F 120 45.99 -12.90 -5.88
C THR F 120 47.16 -13.47 -6.63
N VAL F 121 46.97 -14.67 -7.18
CA VAL F 121 48.02 -15.35 -7.93
C VAL F 121 47.68 -15.23 -9.41
N SER F 122 48.33 -14.25 -10.04
CA SER F 122 48.12 -13.99 -11.45
C SER F 122 49.42 -13.50 -12.07
N SER F 123 49.47 -13.58 -13.39
CA SER F 123 50.61 -13.15 -14.18
C SER F 123 50.38 -11.70 -14.60
N ALA F 124 49.10 -11.32 -14.71
CA ALA F 124 48.69 -9.97 -15.10
C ALA F 124 49.26 -8.90 -14.18
N SER F 125 49.13 -7.64 -14.60
CA SER F 125 49.66 -6.53 -13.83
C SER F 125 48.59 -5.67 -13.18
N THR F 126 48.94 -5.08 -12.04
CA THR F 126 48.00 -4.26 -11.31
C THR F 126 47.59 -3.01 -12.10
N LYS F 127 46.29 -2.77 -12.16
CA LYS F 127 45.73 -1.61 -12.85
C LYS F 127 44.84 -0.83 -11.89
N GLY F 128 45.15 0.46 -11.68
CA GLY F 128 44.32 1.28 -10.82
C GLY F 128 42.93 1.38 -11.44
N PRO F 129 41.89 1.71 -10.63
CA PRO F 129 40.53 1.83 -11.16
C PRO F 129 40.12 3.25 -11.53
N SER F 130 39.01 3.38 -12.24
CA SER F 130 38.48 4.69 -12.61
C SER F 130 37.25 4.89 -11.73
N VAL F 131 37.20 6.03 -11.06
CA VAL F 131 36.07 6.33 -10.19
C VAL F 131 35.10 7.27 -10.88
N PHE F 132 33.90 6.77 -11.19
CA PHE F 132 32.87 7.59 -11.83
C PHE F 132 31.73 7.87 -10.87
N PRO F 133 31.11 9.05 -10.97
CA PRO F 133 30.01 9.39 -10.08
C PRO F 133 28.64 8.96 -10.58
N LEU F 134 27.85 8.42 -9.65
CA LEU F 134 26.48 8.00 -9.92
C LEU F 134 25.63 9.12 -9.34
N ALA F 135 25.49 10.20 -10.11
CA ALA F 135 24.75 11.38 -9.69
C ALA F 135 23.32 11.16 -9.21
N PRO F 136 22.92 11.93 -8.19
CA PRO F 136 21.58 11.88 -7.58
C PRO F 136 20.51 12.28 -8.57
N SER F 137 19.60 11.36 -8.83
CA SER F 137 18.50 11.63 -9.73
C SER F 137 17.67 12.71 -9.05
N SER F 138 17.62 13.89 -9.67
CA SER F 138 16.85 15.01 -9.13
C SER F 138 15.37 14.62 -8.98
N LYS F 139 14.94 13.65 -9.79
CA LYS F 139 13.56 13.20 -9.77
C LYS F 139 13.35 11.90 -8.97
N SER F 140 14.19 11.67 -7.97
CA SER F 140 14.06 10.47 -7.12
C SER F 140 13.24 10.82 -5.87
N THR F 141 11.93 10.89 -6.04
CA THR F 141 11.04 11.20 -4.93
C THR F 141 10.45 9.91 -4.36
N SER F 142 11.32 8.93 -4.16
CA SER F 142 10.94 7.62 -3.61
C SER F 142 10.56 7.74 -2.14
N GLY F 143 9.54 8.56 -1.86
CA GLY F 143 9.13 8.77 -0.48
C GLY F 143 10.10 9.75 0.16
N GLY F 144 10.73 10.57 -0.67
CA GLY F 144 11.69 11.56 -0.18
C GLY F 144 13.13 11.10 -0.26
N THR F 145 13.32 9.83 -0.60
CA THR F 145 14.65 9.22 -0.68
C THR F 145 15.34 9.32 -2.03
N ALA F 146 16.55 9.85 -2.02
CA ALA F 146 17.35 9.97 -3.22
C ALA F 146 18.49 8.98 -3.05
N ALA F 147 19.11 8.60 -4.15
CA ALA F 147 20.22 7.66 -4.11
C ALA F 147 21.36 8.18 -4.98
N LEU F 148 22.58 8.02 -4.50
CA LEU F 148 23.77 8.47 -5.21
C LEU F 148 24.89 7.50 -4.88
N GLY F 149 25.99 7.57 -5.63
CA GLY F 149 27.08 6.67 -5.34
C GLY F 149 28.29 6.81 -6.25
N CYS F 150 29.17 5.81 -6.19
CA CYS F 150 30.39 5.79 -6.99
C CYS F 150 30.53 4.47 -7.74
N LEU F 151 31.01 4.57 -8.97
CA LEU F 151 31.25 3.41 -9.80
C LEU F 151 32.75 3.26 -9.89
N VAL F 152 33.30 2.23 -9.23
CA VAL F 152 34.74 1.98 -9.26
C VAL F 152 34.94 0.88 -10.28
N LYS F 153 35.38 1.28 -11.47
CA LYS F 153 35.52 0.35 -12.59
C LYS F 153 36.93 0.10 -13.14
N ASP F 154 37.12 -1.11 -13.68
CA ASP F 154 38.35 -1.57 -14.31
C ASP F 154 39.64 -1.45 -13.51
N TYR F 155 39.75 -2.26 -12.45
CA TYR F 155 40.94 -2.29 -11.62
C TYR F 155 41.38 -3.74 -11.43
N PHE F 156 42.62 -3.92 -11.00
CA PHE F 156 43.13 -5.26 -10.78
C PHE F 156 44.39 -5.17 -9.94
N PRO F 157 44.53 -6.05 -8.94
CA PRO F 157 43.57 -7.10 -8.59
C PRO F 157 42.74 -6.60 -7.42
N GLU F 158 41.92 -7.48 -6.84
CA GLU F 158 41.15 -7.12 -5.66
C GLU F 158 42.18 -6.87 -4.58
N PRO F 159 41.84 -6.10 -3.54
CA PRO F 159 40.53 -5.48 -3.38
C PRO F 159 40.64 -3.96 -3.33
N VAL F 160 39.49 -3.31 -3.41
CA VAL F 160 39.42 -1.86 -3.32
C VAL F 160 38.55 -1.61 -2.09
N THR F 161 38.80 -0.51 -1.39
CA THR F 161 38.03 -0.15 -0.20
C THR F 161 37.35 1.17 -0.48
N VAL F 162 36.07 1.28 -0.13
CA VAL F 162 35.37 2.54 -0.35
C VAL F 162 34.63 3.02 0.88
N SER F 163 34.81 4.29 1.19
CA SER F 163 34.12 4.86 2.33
C SER F 163 33.56 6.20 1.88
N TRP F 164 32.66 6.76 2.66
CA TRP F 164 32.06 8.05 2.29
C TRP F 164 32.34 9.12 3.33
N ASN F 165 32.78 10.28 2.86
CA ASN F 165 33.10 11.39 3.74
C ASN F 165 34.07 10.91 4.82
N SER F 166 35.15 10.27 4.37
CA SER F 166 36.17 9.74 5.25
C SER F 166 35.66 8.90 6.41
N GLY F 167 34.52 8.25 6.23
CA GLY F 167 33.98 7.41 7.30
C GLY F 167 32.84 8.05 8.05
N ALA F 168 32.69 9.36 7.94
CA ALA F 168 31.64 10.09 8.62
C ALA F 168 30.25 9.56 8.23
N LEU F 169 30.10 9.21 6.96
CA LEU F 169 28.84 8.68 6.47
C LEU F 169 28.91 7.17 6.29
N THR F 170 28.08 6.44 7.02
CA THR F 170 28.08 4.98 6.93
C THR F 170 26.66 4.45 6.85
N SER F 171 25.70 5.24 7.31
CA SER F 171 24.31 4.82 7.30
C SER F 171 23.67 5.00 5.92
N GLY F 172 23.12 3.90 5.41
CA GLY F 172 22.48 3.91 4.11
C GLY F 172 23.45 3.55 2.99
N VAL F 173 24.70 3.27 3.37
CA VAL F 173 25.73 2.91 2.40
C VAL F 173 25.69 1.45 2.03
N HIS F 174 25.77 1.17 0.74
CA HIS F 174 25.78 -0.20 0.25
C HIS F 174 26.89 -0.35 -0.76
N THR F 175 27.96 -1.04 -0.38
CA THR F 175 29.06 -1.26 -1.30
C THR F 175 28.99 -2.71 -1.75
N PHE F 176 28.59 -2.89 -3.00
CA PHE F 176 28.42 -4.21 -3.58
C PHE F 176 29.71 -4.97 -3.79
N PRO F 177 29.63 -6.31 -3.80
CA PRO F 177 30.84 -7.09 -4.02
C PRO F 177 31.30 -6.84 -5.45
N ALA F 178 32.61 -6.78 -5.64
CA ALA F 178 33.18 -6.54 -6.97
C ALA F 178 32.81 -7.66 -7.92
N VAL F 179 32.67 -7.33 -9.20
CA VAL F 179 32.36 -8.35 -10.20
C VAL F 179 33.52 -8.44 -11.18
N LEU F 180 33.77 -9.64 -11.68
CA LEU F 180 34.84 -9.83 -12.64
C LEU F 180 34.29 -9.66 -14.05
N GLN F 181 34.73 -8.60 -14.70
CA GLN F 181 34.29 -8.30 -16.06
C GLN F 181 35.03 -9.23 -17.02
N SER F 182 34.45 -9.40 -18.20
CA SER F 182 35.02 -10.24 -19.24
C SER F 182 36.46 -9.79 -19.50
N SER F 183 36.68 -8.48 -19.41
CA SER F 183 37.99 -7.88 -19.63
C SER F 183 39.04 -8.40 -18.64
N GLY F 184 38.60 -9.17 -17.66
CA GLY F 184 39.52 -9.70 -16.66
C GLY F 184 39.78 -8.67 -15.58
N LEU F 185 39.09 -7.53 -15.68
CA LEU F 185 39.24 -6.47 -14.70
C LEU F 185 38.04 -6.44 -13.77
N TYR F 186 38.28 -6.01 -12.52
CA TYR F 186 37.21 -5.94 -11.53
C TYR F 186 36.51 -4.59 -11.59
N SER F 187 35.30 -4.55 -11.07
CA SER F 187 34.51 -3.34 -11.05
C SER F 187 33.43 -3.50 -9.99
N LEU F 188 33.06 -2.40 -9.34
CA LEU F 188 32.04 -2.43 -8.30
C LEU F 188 31.41 -1.06 -8.10
N SER F 189 30.27 -1.05 -7.42
CA SER F 189 29.56 0.19 -7.15
C SER F 189 29.35 0.35 -5.65
N SER F 190 29.20 1.58 -5.21
CA SER F 190 28.94 1.87 -3.81
C SER F 190 27.91 2.98 -3.84
N VAL F 191 26.74 2.69 -3.30
CA VAL F 191 25.68 3.67 -3.29
C VAL F 191 25.30 4.04 -1.85
N VAL F 192 24.56 5.11 -1.70
CA VAL F 192 24.14 5.55 -0.38
C VAL F 192 22.94 6.44 -0.58
N THR F 193 21.86 6.09 0.11
CA THR F 193 20.62 6.85 0.03
C THR F 193 20.56 7.88 1.14
N VAL F 194 20.10 9.07 0.79
CA VAL F 194 19.99 10.17 1.73
C VAL F 194 18.78 10.99 1.34
N PRO F 195 17.92 11.35 2.32
CA PRO F 195 16.75 12.13 1.97
C PRO F 195 17.10 13.21 0.95
N SER F 196 16.32 13.29 -0.11
CA SER F 196 16.57 14.26 -1.18
C SER F 196 16.38 15.67 -0.71
N SER F 197 15.58 15.84 0.33
CA SER F 197 15.33 17.17 0.85
C SER F 197 16.61 17.76 1.41
N SER F 198 17.59 16.91 1.69
CA SER F 198 18.88 17.34 2.23
C SER F 198 19.92 17.45 1.15
N LEU F 199 19.57 17.02 -0.05
CA LEU F 199 20.52 17.05 -1.15
C LEU F 199 21.29 18.35 -1.30
N GLY F 200 20.63 19.47 -0.98
CA GLY F 200 21.30 20.75 -1.12
C GLY F 200 22.28 21.06 -0.01
N THR F 201 21.80 20.94 1.22
CA THR F 201 22.60 21.24 2.40
C THR F 201 23.72 20.25 2.71
N GLN F 202 24.03 19.30 1.83
CA GLN F 202 25.06 18.32 2.17
C GLN F 202 26.08 17.95 1.09
N THR F 203 27.28 17.57 1.54
CA THR F 203 28.36 17.19 0.63
C THR F 203 28.54 15.69 0.64
N TYR F 204 28.84 15.11 -0.52
CA TYR F 204 29.04 13.66 -0.59
C TYR F 204 30.30 13.29 -1.38
N ILE F 205 31.24 12.68 -0.67
CA ILE F 205 32.49 12.26 -1.28
C ILE F 205 32.76 10.80 -0.96
N CYS F 206 33.08 10.03 -1.99
CA CYS F 206 33.38 8.63 -1.79
C CYS F 206 34.89 8.53 -1.83
N ASN F 207 35.46 7.82 -0.88
CA ASN F 207 36.89 7.66 -0.81
C ASN F 207 37.28 6.24 -1.23
N VAL F 208 37.85 6.16 -2.42
CA VAL F 208 38.27 4.89 -3.00
C VAL F 208 39.74 4.66 -2.75
N ASN F 209 40.10 3.43 -2.39
CA ASN F 209 41.48 3.09 -2.12
C ASN F 209 41.82 1.74 -2.75
N HIS F 210 42.95 1.69 -3.45
CA HIS F 210 43.41 0.47 -4.11
C HIS F 210 44.91 0.31 -3.87
N LYS F 211 45.27 -0.29 -2.75
CA LYS F 211 46.69 -0.47 -2.40
C LYS F 211 47.58 -1.03 -3.52
N PRO F 212 47.17 -2.13 -4.17
CA PRO F 212 47.94 -2.74 -5.25
C PRO F 212 48.52 -1.75 -6.27
N SER F 213 47.75 -0.72 -6.61
CA SER F 213 48.19 0.28 -7.56
C SER F 213 48.49 1.58 -6.84
N ASN F 214 48.53 1.53 -5.52
CA ASN F 214 48.79 2.72 -4.72
C ASN F 214 47.88 3.85 -5.16
N THR F 215 46.63 3.52 -5.44
CA THR F 215 45.69 4.54 -5.87
C THR F 215 44.80 4.96 -4.74
N LYS F 216 44.53 6.25 -4.69
CA LYS F 216 43.66 6.82 -3.67
C LYS F 216 42.88 7.93 -4.37
N VAL F 217 41.57 7.76 -4.42
CA VAL F 217 40.70 8.71 -5.09
C VAL F 217 39.54 9.16 -4.24
N ASP F 218 39.26 10.46 -4.28
CA ASP F 218 38.15 11.02 -3.54
C ASP F 218 37.31 11.74 -4.57
N LYS F 219 36.21 11.11 -4.99
CA LYS F 219 35.34 11.69 -5.97
C LYS F 219 34.14 12.31 -5.29
N LYS F 220 33.84 13.55 -5.63
CA LYS F 220 32.71 14.27 -5.07
C LYS F 220 31.51 14.09 -6.00
N VAL F 221 30.48 13.43 -5.51
CA VAL F 221 29.29 13.19 -6.30
C VAL F 221 28.28 14.32 -6.12
N GLU F 222 27.97 15.00 -7.22
CA GLU F 222 27.03 16.11 -7.23
C GLU F 222 25.85 15.85 -8.16
N PRO F 223 24.73 16.57 -7.96
CA PRO F 223 23.56 16.38 -8.82
C PRO F 223 23.91 16.90 -10.21
N LYS F 224 23.73 16.07 -11.22
CA LYS F 224 24.04 16.48 -12.58
C LYS F 224 23.26 17.76 -12.89
N SER F 225 23.94 18.73 -13.49
CA SER F 225 23.31 19.99 -13.87
C SER F 225 22.48 19.77 -15.12
N CYS F 226 21.50 20.66 -15.35
CA CYS F 226 20.62 20.53 -16.52
C CYS F 226 20.61 21.80 -17.38
N GLU G 1 6.76 21.37 39.22
CA GLU G 1 7.65 20.81 38.16
C GLU G 1 7.98 19.33 38.41
N LEU G 2 7.69 18.53 37.41
CA LEU G 2 7.92 17.09 37.44
C LEU G 2 9.38 16.73 37.18
N VAL G 3 9.91 15.81 37.98
CA VAL G 3 11.27 15.35 37.78
C VAL G 3 11.31 13.83 37.72
N VAL G 4 11.66 13.32 36.55
CA VAL G 4 11.74 11.88 36.36
C VAL G 4 13.14 11.44 36.76
N THR G 5 13.22 10.43 37.60
CA THR G 5 14.51 9.93 38.07
C THR G 5 14.75 8.46 37.76
N GLN G 6 15.99 8.15 37.40
CA GLN G 6 16.40 6.78 37.09
C GLN G 6 17.71 6.52 37.79
N GLU G 7 18.02 5.25 38.05
CA GLU G 7 19.30 4.95 38.69
C GLU G 7 20.38 5.32 37.67
N SER G 8 21.43 6.00 38.14
CA SER G 8 22.52 6.42 37.26
C SER G 8 23.13 5.29 36.46
N ALA G 9 23.46 4.21 37.15
CA ALA G 9 24.07 3.08 36.47
C ALA G 9 23.75 1.74 37.13
N LEU G 10 23.82 0.68 36.32
CA LEU G 10 23.56 -0.67 36.77
C LEU G 10 24.48 -1.59 36.02
N THR G 11 24.89 -2.67 36.66
CA THR G 11 25.76 -3.64 36.02
C THR G 11 25.17 -5.04 36.17
N THR G 12 25.18 -5.79 35.08
CA THR G 12 24.63 -7.14 35.12
C THR G 12 25.54 -8.04 34.29
N SER G 13 25.39 -9.35 34.48
CA SER G 13 26.19 -10.32 33.76
C SER G 13 25.35 -10.88 32.64
N PRO G 14 25.99 -11.33 31.55
CA PRO G 14 25.24 -11.90 30.42
C PRO G 14 24.28 -12.99 30.88
N GLY G 15 23.17 -13.12 30.17
CA GLY G 15 22.19 -14.13 30.51
C GLY G 15 21.35 -13.81 31.73
N GLU G 16 21.79 -12.84 32.52
CA GLU G 16 21.05 -12.46 33.72
C GLU G 16 19.87 -11.58 33.35
N THR G 17 19.05 -11.26 34.34
CA THR G 17 17.89 -10.39 34.13
C THR G 17 18.06 -9.13 34.96
N VAL G 18 17.79 -7.99 34.34
CA VAL G 18 17.95 -6.71 35.02
C VAL G 18 16.76 -5.80 34.80
N THR G 19 16.47 -4.96 35.78
CA THR G 19 15.33 -4.06 35.70
C THR G 19 15.69 -2.62 36.03
N LEU G 20 15.41 -1.72 35.09
CA LEU G 20 15.67 -0.29 35.28
C LEU G 20 14.35 0.36 35.67
N THR G 21 14.38 1.25 36.65
CA THR G 21 13.16 1.91 37.10
C THR G 21 13.10 3.38 36.70
N CYS G 22 11.89 3.93 36.71
CA CYS G 22 11.64 5.32 36.31
C CYS G 22 10.61 5.87 37.27
N ARG G 23 11.00 6.80 38.14
CA ARG G 23 10.05 7.35 39.10
C ARG G 23 9.74 8.81 38.92
N SER G 24 8.52 9.19 39.27
CA SER G 24 8.06 10.56 39.18
C SER G 24 8.15 11.25 40.52
N SER G 25 8.50 12.53 40.51
CA SER G 25 8.61 13.27 41.75
C SER G 25 7.24 13.75 42.19
N SER G 26 6.26 13.66 41.30
CA SER G 26 4.93 14.11 41.64
C SER G 26 4.01 12.96 42.05
N GLY G 27 4.59 11.80 42.34
CA GLY G 27 3.77 10.67 42.74
C GLY G 27 4.06 9.38 42.00
N ALA G 28 3.13 8.43 42.09
CA ALA G 28 3.30 7.15 41.42
C ALA G 28 3.08 7.26 39.93
N VAL G 29 3.90 6.54 39.15
CA VAL G 29 3.75 6.56 37.71
C VAL G 29 2.50 5.75 37.39
N THR G 30 1.71 6.21 36.43
CA THR G 30 0.49 5.51 36.05
C THR G 30 0.34 5.42 34.54
N THR G 31 -0.51 4.49 34.12
CA THR G 31 -0.78 4.26 32.71
C THR G 31 -0.95 5.55 31.91
N SER G 32 -1.56 6.56 32.53
CA SER G 32 -1.79 7.85 31.88
C SER G 32 -0.50 8.66 31.67
N ASN G 33 0.62 8.10 32.12
CA ASN G 33 1.92 8.74 31.96
C ASN G 33 2.52 8.22 30.65
N TYR G 34 1.96 7.12 30.16
CA TYR G 34 2.40 6.49 28.92
C TYR G 34 3.91 6.30 28.88
N ALA G 35 4.47 5.88 30.01
CA ALA G 35 5.91 5.66 30.12
C ALA G 35 6.48 5.08 28.83
N THR G 36 7.58 5.67 28.36
CA THR G 36 8.22 5.19 27.14
C THR G 36 9.73 5.13 27.36
N TRP G 37 10.41 4.25 26.62
CA TRP G 37 11.85 4.10 26.77
C TRP G 37 12.59 4.27 25.46
N VAL G 38 13.81 4.80 25.56
CA VAL G 38 14.67 5.05 24.43
C VAL G 38 16.07 4.57 24.78
N GLN G 39 16.74 3.97 23.81
CA GLN G 39 18.08 3.46 24.03
C GLN G 39 19.09 4.30 23.25
N GLU G 40 20.16 4.71 23.92
CA GLU G 40 21.19 5.48 23.27
C GLU G 40 22.47 4.68 23.17
N LYS G 41 22.90 4.42 21.95
CA LYS G 41 24.14 3.70 21.75
C LYS G 41 25.18 4.70 21.27
N PRO G 42 26.45 4.35 21.36
CA PRO G 42 27.52 5.25 20.93
C PRO G 42 27.29 5.97 19.61
N ASP G 43 27.66 7.24 19.60
CA ASP G 43 27.55 8.11 18.45
C ASP G 43 26.17 8.70 18.28
N HIS G 44 25.51 8.96 19.41
CA HIS G 44 24.20 9.58 19.41
C HIS G 44 23.21 8.83 18.53
N LEU G 45 23.15 7.53 18.74
CA LEU G 45 22.25 6.65 18.01
C LEU G 45 21.11 6.25 18.96
N PHE G 46 19.95 6.88 18.80
CA PHE G 46 18.82 6.60 19.65
C PHE G 46 17.77 5.73 18.99
N THR G 47 17.13 4.88 19.79
CA THR G 47 16.09 3.96 19.31
C THR G 47 14.95 3.83 20.31
N GLY G 48 13.71 3.95 19.86
CA GLY G 48 12.58 3.79 20.76
C GLY G 48 12.42 2.31 21.09
N LEU G 49 12.19 2.00 22.37
CA LEU G 49 12.04 0.61 22.79
C LEU G 49 10.62 0.24 23.19
N ILE G 50 10.10 0.94 24.18
CA ILE G 50 8.76 0.68 24.70
C ILE G 50 7.88 1.91 24.65
N GLY G 51 6.58 1.69 24.54
CA GLY G 51 5.64 2.78 24.50
C GLY G 51 4.39 2.36 25.24
N GLY G 52 3.64 3.31 25.77
CA GLY G 52 2.43 2.95 26.49
C GLY G 52 2.73 2.07 27.68
N THR G 53 3.86 2.32 28.32
CA THR G 53 4.27 1.60 29.52
C THR G 53 4.81 0.18 29.33
N ASN G 54 4.04 -0.66 28.62
CA ASN G 54 4.43 -2.04 28.44
C ASN G 54 4.37 -2.59 27.03
N LYS G 55 4.09 -1.73 26.06
CA LYS G 55 4.01 -2.18 24.65
C LYS G 55 5.35 -2.02 23.94
N ARG G 56 5.86 -3.12 23.42
CA ARG G 56 7.15 -3.12 22.74
C ARG G 56 7.09 -2.50 21.35
N ALA G 57 8.16 -1.85 20.95
CA ALA G 57 8.17 -1.22 19.63
C ALA G 57 8.58 -2.24 18.60
N PRO G 58 8.09 -2.10 17.35
CA PRO G 58 8.48 -3.09 16.34
C PRO G 58 9.99 -3.14 16.15
N GLY G 59 10.51 -4.36 16.07
CA GLY G 59 11.94 -4.56 15.88
C GLY G 59 12.71 -4.76 17.19
N VAL G 60 12.02 -4.63 18.30
CA VAL G 60 12.66 -4.79 19.60
C VAL G 60 12.52 -6.23 20.08
N PRO G 61 13.66 -6.91 20.35
CA PRO G 61 13.59 -8.29 20.82
C PRO G 61 12.69 -8.45 22.04
N ALA G 62 12.08 -9.62 22.21
CA ALA G 62 11.18 -9.84 23.34
C ALA G 62 11.90 -9.84 24.68
N ARG G 63 13.22 -9.80 24.69
CA ARG G 63 13.97 -9.80 25.94
C ARG G 63 13.64 -8.55 26.73
N PHE G 64 13.11 -7.55 26.03
CA PHE G 64 12.76 -6.26 26.60
C PHE G 64 11.27 -6.24 26.91
N SER G 65 10.92 -5.73 28.08
CA SER G 65 9.52 -5.61 28.46
C SER G 65 9.33 -4.43 29.41
N GLY G 66 8.13 -3.87 29.38
CA GLY G 66 7.85 -2.74 30.25
C GLY G 66 6.74 -3.09 31.23
N SER G 67 6.63 -2.29 32.28
CA SER G 67 5.62 -2.53 33.27
C SER G 67 5.70 -1.52 34.40
N LEU G 68 4.70 -1.56 35.27
CA LEU G 68 4.68 -0.71 36.44
C LEU G 68 5.04 -1.63 37.61
N ILE G 69 6.05 -1.22 38.37
CA ILE G 69 6.51 -1.98 39.53
C ILE G 69 6.46 -0.95 40.64
N GLY G 70 5.60 -1.21 41.62
CA GLY G 70 5.46 -0.26 42.71
C GLY G 70 4.92 1.05 42.15
N ASP G 71 5.56 2.15 42.51
CA ASP G 71 5.12 3.46 42.04
C ASP G 71 5.93 3.89 40.85
N ARG G 72 6.72 2.97 40.31
CA ARG G 72 7.56 3.31 39.18
C ARG G 72 7.24 2.57 37.90
N ALA G 73 7.79 3.08 36.80
CA ALA G 73 7.61 2.43 35.51
C ALA G 73 8.96 1.71 35.37
N ALA G 74 8.98 0.59 34.66
CA ALA G 74 10.25 -0.10 34.55
C ALA G 74 10.44 -0.82 33.25
N LEU G 75 11.71 -1.01 32.93
CA LEU G 75 12.12 -1.70 31.72
C LEU G 75 12.91 -2.89 32.21
N THR G 76 12.48 -4.08 31.83
CA THR G 76 13.19 -5.28 32.25
C THR G 76 13.81 -6.01 31.08
N ILE G 77 15.11 -6.26 31.17
CA ILE G 77 15.83 -6.97 30.13
C ILE G 77 16.16 -8.34 30.66
N THR G 78 15.58 -9.37 30.05
CA THR G 78 15.85 -10.74 30.48
C THR G 78 16.93 -11.30 29.56
N GLY G 79 17.89 -12.01 30.12
CA GLY G 79 18.93 -12.58 29.30
C GLY G 79 19.76 -11.50 28.67
N ALA G 80 20.26 -10.61 29.51
CA ALA G 80 21.08 -9.49 29.07
C ALA G 80 22.23 -9.96 28.18
N GLN G 81 22.43 -9.25 27.07
CA GLN G 81 23.49 -9.57 26.12
C GLN G 81 24.47 -8.41 26.08
N THR G 82 25.69 -8.64 25.61
CA THR G 82 26.67 -7.54 25.56
C THR G 82 26.15 -6.45 24.65
N GLU G 83 25.37 -6.82 23.65
CA GLU G 83 24.80 -5.85 22.72
C GLU G 83 23.86 -4.89 23.45
N ASP G 84 23.54 -5.19 24.71
CA ASP G 84 22.64 -4.34 25.47
C ASP G 84 23.31 -3.20 26.19
N GLU G 85 24.64 -3.17 26.18
CA GLU G 85 25.30 -2.06 26.86
C GLU G 85 24.97 -0.77 26.14
N ALA G 86 24.33 0.12 26.88
CA ALA G 86 23.91 1.41 26.35
C ALA G 86 23.37 2.24 27.50
N ILE G 87 22.80 3.38 27.15
CA ILE G 87 22.19 4.26 28.11
C ILE G 87 20.70 4.22 27.82
N TYR G 88 19.90 3.92 28.84
CA TYR G 88 18.47 3.83 28.65
C TYR G 88 17.75 5.01 29.27
N PHE G 89 16.99 5.68 28.43
CA PHE G 89 16.25 6.85 28.84
C PHE G 89 14.78 6.55 28.95
N CYS G 90 14.15 7.09 29.99
CA CYS G 90 12.71 6.90 30.16
C CYS G 90 12.09 8.29 30.13
N ALA G 91 10.84 8.33 29.71
CA ALA G 91 10.12 9.59 29.62
C ALA G 91 8.69 9.38 30.05
N LEU G 92 8.16 10.37 30.74
CA LEU G 92 6.78 10.33 31.20
C LEU G 92 6.02 11.50 30.60
N TRP G 93 4.76 11.27 30.25
CA TRP G 93 3.94 12.33 29.72
C TRP G 93 3.15 12.94 30.87
N ASN G 94 3.38 14.22 31.13
CA ASN G 94 2.70 14.90 32.22
C ASN G 94 1.63 15.87 31.71
N SER G 95 0.53 15.28 31.29
CA SER G 95 -0.62 16.01 30.80
C SER G 95 -0.45 16.84 29.53
N ASN G 96 0.54 17.74 29.51
CA ASN G 96 0.76 18.61 28.35
C ASN G 96 2.21 18.72 27.85
N HIS G 97 3.10 17.91 28.43
CA HIS G 97 4.50 17.93 28.04
C HIS G 97 5.17 16.63 28.42
N LEU G 98 6.28 16.32 27.75
CA LEU G 98 7.04 15.10 27.98
C LEU G 98 8.27 15.36 28.83
N VAL G 99 8.52 14.53 29.84
CA VAL G 99 9.69 14.71 30.70
C VAL G 99 10.60 13.48 30.68
N PHE G 100 11.86 13.66 30.32
CA PHE G 100 12.80 12.55 30.27
C PHE G 100 13.48 12.35 31.61
N GLY G 101 13.98 11.14 31.83
CA GLY G 101 14.68 10.85 33.06
C GLY G 101 16.12 11.16 32.76
N GLY G 102 17.00 10.94 33.72
CA GLY G 102 18.41 11.23 33.50
C GLY G 102 19.12 10.14 32.74
N GLY G 103 18.43 9.01 32.53
CA GLY G 103 19.02 7.90 31.82
C GLY G 103 19.81 6.99 32.74
N THR G 104 19.89 5.72 32.39
CA THR G 104 20.63 4.75 33.19
C THR G 104 21.67 4.09 32.33
N LYS G 105 22.92 4.12 32.77
CA LYS G 105 23.97 3.48 32.00
C LYS G 105 24.00 2.02 32.42
N LEU G 106 23.72 1.13 31.48
CA LEU G 106 23.73 -0.29 31.77
C LEU G 106 25.03 -0.90 31.30
N GLU G 107 25.76 -1.49 32.23
CA GLU G 107 27.03 -2.12 31.91
C GLU G 107 26.89 -3.65 31.96
N ILE G 108 27.48 -4.33 30.98
CA ILE G 108 27.43 -5.78 30.98
C ILE G 108 28.80 -6.25 31.44
N LYS G 109 28.81 -6.92 32.59
CA LYS G 109 30.06 -7.38 33.15
C LYS G 109 30.80 -8.40 32.28
N ARG G 110 32.12 -8.36 32.36
CA ARG G 110 32.99 -9.27 31.63
C ARG G 110 34.25 -9.51 32.46
N THR G 111 35.10 -10.43 32.06
CA THR G 111 36.31 -10.71 32.81
C THR G 111 37.24 -9.50 32.88
N VAL G 112 38.04 -9.43 33.94
CA VAL G 112 38.98 -8.34 34.11
C VAL G 112 40.01 -8.30 33.00
N ALA G 113 40.28 -7.09 32.53
CA ALA G 113 41.26 -6.87 31.47
C ALA G 113 42.12 -5.68 31.84
N ALA G 114 43.40 -5.94 32.11
CA ALA G 114 44.34 -4.90 32.47
C ALA G 114 44.55 -4.03 31.25
N PRO G 115 44.80 -2.74 31.47
CA PRO G 115 45.01 -1.82 30.35
C PRO G 115 46.42 -1.90 29.76
N SER G 116 46.56 -1.50 28.51
CA SER G 116 47.87 -1.47 27.86
C SER G 116 48.19 0.00 28.02
N VAL G 117 49.31 0.32 28.63
CA VAL G 117 49.65 1.71 28.85
C VAL G 117 50.68 2.26 27.86
N PHE G 118 50.47 3.49 27.42
CA PHE G 118 51.36 4.18 26.47
C PHE G 118 51.54 5.62 26.90
N ILE G 119 52.76 6.13 26.79
CA ILE G 119 53.02 7.51 27.15
C ILE G 119 53.55 8.23 25.90
N PHE G 120 52.99 9.41 25.63
CA PHE G 120 53.38 10.20 24.47
C PHE G 120 53.97 11.54 24.87
N PRO G 121 55.23 11.75 24.54
CA PRO G 121 55.88 13.02 24.89
C PRO G 121 55.31 14.09 23.96
N PRO G 122 55.47 15.36 24.33
CA PRO G 122 54.95 16.41 23.46
C PRO G 122 55.73 16.49 22.15
N SER G 123 55.03 16.89 21.09
CA SER G 123 55.66 17.03 19.77
C SER G 123 56.49 18.30 19.76
N ASP G 124 57.50 18.34 18.89
CA ASP G 124 58.32 19.54 18.82
C ASP G 124 57.50 20.70 18.30
N GLU G 125 56.62 20.43 17.35
CA GLU G 125 55.78 21.46 16.77
C GLU G 125 54.96 22.11 17.88
N GLN G 126 54.41 21.31 18.80
CA GLN G 126 53.62 21.87 19.88
C GLN G 126 54.45 22.74 20.80
N LEU G 127 55.70 22.36 21.01
CA LEU G 127 56.58 23.12 21.89
C LEU G 127 56.80 24.54 21.40
N LYS G 128 56.83 24.71 20.08
CA LYS G 128 57.02 26.04 19.48
C LYS G 128 55.95 27.00 19.95
N SER G 129 54.76 26.48 20.18
CA SER G 129 53.63 27.28 20.64
C SER G 129 53.75 27.67 22.10
N GLY G 130 54.80 27.22 22.76
CA GLY G 130 54.98 27.58 24.15
C GLY G 130 54.34 26.64 25.16
N THR G 131 53.56 25.68 24.68
CA THR G 131 52.95 24.73 25.59
C THR G 131 53.40 23.30 25.31
N ALA G 132 53.31 22.45 26.33
CA ALA G 132 53.70 21.05 26.21
C ALA G 132 52.62 20.14 26.77
N SER G 133 52.09 19.26 25.92
CA SER G 133 51.07 18.31 26.33
C SER G 133 51.64 16.91 26.38
N VAL G 134 51.58 16.28 27.55
CA VAL G 134 52.06 14.92 27.68
C VAL G 134 50.83 14.02 27.79
N VAL G 135 50.74 13.03 26.91
CA VAL G 135 49.59 12.15 26.90
C VAL G 135 49.85 10.73 27.36
N CYS G 136 48.94 10.21 28.17
CA CYS G 136 49.06 8.85 28.66
C CYS G 136 47.82 8.07 28.24
N LEU G 137 48.03 6.95 27.56
CA LEU G 137 46.92 6.13 27.07
C LEU G 137 46.77 4.78 27.74
N LEU G 138 45.58 4.55 28.30
CA LEU G 138 45.22 3.27 28.92
C LEU G 138 44.27 2.64 27.91
N ASN G 139 44.67 1.52 27.32
CA ASN G 139 43.86 0.90 26.29
C ASN G 139 43.15 -0.41 26.63
N ASN G 140 41.88 -0.47 26.22
CA ASN G 140 41.00 -1.63 26.39
C ASN G 140 41.11 -2.40 27.71
N PHE G 141 40.55 -1.83 28.78
CA PHE G 141 40.61 -2.45 30.09
C PHE G 141 39.23 -2.61 30.67
N TYR G 142 39.14 -3.36 31.75
CA TYR G 142 37.87 -3.59 32.43
C TYR G 142 38.18 -4.15 33.83
N PRO G 143 37.48 -3.68 34.87
CA PRO G 143 36.41 -2.68 34.88
C PRO G 143 36.92 -1.27 34.56
N ARG G 144 36.03 -0.29 34.66
CA ARG G 144 36.36 1.10 34.35
C ARG G 144 37.25 1.79 35.37
N GLU G 145 37.13 1.41 36.64
CA GLU G 145 37.94 2.05 37.67
C GLU G 145 39.44 1.85 37.43
N ALA G 146 40.11 2.97 37.17
CA ALA G 146 41.54 2.98 36.91
C ALA G 146 42.08 4.29 37.41
N LYS G 147 43.20 4.24 38.11
CA LYS G 147 43.79 5.45 38.65
C LYS G 147 45.09 5.78 37.92
N VAL G 148 45.16 6.97 37.35
CA VAL G 148 46.36 7.37 36.64
C VAL G 148 47.02 8.52 37.34
N GLN G 149 48.27 8.34 37.75
CA GLN G 149 49.00 9.40 38.44
C GLN G 149 50.21 9.85 37.65
N TRP G 150 50.37 11.16 37.54
CA TRP G 150 51.53 11.71 36.83
C TRP G 150 52.64 12.05 37.82
N LYS G 151 53.86 11.79 37.41
CA LYS G 151 55.02 12.11 38.25
C LYS G 151 56.07 12.72 37.36
N VAL G 152 56.48 13.94 37.70
CA VAL G 152 57.52 14.61 36.94
C VAL G 152 58.73 14.65 37.87
N ASP G 153 59.73 13.83 37.54
CA ASP G 153 60.93 13.73 38.36
C ASP G 153 60.49 13.36 39.79
N ASN G 154 59.67 12.31 39.87
CA ASN G 154 59.14 11.78 41.13
C ASN G 154 58.32 12.73 41.97
N ALA G 155 57.79 13.76 41.33
CA ALA G 155 56.93 14.71 42.01
C ALA G 155 55.49 14.45 41.54
N LEU G 156 54.68 13.84 42.40
CA LEU G 156 53.31 13.56 42.03
C LEU G 156 52.59 14.84 41.67
N GLN G 157 52.12 14.95 40.43
CA GLN G 157 51.41 16.13 39.95
C GLN G 157 49.98 16.16 40.48
N SER G 158 49.32 17.30 40.29
CA SER G 158 47.94 17.45 40.72
C SER G 158 47.33 18.74 40.15
N GLY G 159 46.11 18.64 39.67
CA GLY G 159 45.43 19.80 39.13
C GLY G 159 45.85 20.25 37.75
N ASN G 160 46.77 19.53 37.10
CA ASN G 160 47.22 19.92 35.77
C ASN G 160 47.04 18.80 34.75
N SER G 161 46.02 17.99 34.95
CA SER G 161 45.75 16.87 34.04
C SER G 161 44.26 16.63 33.92
N GLN G 162 43.82 16.32 32.70
CA GLN G 162 42.43 16.02 32.40
C GLN G 162 42.39 14.66 31.75
N GLU G 163 41.33 13.91 32.01
CA GLU G 163 41.19 12.57 31.44
C GLU G 163 39.92 12.46 30.62
N SER G 164 39.92 11.51 29.68
CA SER G 164 38.78 11.27 28.83
C SER G 164 38.62 9.73 28.74
N VAL G 165 37.39 9.25 28.78
CA VAL G 165 37.15 7.81 28.70
C VAL G 165 36.15 7.52 27.59
N THR G 166 36.38 6.45 26.84
CA THR G 166 35.45 6.08 25.78
C THR G 166 34.28 5.28 26.36
N GLU G 167 33.30 5.02 25.52
CA GLU G 167 32.13 4.22 25.90
C GLU G 167 32.58 2.78 25.90
N GLN G 168 31.91 1.96 26.70
CA GLN G 168 32.25 0.55 26.75
C GLN G 168 32.16 0.03 25.32
N ASP G 169 33.26 -0.53 24.83
CA ASP G 169 33.33 -1.07 23.47
C ASP G 169 32.27 -2.16 23.29
N SER G 170 31.50 -2.08 22.21
CA SER G 170 30.44 -3.04 21.93
C SER G 170 30.97 -4.44 21.74
N LYS G 171 32.17 -4.54 21.19
CA LYS G 171 32.81 -5.82 20.94
C LYS G 171 33.40 -6.47 22.20
N ASP G 172 34.55 -5.99 22.67
CA ASP G 172 35.15 -6.59 23.85
C ASP G 172 34.67 -6.04 25.19
N SER G 173 33.69 -5.14 25.15
CA SER G 173 33.14 -4.53 26.37
C SER G 173 34.18 -3.86 27.27
N THR G 174 35.25 -3.34 26.66
CA THR G 174 36.29 -2.68 27.42
C THR G 174 36.18 -1.16 27.30
N TYR G 175 36.98 -0.47 28.11
CA TYR G 175 37.02 0.97 28.12
C TYR G 175 38.43 1.37 27.72
N SER G 176 38.58 2.60 27.23
CA SER G 176 39.89 3.13 26.90
C SER G 176 39.91 4.54 27.49
N LEU G 177 41.02 4.89 28.13
CA LEU G 177 41.12 6.18 28.76
C LEU G 177 42.41 6.89 28.40
N SER G 178 42.37 8.22 28.44
CA SER G 178 43.55 8.99 28.13
C SER G 178 43.67 10.08 29.17
N SER G 179 44.89 10.32 29.63
CA SER G 179 45.11 11.38 30.60
C SER G 179 46.10 12.32 29.97
N THR G 180 45.79 13.61 30.02
CA THR G 180 46.69 14.58 29.43
C THR G 180 47.22 15.56 30.46
N LEU G 181 48.54 15.58 30.60
CA LEU G 181 49.23 16.48 31.49
C LEU G 181 49.63 17.69 30.65
N THR G 182 49.22 18.88 31.06
CA THR G 182 49.55 20.08 30.32
C THR G 182 50.47 21.00 31.13
N LEU G 183 51.62 21.33 30.54
CA LEU G 183 52.61 22.20 31.17
C LEU G 183 53.06 23.28 30.22
N SER G 184 53.58 24.36 30.78
CA SER G 184 54.10 25.44 29.97
C SER G 184 55.40 24.89 29.42
N LYS G 185 55.82 25.33 28.24
CA LYS G 185 57.07 24.84 27.68
C LYS G 185 58.18 25.02 28.70
N ALA G 186 58.08 26.11 29.46
CA ALA G 186 59.07 26.42 30.49
C ALA G 186 59.21 25.29 31.49
N ASP G 187 58.15 25.01 32.23
CA ASP G 187 58.17 23.94 33.22
C ASP G 187 58.60 22.60 32.63
N TYR G 188 58.10 22.30 31.44
CA TYR G 188 58.45 21.06 30.79
C TYR G 188 59.95 20.90 30.64
N GLU G 189 60.64 21.99 30.28
CA GLU G 189 62.08 21.89 30.12
C GLU G 189 62.83 22.00 31.46
N LYS G 190 62.08 22.23 32.53
CA LYS G 190 62.68 22.32 33.86
C LYS G 190 62.80 20.93 34.50
N HIS G 191 62.38 19.88 33.80
CA HIS G 191 62.44 18.53 34.33
C HIS G 191 62.87 17.50 33.31
N LYS G 192 63.25 16.31 33.79
CA LYS G 192 63.71 15.25 32.91
C LYS G 192 62.82 14.02 32.82
N VAL G 193 62.57 13.37 33.95
CA VAL G 193 61.75 12.18 33.90
C VAL G 193 60.26 12.45 33.98
N TYR G 194 59.55 11.94 32.98
CA TYR G 194 58.11 12.08 32.86
C TYR G 194 57.50 10.70 32.86
N ALA G 195 56.78 10.38 33.92
CA ALA G 195 56.19 9.07 34.04
C ALA G 195 54.70 9.08 34.34
N CYS G 196 54.05 8.05 33.83
CA CYS G 196 52.62 7.85 34.00
C CYS G 196 52.46 6.59 34.82
N GLU G 197 51.87 6.69 36.01
CA GLU G 197 51.68 5.50 36.82
C GLU G 197 50.21 5.08 36.83
N VAL G 198 49.97 3.84 36.41
CA VAL G 198 48.61 3.33 36.34
C VAL G 198 48.30 2.21 37.33
N THR G 199 47.17 2.33 38.01
CA THR G 199 46.76 1.27 38.92
C THR G 199 45.38 0.78 38.46
N HIS G 200 45.24 -0.52 38.37
CA HIS G 200 44.00 -1.11 37.93
C HIS G 200 43.90 -2.53 38.45
N GLN G 201 42.67 -2.97 38.68
CA GLN G 201 42.38 -4.31 39.19
C GLN G 201 43.10 -5.42 38.45
N GLY G 202 43.23 -5.27 37.14
CA GLY G 202 43.90 -6.29 36.36
C GLY G 202 45.42 -6.26 36.47
N LEU G 203 45.95 -5.39 37.32
CA LEU G 203 47.39 -5.26 37.50
C LEU G 203 47.80 -5.60 38.93
N SER G 204 48.70 -6.59 39.07
CA SER G 204 49.23 -7.04 40.36
C SER G 204 49.85 -5.86 41.08
N SER G 205 50.63 -5.09 40.32
CA SER G 205 51.29 -3.91 40.86
C SER G 205 51.18 -2.80 39.80
N PRO G 206 51.13 -1.54 40.25
CA PRO G 206 51.01 -0.44 39.29
C PRO G 206 52.05 -0.44 38.16
N VAL G 207 51.59 -0.15 36.94
CA VAL G 207 52.46 -0.07 35.78
C VAL G 207 52.86 1.37 35.53
N THR G 208 54.14 1.59 35.23
CA THR G 208 54.65 2.90 34.96
C THR G 208 55.30 2.97 33.59
N LYS G 209 54.87 3.92 32.79
CA LYS G 209 55.42 4.13 31.47
C LYS G 209 56.03 5.52 31.55
N SER G 210 57.27 5.67 31.10
CA SER G 210 57.93 6.96 31.19
C SER G 210 58.95 7.22 30.10
N PHE G 211 59.50 8.43 30.12
CA PHE G 211 60.51 8.85 29.17
C PHE G 211 61.29 10.03 29.75
N ASN G 212 62.53 10.18 29.30
CA ASN G 212 63.38 11.28 29.76
C ASN G 212 63.32 12.34 28.68
N ARG G 213 62.93 13.57 29.05
CA ARG G 213 62.84 14.64 28.07
C ARG G 213 64.10 14.73 27.26
N GLY G 214 63.95 14.73 25.94
CA GLY G 214 65.10 14.83 25.07
C GLY G 214 65.73 13.52 24.66
N GLU G 215 65.81 12.57 25.60
CA GLU G 215 66.42 11.29 25.28
C GLU G 215 65.55 10.48 24.33
N CYS G 216 65.72 10.78 23.05
CA CYS G 216 65.02 10.14 21.95
C CYS G 216 65.78 8.85 21.62
N GLU H 1 13.62 2.44 4.89
CA GLU H 1 14.98 2.97 5.17
C GLU H 1 14.85 4.39 5.71
N VAL H 2 14.23 4.52 6.89
CA VAL H 2 14.00 5.80 7.55
C VAL H 2 15.28 6.60 7.73
N LYS H 3 15.21 7.89 7.43
CA LYS H 3 16.35 8.75 7.56
C LYS H 3 15.98 10.18 7.98
N LEU H 4 16.64 10.62 9.05
CA LEU H 4 16.41 11.95 9.61
C LEU H 4 17.79 12.61 9.65
N LEU H 5 17.96 13.70 8.91
CA LEU H 5 19.24 14.39 8.86
C LEU H 5 19.06 15.86 9.23
N GLU H 6 19.62 16.25 10.38
CA GLU H 6 19.52 17.64 10.82
C GLU H 6 20.62 18.52 10.26
N SER H 7 20.38 19.83 10.29
CA SER H 7 21.36 20.81 9.83
C SER H 7 20.99 22.18 10.37
N GLY H 8 21.95 23.09 10.37
CA GLY H 8 21.70 24.42 10.88
C GLY H 8 22.44 24.69 12.18
N GLY H 9 23.02 23.65 12.75
CA GLY H 9 23.74 23.84 13.98
C GLY H 9 24.95 24.74 13.80
N GLY H 10 25.63 25.04 14.89
CA GLY H 10 26.81 25.88 14.80
C GLY H 10 26.88 26.86 15.95
N LEU H 11 27.90 27.73 15.91
CA LEU H 11 28.07 28.74 16.95
C LEU H 11 27.12 29.89 16.72
N ALA H 12 26.49 30.33 17.79
CA ALA H 12 25.55 31.43 17.73
C ALA H 12 25.84 32.40 18.87
N GLN H 13 25.30 33.60 18.76
CA GLN H 13 25.53 34.65 19.75
C GLN H 13 24.37 34.78 20.73
N PRO H 14 24.67 34.92 22.03
CA PRO H 14 23.57 35.05 23.00
C PRO H 14 22.62 36.15 22.59
N GLY H 15 21.33 35.91 22.83
CA GLY H 15 20.31 36.88 22.47
C GLY H 15 19.87 36.72 21.02
N GLY H 16 20.64 35.95 20.26
CA GLY H 16 20.33 35.75 18.85
C GLY H 16 19.32 34.67 18.53
N SER H 17 19.16 34.39 17.24
CA SER H 17 18.21 33.36 16.80
C SER H 17 18.90 32.40 15.83
N LEU H 18 18.27 31.24 15.62
CA LEU H 18 18.83 30.24 14.73
C LEU H 18 17.72 29.32 14.26
N LYS H 19 17.80 28.90 13.01
CA LYS H 19 16.78 28.01 12.46
C LYS H 19 17.41 26.69 12.09
N LEU H 20 16.96 25.62 12.74
CA LEU H 20 17.48 24.29 12.46
C LEU H 20 16.51 23.63 11.53
N SER H 21 17.04 22.73 10.70
CA SER H 21 16.23 22.02 9.73
C SER H 21 16.48 20.51 9.81
N CYS H 22 15.52 19.75 9.30
CA CYS H 22 15.61 18.31 9.28
C CYS H 22 15.04 17.75 7.98
N ALA H 23 15.82 16.94 7.28
CA ALA H 23 15.33 16.34 6.05
C ALA H 23 14.97 14.90 6.36
N ALA H 24 13.79 14.47 5.97
CA ALA H 24 13.34 13.11 6.22
C ALA H 24 13.11 12.31 4.95
N SER H 25 13.22 10.99 5.07
CA SER H 25 13.01 10.09 3.93
C SER H 25 12.87 8.68 4.45
N GLY H 26 12.28 7.81 3.63
CA GLY H 26 12.11 6.42 4.01
C GLY H 26 10.77 6.13 4.64
N PHE H 27 9.90 7.14 4.68
CA PHE H 27 8.57 6.98 5.23
C PHE H 27 7.67 8.12 4.80
N ASP H 28 6.37 7.87 4.87
CA ASP H 28 5.39 8.87 4.47
C ASP H 28 5.38 10.03 5.46
N PHE H 29 6.34 10.92 5.32
CA PHE H 29 6.46 12.08 6.22
C PHE H 29 5.12 12.72 6.54
N ARG H 30 4.28 12.85 5.50
CA ARG H 30 2.97 13.48 5.64
C ARG H 30 2.05 12.85 6.65
N ARG H 31 2.30 11.60 7.05
CA ARG H 31 1.42 10.96 8.02
C ARG H 31 1.98 10.78 9.43
N TYR H 32 3.13 11.38 9.71
CA TYR H 32 3.73 11.25 11.02
C TYR H 32 3.91 12.53 11.82
N TRP H 33 3.86 12.39 13.14
CA TRP H 33 4.09 13.51 14.04
C TRP H 33 5.62 13.63 14.11
N MET H 34 6.13 14.85 14.23
CA MET H 34 7.57 15.02 14.31
C MET H 34 7.88 15.70 15.62
N THR H 35 9.06 15.41 16.15
CA THR H 35 9.49 15.93 17.43
C THR H 35 10.91 16.46 17.44
N TRP H 36 11.17 17.41 18.33
CA TRP H 36 12.50 17.95 18.50
C TRP H 36 12.89 17.69 19.94
N VAL H 37 14.07 17.12 20.13
CA VAL H 37 14.59 16.81 21.45
C VAL H 37 16.03 17.29 21.46
N ARG H 38 16.48 17.87 22.56
CA ARG H 38 17.85 18.35 22.64
C ARG H 38 18.57 17.73 23.81
N GLN H 39 19.90 17.83 23.80
CA GLN H 39 20.68 17.28 24.88
C GLN H 39 21.87 18.18 25.17
N ALA H 40 21.81 18.91 26.27
CA ALA H 40 22.89 19.78 26.67
C ALA H 40 24.01 18.96 27.28
N PRO H 41 25.22 19.54 27.37
CA PRO H 41 26.41 18.87 27.95
C PRO H 41 26.18 18.37 29.35
N GLY H 42 26.55 17.13 29.62
CA GLY H 42 26.37 16.59 30.96
C GLY H 42 24.92 16.54 31.42
N LYS H 43 24.01 16.46 30.46
CA LYS H 43 22.60 16.37 30.79
C LYS H 43 21.94 15.29 29.95
N GLY H 44 20.70 15.00 30.31
CA GLY H 44 19.96 13.99 29.59
C GLY H 44 19.15 14.66 28.50
N LEU H 45 18.25 13.89 27.91
CA LEU H 45 17.42 14.43 26.86
C LEU H 45 16.39 15.40 27.44
N GLU H 46 15.95 16.35 26.61
CA GLU H 46 14.95 17.31 27.01
C GLU H 46 14.02 17.52 25.84
N TRP H 47 12.74 17.25 26.06
CA TRP H 47 11.72 17.40 25.02
C TRP H 47 11.45 18.87 24.74
N ILE H 48 11.52 19.24 23.47
CA ILE H 48 11.27 20.62 23.07
C ILE H 48 9.82 20.77 22.63
N GLY H 49 9.34 19.81 21.83
CA GLY H 49 7.96 19.88 21.38
C GLY H 49 7.71 19.01 20.16
N ASP H 50 6.45 18.86 19.77
CA ASP H 50 6.16 18.06 18.60
C ASP H 50 5.09 18.71 17.75
N ILE H 51 4.95 18.23 16.52
CA ILE H 51 4.00 18.80 15.59
C ILE H 51 3.27 17.71 14.83
N ASN H 52 1.94 17.80 14.75
CA ASN H 52 1.14 16.81 14.05
C ASN H 52 1.26 17.02 12.54
N PRO H 53 0.86 16.02 11.74
CA PRO H 53 0.95 16.12 10.29
C PRO H 53 0.46 17.43 9.67
N ASP H 54 -0.81 17.81 9.89
CA ASP H 54 -1.32 19.03 9.29
C ASP H 54 -0.94 20.31 10.01
N SER H 55 0.08 20.26 10.85
CA SER H 55 0.54 21.45 11.59
C SER H 55 -0.52 22.16 12.41
N ARG H 56 -1.69 21.55 12.59
CA ARG H 56 -2.75 22.20 13.37
C ARG H 56 -2.57 22.05 14.87
N THR H 57 -1.72 21.12 15.28
CA THR H 57 -1.45 20.90 16.70
C THR H 57 0.05 20.96 16.95
N ILE H 58 0.48 21.88 17.80
CA ILE H 58 1.89 22.02 18.09
C ILE H 58 2.09 22.15 19.59
N ASN H 59 2.66 21.13 20.20
CA ASN H 59 2.91 21.12 21.63
C ASN H 59 4.36 21.52 21.93
N TYR H 60 4.54 22.32 22.98
CA TYR H 60 5.88 22.77 23.38
C TYR H 60 6.16 22.49 24.85
N MET H 61 7.45 22.46 25.19
CA MET H 61 7.83 22.27 26.56
C MET H 61 7.44 23.62 27.14
N PRO H 62 6.66 23.64 28.23
CA PRO H 62 6.21 24.88 28.86
C PRO H 62 7.13 26.10 28.78
N SER H 63 8.39 25.91 29.09
CA SER H 63 9.33 27.02 29.08
C SER H 63 9.57 27.68 27.71
N LEU H 64 9.87 26.84 26.73
CA LEU H 64 10.17 27.28 25.36
C LEU H 64 8.96 27.70 24.52
N LYS H 65 7.79 27.66 25.16
CA LYS H 65 6.51 28.05 24.56
C LYS H 65 6.65 29.04 23.38
N ASP H 66 7.17 30.23 23.68
CA ASP H 66 7.37 31.34 22.72
C ASP H 66 8.80 31.44 22.18
N LYS H 67 9.74 31.05 23.01
CA LYS H 67 11.15 31.06 22.64
C LYS H 67 11.37 30.27 21.35
N PHE H 68 10.72 29.12 21.24
CA PHE H 68 10.88 28.29 20.05
C PHE H 68 9.66 28.20 19.15
N ILE H 69 9.88 27.78 17.91
CA ILE H 69 8.80 27.65 16.95
C ILE H 69 9.03 26.48 16.02
N ILE H 70 8.17 25.47 16.13
CA ILE H 70 8.26 24.29 15.28
C ILE H 70 7.32 24.43 14.09
N SER H 71 7.75 23.92 12.94
CA SER H 71 6.95 23.96 11.73
C SER H 71 7.44 22.87 10.80
N ARG H 72 6.70 22.64 9.74
CA ARG H 72 7.06 21.60 8.79
C ARG H 72 6.56 21.93 7.40
N ASP H 73 7.13 21.26 6.42
CA ASP H 73 6.75 21.44 5.03
C ASP H 73 6.63 20.06 4.47
N ASN H 74 5.42 19.50 4.53
CA ASN H 74 5.20 18.15 4.07
C ASN H 74 5.60 17.95 2.61
N ALA H 75 5.56 19.03 1.84
CA ALA H 75 5.92 18.99 0.43
C ALA H 75 7.40 18.65 0.25
N LYS H 76 8.23 19.20 1.14
CA LYS H 76 9.66 18.98 1.08
C LYS H 76 10.19 18.03 2.16
N ASN H 77 9.31 17.25 2.79
CA ASN H 77 9.72 16.31 3.84
C ASN H 77 10.70 16.95 4.81
N SER H 78 10.34 18.11 5.33
CA SER H 78 11.24 18.81 6.22
C SER H 78 10.57 19.28 7.50
N LEU H 79 11.39 19.41 8.55
CA LEU H 79 10.94 19.85 9.86
C LEU H 79 11.84 21.00 10.29
N TYR H 80 11.25 22.05 10.82
CA TYR H 80 12.03 23.20 11.24
C TYR H 80 11.87 23.55 12.70
N LEU H 81 12.91 24.14 13.25
CA LEU H 81 12.93 24.57 14.63
C LEU H 81 13.55 25.95 14.66
N GLN H 82 12.75 26.95 15.00
CA GLN H 82 13.25 28.32 15.06
C GLN H 82 13.59 28.68 16.51
N LEU H 83 14.88 28.84 16.77
CA LEU H 83 15.34 29.19 18.11
C LEU H 83 15.49 30.70 18.20
N SER H 84 15.23 31.25 19.39
CA SER H 84 15.37 32.68 19.57
C SER H 84 15.77 33.00 21.00
N ARG H 85 16.26 34.22 21.22
CA ARG H 85 16.68 34.64 22.54
C ARG H 85 17.65 33.62 23.13
N LEU H 86 18.56 33.16 22.30
CA LEU H 86 19.54 32.16 22.70
C LEU H 86 20.42 32.48 23.90
N ARG H 87 20.40 31.58 24.87
CA ARG H 87 21.21 31.71 26.08
C ARG H 87 22.14 30.51 26.07
N SER H 88 23.22 30.57 26.85
CA SER H 88 24.17 29.46 26.87
C SER H 88 23.48 28.16 27.22
N GLU H 89 22.40 28.22 28.00
CA GLU H 89 21.69 26.99 28.36
C GLU H 89 21.07 26.30 27.15
N ASP H 90 20.99 27.01 26.01
CA ASP H 90 20.45 26.42 24.80
C ASP H 90 21.53 25.70 23.99
N SER H 91 22.76 25.76 24.49
CA SER H 91 23.86 25.05 23.84
C SER H 91 23.56 23.56 24.05
N ALA H 92 23.41 22.83 22.96
CA ALA H 92 23.12 21.41 23.02
C ALA H 92 23.05 20.75 21.65
N LEU H 93 22.89 19.43 21.65
CA LEU H 93 22.76 18.69 20.40
C LEU H 93 21.26 18.64 20.18
N TYR H 94 20.80 19.14 19.04
CA TYR H 94 19.38 19.13 18.74
C TYR H 94 19.00 17.98 17.84
N TYR H 95 18.12 17.11 18.34
CA TYR H 95 17.72 15.94 17.56
C TYR H 95 16.34 16.07 16.95
N CYS H 96 16.26 15.53 15.75
CA CYS H 96 15.06 15.50 14.95
C CYS H 96 14.51 14.09 15.17
N VAL H 97 13.29 13.97 15.69
CA VAL H 97 12.73 12.65 15.97
C VAL H 97 11.35 12.37 15.41
N ARG H 98 11.16 11.16 14.88
CA ARG H 98 9.83 10.80 14.38
C ARG H 98 9.07 10.18 15.52
N LEU H 99 7.82 10.58 15.65
CA LEU H 99 6.95 10.09 16.71
C LEU H 99 5.84 9.21 16.17
N ASP H 100 5.85 7.96 16.58
CA ASP H 100 4.82 7.02 16.19
C ASP H 100 3.64 7.32 17.13
N PHE H 101 2.60 7.94 16.63
CA PHE H 101 1.45 8.35 17.44
C PHE H 101 0.27 7.39 17.26
N ASP H 102 -0.16 6.73 18.33
CA ASP H 102 -1.29 5.80 18.27
C ASP H 102 -2.24 6.05 19.43
N VAL H 103 -3.24 6.89 19.19
CA VAL H 103 -4.19 7.25 20.24
C VAL H 103 -5.15 6.12 20.63
N TYR H 104 -5.31 5.14 19.75
CA TYR H 104 -6.21 4.03 20.05
C TYR H 104 -5.67 3.19 21.19
N ASN H 105 -4.45 2.68 21.01
CA ASN H 105 -3.82 1.86 22.02
C ASN H 105 -3.06 2.72 23.03
N HIS H 106 -3.17 4.03 22.86
CA HIS H 106 -2.47 4.96 23.73
C HIS H 106 -1.01 4.58 23.76
N TYR H 107 -0.46 4.48 22.56
CA TYR H 107 0.92 4.08 22.35
C TYR H 107 1.62 5.19 21.60
N TYR H 108 2.59 5.82 22.24
CA TYR H 108 3.33 6.92 21.63
C TYR H 108 4.81 6.65 21.82
N VAL H 109 5.52 6.39 20.72
CA VAL H 109 6.94 6.10 20.81
C VAL H 109 7.79 6.95 19.87
N LEU H 110 8.93 7.41 20.36
CA LEU H 110 9.84 8.18 19.53
C LEU H 110 10.72 7.13 18.85
N ASP H 111 10.23 6.57 17.74
CA ASP H 111 10.98 5.51 17.06
C ASP H 111 12.35 5.86 16.47
N TYR H 112 12.39 6.63 15.39
CA TYR H 112 13.65 6.97 14.75
C TYR H 112 14.15 8.35 15.12
N TRP H 113 15.45 8.44 15.35
CA TRP H 113 16.11 9.68 15.75
C TRP H 113 17.23 10.02 14.78
N GLY H 114 17.43 11.31 14.54
CA GLY H 114 18.52 11.71 13.69
C GLY H 114 19.73 11.71 14.63
N GLN H 115 20.93 11.95 14.12
CA GLN H 115 22.09 11.98 14.99
C GLN H 115 22.30 13.37 15.60
N GLY H 116 21.40 14.28 15.26
CA GLY H 116 21.44 15.63 15.78
C GLY H 116 22.42 16.60 15.15
N THR H 117 22.22 17.87 15.45
CA THR H 117 23.07 18.94 14.97
C THR H 117 23.48 19.77 16.18
N SER H 118 24.79 19.95 16.35
CA SER H 118 25.34 20.69 17.48
C SER H 118 25.12 22.21 17.42
N VAL H 119 24.74 22.80 18.54
CA VAL H 119 24.50 24.24 18.65
C VAL H 119 25.15 24.82 19.89
N THR H 120 25.99 25.84 19.73
CA THR H 120 26.63 26.48 20.89
C THR H 120 26.28 27.96 20.97
N VAL H 121 25.88 28.41 22.16
CA VAL H 121 25.55 29.80 22.36
C VAL H 121 26.64 30.43 23.21
N SER H 122 27.49 31.24 22.59
CA SER H 122 28.58 31.88 23.32
C SER H 122 28.98 33.15 22.61
N SER H 123 29.73 33.99 23.30
CA SER H 123 30.19 35.24 22.70
C SER H 123 31.60 35.01 22.22
N ALA H 124 32.15 33.84 22.53
CA ALA H 124 33.50 33.47 22.09
C ALA H 124 33.48 33.31 20.58
N SER H 125 34.64 33.16 19.99
CA SER H 125 34.74 33.00 18.55
C SER H 125 35.21 31.62 18.13
N THR H 126 34.91 31.25 16.88
CA THR H 126 35.32 29.98 16.33
C THR H 126 36.84 29.99 16.20
N LYS H 127 37.48 28.97 16.75
CA LYS H 127 38.93 28.86 16.67
C LYS H 127 39.26 27.50 16.10
N GLY H 128 40.13 27.46 15.10
CA GLY H 128 40.51 26.19 14.51
C GLY H 128 41.44 25.38 15.40
N PRO H 129 41.36 24.05 15.34
CA PRO H 129 42.20 23.17 16.14
C PRO H 129 43.64 23.12 15.67
N SER H 130 44.56 22.85 16.58
CA SER H 130 45.96 22.70 16.20
C SER H 130 46.18 21.21 16.32
N VAL H 131 46.63 20.58 15.25
CA VAL H 131 46.82 19.14 15.28
C VAL H 131 48.26 18.73 15.47
N PHE H 132 48.52 18.07 16.59
CA PHE H 132 49.87 17.60 16.92
C PHE H 132 49.94 16.09 16.85
N PRO H 133 51.10 15.57 16.46
CA PRO H 133 51.29 14.13 16.34
C PRO H 133 51.71 13.44 17.62
N LEU H 134 51.09 12.29 17.89
CA LEU H 134 51.43 11.47 19.05
C LEU H 134 52.25 10.33 18.47
N ALA H 135 53.53 10.59 18.23
CA ALA H 135 54.48 9.66 17.62
C ALA H 135 54.55 8.27 18.23
N PRO H 136 54.71 7.24 17.37
CA PRO H 136 54.80 5.84 17.81
C PRO H 136 56.06 5.69 18.63
N SER H 137 55.92 5.47 19.93
CA SER H 137 57.08 5.31 20.80
C SER H 137 57.57 3.86 20.75
N SER H 138 57.52 3.28 19.56
CA SER H 138 57.92 1.89 19.37
C SER H 138 58.59 1.65 18.01
N LYS H 139 59.69 0.89 18.01
CA LYS H 139 60.42 0.59 16.77
C LYS H 139 59.74 -0.52 15.96
N SER H 140 60.03 -0.56 14.65
CA SER H 140 59.49 -1.59 13.77
C SER H 140 60.34 -2.85 13.88
N THR H 141 61.36 -2.76 14.74
CA THR H 141 62.30 -3.84 15.01
C THR H 141 61.85 -4.66 16.23
N SER H 142 61.05 -4.04 17.09
CA SER H 142 60.56 -4.72 18.29
C SER H 142 59.38 -5.65 18.03
N GLY H 143 58.76 -5.52 16.85
CA GLY H 143 57.63 -6.37 16.51
C GLY H 143 56.39 -6.14 17.36
N GLY H 144 55.28 -6.77 16.99
CA GLY H 144 54.06 -6.61 17.74
C GLY H 144 53.32 -5.35 17.35
N THR H 145 52.58 -4.79 18.31
CA THR H 145 51.79 -3.57 18.06
C THR H 145 52.20 -2.34 18.88
N ALA H 146 52.23 -1.21 18.18
CA ALA H 146 52.57 0.08 18.76
C ALA H 146 51.35 0.99 18.69
N ALA H 147 51.35 2.06 19.48
CA ALA H 147 50.23 3.01 19.48
C ALA H 147 50.69 4.38 19.02
N LEU H 148 49.85 5.02 18.22
CA LEU H 148 50.14 6.35 17.69
C LEU H 148 48.83 7.09 17.55
N GLY H 149 48.90 8.40 17.32
CA GLY H 149 47.67 9.15 17.19
C GLY H 149 47.85 10.63 16.95
N CYS H 150 46.75 11.37 17.13
CA CYS H 150 46.74 12.81 16.95
C CYS H 150 46.12 13.53 18.12
N LEU H 151 46.73 14.65 18.48
CA LEU H 151 46.21 15.49 19.55
C LEU H 151 45.62 16.72 18.87
N VAL H 152 44.30 16.84 18.93
CA VAL H 152 43.61 17.98 18.35
C VAL H 152 43.27 18.92 19.50
N LYS H 153 44.09 19.95 19.67
CA LYS H 153 43.85 20.86 20.78
C LYS H 153 43.55 22.32 20.49
N ASP H 154 42.91 22.94 21.48
CA ASP H 154 42.50 24.36 21.46
C ASP H 154 41.63 24.81 20.30
N TYR H 155 40.41 24.28 20.22
CA TYR H 155 39.48 24.67 19.17
C TYR H 155 38.14 25.01 19.80
N PHE H 156 37.28 25.69 19.05
CA PHE H 156 35.98 26.06 19.56
C PHE H 156 35.10 26.52 18.40
N PRO H 157 33.82 26.12 18.40
CA PRO H 157 33.22 25.25 19.42
C PRO H 157 33.25 23.80 18.92
N GLU H 158 32.56 22.92 19.64
CA GLU H 158 32.46 21.54 19.22
C GLU H 158 31.63 21.60 17.93
N PRO H 159 31.74 20.59 17.05
CA PRO H 159 32.60 19.41 17.22
C PRO H 159 33.65 19.31 16.13
N VAL H 160 34.61 18.39 16.33
CA VAL H 160 35.64 18.14 15.33
C VAL H 160 35.43 16.69 14.99
N THR H 161 35.79 16.31 13.78
CA THR H 161 35.65 14.91 13.38
C THR H 161 37.02 14.44 12.94
N VAL H 162 37.39 13.25 13.38
CA VAL H 162 38.70 12.71 13.03
C VAL H 162 38.62 11.33 12.41
N SER H 163 39.34 11.12 11.33
CA SER H 163 39.36 9.82 10.69
C SER H 163 40.80 9.54 10.37
N TRP H 164 41.10 8.29 10.02
CA TRP H 164 42.47 7.91 9.70
C TRP H 164 42.56 7.39 8.26
N ASN H 165 43.53 7.90 7.52
CA ASN H 165 43.73 7.52 6.12
C ASN H 165 42.41 7.58 5.38
N SER H 166 41.78 8.75 5.48
CA SER H 166 40.51 9.03 4.84
C SER H 166 39.44 7.98 5.02
N GLY H 167 39.47 7.27 6.15
CA GLY H 167 38.45 6.26 6.42
C GLY H 167 38.92 4.83 6.23
N ALA H 168 40.02 4.66 5.49
CA ALA H 168 40.56 3.36 5.22
C ALA H 168 40.91 2.62 6.50
N LEU H 169 41.43 3.35 7.48
CA LEU H 169 41.79 2.74 8.76
C LEU H 169 40.76 3.07 9.82
N THR H 170 40.12 2.05 10.37
CA THR H 170 39.10 2.28 11.39
C THR H 170 39.27 1.29 12.54
N SER H 171 39.99 0.21 12.27
CA SER H 171 40.23 -0.84 13.26
C SER H 171 41.35 -0.46 14.22
N GLY H 172 41.01 -0.43 15.51
CA GLY H 172 42.00 -0.08 16.52
C GLY H 172 42.00 1.39 16.85
N VAL H 173 41.10 2.13 16.19
CA VAL H 173 41.02 3.56 16.41
C VAL H 173 40.15 3.92 17.59
N HIS H 174 40.65 4.84 18.40
CA HIS H 174 39.94 5.32 19.57
C HIS H 174 39.99 6.84 19.60
N THR H 175 38.86 7.47 19.32
CA THR H 175 38.78 8.92 19.36
C THR H 175 38.03 9.31 20.62
N PHE H 176 38.75 9.82 21.60
CA PHE H 176 38.16 10.20 22.87
C PHE H 176 37.24 11.38 22.80
N PRO H 177 36.31 11.47 23.75
CA PRO H 177 35.41 12.61 23.73
C PRO H 177 36.22 13.86 24.08
N ALA H 178 35.89 14.98 23.45
CA ALA H 178 36.63 16.20 23.70
C ALA H 178 36.47 16.65 25.14
N VAL H 179 37.48 17.34 25.66
CA VAL H 179 37.36 17.84 27.02
C VAL H 179 37.45 19.38 26.98
N LEU H 180 36.76 20.01 27.92
CA LEU H 180 36.77 21.46 27.96
C LEU H 180 37.90 21.90 28.87
N GLN H 181 38.89 22.55 28.28
CA GLN H 181 40.03 23.07 29.01
C GLN H 181 39.63 24.33 29.77
N SER H 182 40.39 24.65 30.80
CA SER H 182 40.09 25.84 31.58
C SER H 182 40.06 27.05 30.68
N SER H 183 40.90 27.04 29.65
CA SER H 183 40.98 28.14 28.70
C SER H 183 39.67 28.33 27.96
N GLY H 184 38.70 27.46 28.19
CA GLY H 184 37.43 27.59 27.49
C GLY H 184 37.49 26.99 26.10
N LEU H 185 38.63 26.40 25.76
CA LEU H 185 38.78 25.75 24.46
C LEU H 185 38.70 24.24 24.60
N TYR H 186 38.26 23.59 23.54
CA TYR H 186 38.14 22.15 23.55
C TYR H 186 39.40 21.50 23.05
N SER H 187 39.57 20.24 23.38
CA SER H 187 40.73 19.50 22.97
C SER H 187 40.44 18.01 23.09
N LEU H 188 41.02 17.20 22.21
CA LEU H 188 40.80 15.75 22.26
C LEU H 188 41.91 15.00 21.55
N SER H 189 41.99 13.71 21.80
CA SER H 189 42.99 12.86 21.16
C SER H 189 42.33 11.71 20.42
N SER H 190 43.04 11.20 19.44
CA SER H 190 42.56 10.07 18.67
C SER H 190 43.78 9.20 18.48
N VAL H 191 43.71 7.99 18.99
CA VAL H 191 44.81 7.07 18.86
C VAL H 191 44.41 5.84 18.06
N VAL H 192 45.40 5.07 17.65
CA VAL H 192 45.15 3.85 16.90
C VAL H 192 46.36 2.95 17.01
N THR H 193 46.12 1.68 17.29
CA THR H 193 47.19 0.70 17.41
C THR H 193 47.44 -0.03 16.08
N VAL H 194 48.71 -0.31 15.78
CA VAL H 194 49.06 -0.98 14.52
C VAL H 194 50.29 -1.89 14.66
N PRO H 195 50.65 -2.62 13.58
CA PRO H 195 51.81 -3.51 13.62
C PRO H 195 53.09 -2.70 13.62
N SER H 196 53.92 -2.94 14.64
CA SER H 196 55.19 -2.24 14.78
C SER H 196 55.92 -2.21 13.44
N SER H 197 55.93 -3.35 12.76
CA SER H 197 56.58 -3.48 11.47
C SER H 197 56.17 -2.39 10.47
N SER H 198 54.86 -2.24 10.27
CA SER H 198 54.34 -1.25 9.33
C SER H 198 54.95 0.13 9.45
N LEU H 199 55.29 0.51 10.68
CA LEU H 199 55.84 1.83 10.97
C LEU H 199 56.70 2.51 9.90
N GLY H 200 57.58 1.77 9.25
CA GLY H 200 58.40 2.38 8.22
C GLY H 200 57.89 2.25 6.77
N THR H 201 56.67 1.78 6.58
CA THR H 201 56.12 1.59 5.23
C THR H 201 54.68 2.06 5.05
N GLN H 202 53.87 1.85 6.07
CA GLN H 202 52.47 2.27 6.01
C GLN H 202 52.41 3.70 6.51
N THR H 203 51.83 4.57 5.70
CA THR H 203 51.69 5.97 6.08
C THR H 203 50.40 6.15 6.85
N TYR H 204 50.52 6.63 8.09
CA TYR H 204 49.39 6.87 8.96
C TYR H 204 49.07 8.37 9.00
N ILE H 205 47.88 8.71 8.53
CA ILE H 205 47.44 10.09 8.47
C ILE H 205 46.10 10.25 9.16
N CYS H 206 46.00 11.23 10.06
CA CYS H 206 44.74 11.48 10.72
C CYS H 206 44.12 12.68 10.03
N ASN H 207 42.84 12.58 9.69
CA ASN H 207 42.14 13.65 9.01
C ASN H 207 41.23 14.36 9.98
N VAL H 208 41.61 15.57 10.36
CA VAL H 208 40.85 16.36 11.29
C VAL H 208 39.99 17.36 10.55
N ASN H 209 38.76 17.54 10.99
CA ASN H 209 37.86 18.49 10.34
C ASN H 209 37.08 19.26 11.38
N HIS H 210 37.01 20.58 11.20
CA HIS H 210 36.30 21.45 12.11
C HIS H 210 35.49 22.49 11.32
N LYS H 211 34.26 22.12 10.95
CA LYS H 211 33.36 22.97 10.17
C LYS H 211 33.30 24.43 10.61
N PRO H 212 32.99 24.67 11.90
CA PRO H 212 32.90 26.02 12.44
C PRO H 212 33.99 26.99 12.01
N SER H 213 35.22 26.51 11.92
CA SER H 213 36.33 27.37 11.52
C SER H 213 36.79 26.98 10.13
N ASN H 214 35.98 26.17 9.45
CA ASN H 214 36.29 25.67 8.12
C ASN H 214 37.73 25.21 8.04
N THR H 215 38.12 24.46 9.06
CA THR H 215 39.46 23.93 9.11
C THR H 215 39.47 22.47 8.69
N LYS H 216 40.51 22.10 7.96
CA LYS H 216 40.65 20.73 7.51
C LYS H 216 42.14 20.47 7.56
N VAL H 217 42.55 19.53 8.39
CA VAL H 217 43.95 19.19 8.54
C VAL H 217 44.22 17.70 8.40
N ASP H 218 45.31 17.38 7.71
CA ASP H 218 45.73 16.00 7.51
C ASP H 218 47.16 15.94 8.03
N LYS H 219 47.31 15.42 9.24
CA LYS H 219 48.63 15.33 9.84
C LYS H 219 49.14 13.91 9.70
N LYS H 220 50.36 13.77 9.19
CA LYS H 220 50.96 12.47 9.00
C LYS H 220 51.82 12.16 10.23
N VAL H 221 51.44 11.14 10.99
CA VAL H 221 52.17 10.78 12.19
C VAL H 221 53.26 9.75 11.88
N GLU H 222 54.51 10.14 12.16
CA GLU H 222 55.66 9.28 11.91
C GLU H 222 56.45 9.03 13.18
N PRO H 223 57.30 7.99 13.19
CA PRO H 223 58.12 7.70 14.36
C PRO H 223 59.11 8.85 14.49
N LYS H 224 59.07 9.64 15.56
CA LYS H 224 60.01 10.76 15.65
C LYS H 224 61.44 10.28 15.46
N SER H 225 62.18 10.95 14.58
CA SER H 225 63.56 10.56 14.33
C SER H 225 64.48 11.02 15.46
N CYS H 226 65.53 10.23 15.69
CA CYS H 226 66.49 10.53 16.75
C CYS H 226 67.87 10.85 16.18
#